data_8U0I
# 
_entry.id   8U0I 
# 
_audit_conform.dict_name       mmcif_pdbx.dic 
_audit_conform.dict_version    5.395 
_audit_conform.dict_location   http://mmcif.pdb.org/dictionaries/ascii/mmcif_pdbx.dic 
# 
loop_
_database_2.database_id 
_database_2.database_code 
_database_2.pdbx_database_accession 
_database_2.pdbx_DOI 
PDB   8U0I         pdb_00008u0i 10.2210/pdb8u0i/pdb 
WWPDB D_1000276175 ?            ?                   
# 
_pdbx_audit_revision_history.ordinal             1 
_pdbx_audit_revision_history.data_content_type   'Structure model' 
_pdbx_audit_revision_history.major_revision      1 
_pdbx_audit_revision_history.minor_revision      0 
_pdbx_audit_revision_history.revision_date       2024-09-04 
# 
_pdbx_audit_revision_details.ordinal             1 
_pdbx_audit_revision_details.revision_ordinal    1 
_pdbx_audit_revision_details.data_content_type   'Structure model' 
_pdbx_audit_revision_details.provider            repository 
_pdbx_audit_revision_details.type                'Initial release' 
_pdbx_audit_revision_details.description         ? 
_pdbx_audit_revision_details.details             ? 
# 
_pdbx_database_status.status_code                     REL 
_pdbx_database_status.status_code_sf                  REL 
_pdbx_database_status.status_code_mr                  ? 
_pdbx_database_status.entry_id                        8U0I 
_pdbx_database_status.recvd_initial_deposition_date   2023-08-29 
_pdbx_database_status.SG_entry                        N 
_pdbx_database_status.deposit_site                    RCSB 
_pdbx_database_status.process_site                    RCSB 
_pdbx_database_status.status_code_cs                  ? 
_pdbx_database_status.status_code_nmr_data            ? 
_pdbx_database_status.methods_development_category    ? 
_pdbx_database_status.pdb_format_compatible           Y 
# 
_pdbx_contact_author.id                 2 
_pdbx_contact_author.email              ernesto-fuentes@uiowa.edu 
_pdbx_contact_author.name_first         Ernesto 
_pdbx_contact_author.name_last          Fuentes 
_pdbx_contact_author.name_mi            J 
_pdbx_contact_author.role               'principal investigator/group leader' 
_pdbx_contact_author.identifier_ORCID   0000-0001-5812-8187 
# 
loop_
_audit_author.name 
_audit_author.pdbx_ordinal 
_audit_author.identifier_ORCID 
'Hammons, N.A.'   1 0000-0001-5112-9072 
'Schnicker, N.J.' 2 0000-0002-5189-4943 
'Fuentes, E.J.'   3 0000-0001-5812-8187 
# 
_citation.abstract                  ? 
_citation.abstract_id_CAS           ? 
_citation.book_id_ISBN              ? 
_citation.book_publisher            ? 
_citation.book_publisher_city       ? 
_citation.book_title                ? 
_citation.coordinate_linkage        ? 
_citation.country                   ? 
_citation.database_id_Medline       ? 
_citation.details                   ? 
_citation.id                        primary 
_citation.journal_abbrev            'To Be Published' 
_citation.journal_id_ASTM           ? 
_citation.journal_id_CSD            0353 
_citation.journal_id_ISSN           ? 
_citation.journal_full              ? 
_citation.journal_issue             ? 
_citation.journal_volume            ? 
_citation.language                  ? 
_citation.page_first                ? 
_citation.page_last                 ? 
_citation.title                     'Crystal structure of PA0012 complexed with cyclic-di-GMP from Pseudomonas aeruginosa' 
_citation.year                      ? 
_citation.database_id_CSD           ? 
_citation.pdbx_database_id_DOI      ? 
_citation.pdbx_database_id_PubMed   ? 
_citation.pdbx_database_id_patent   ? 
_citation.unpublished_flag          ? 
# 
loop_
_citation_author.citation_id 
_citation_author.name 
_citation_author.ordinal 
_citation_author.identifier_ORCID 
primary 'Hammons, N.A.'   1 0000-0001-5112-9072 
primary 'Schnicker, N.J.' 2 0000-0002-5189-4943 
primary 'Fuentes, E.J.'   3 0000-0001-5812-8187 
# 
loop_
_entity.id 
_entity.type 
_entity.src_method 
_entity.pdbx_description 
_entity.formula_weight 
_entity.pdbx_number_of_molecules 
_entity.pdbx_ec 
_entity.pdbx_mutation 
_entity.pdbx_fragment 
_entity.details 
1 polymer     man 'PilZ domain-containing protein' 9969.399 1  ? ? ? ? 
2 non-polymer syn 
;9,9'-[(2R,3R,3aS,5S,7aR,9R,10R,10aS,12S,14aR)-3,5,10,12-tetrahydroxy-5,12-dioxidooctahydro-2H,7H-difuro[3,2-d:3',2'-j][1,3,7,9,2,8]tetraoxadiphosphacyclododecine-2,9-diyl]bis(2-amino-1,9-dihydro-6H-purin-6-one)
;
690.411  2  ? ? ? ? 
3 non-polymer syn GLYCEROL 92.094   3  ? ? ? ? 
4 water       nat water 18.015   91 ? ? ? ? 
# 
_entity_poly.entity_id                      1 
_entity_poly.type                           'polypeptide(L)' 
_entity_poly.nstd_linkage                   no 
_entity_poly.nstd_monomer                   no 
_entity_poly.pdbx_seq_one_letter_code       
;GAMDNQRQYPRTPLKCRIRISHPLFGELMAQTRDLSDTGVYVKHPDLTQLPTGSVVTGQVQDLPIDAPILQMEVVRVDAE
GVGLRFLSEA
;
_entity_poly.pdbx_seq_one_letter_code_can   
;GAMDNQRQYPRTPLKCRIRISHPLFGELMAQTRDLSDTGVYVKHPDLTQLPTGSVVTGQVQDLPIDAPILQMEVVRVDAE
GVGLRFLSEA
;
_entity_poly.pdbx_strand_id                 A 
_entity_poly.pdbx_target_identifier         ? 
# 
loop_
_pdbx_entity_nonpoly.entity_id 
_pdbx_entity_nonpoly.name 
_pdbx_entity_nonpoly.comp_id 
2 
;9,9'-[(2R,3R,3aS,5S,7aR,9R,10R,10aS,12S,14aR)-3,5,10,12-tetrahydroxy-5,12-dioxidooctahydro-2H,7H-difuro[3,2-d:3',2'-j][1,3,7,9,2,8]tetraoxadiphosphacyclododecine-2,9-diyl]bis(2-amino-1,9-dihydro-6H-purin-6-one)
;
C2E 
3 GLYCEROL GOL 
4 water HOH 
# 
loop_
_entity_poly_seq.entity_id 
_entity_poly_seq.num 
_entity_poly_seq.mon_id 
_entity_poly_seq.hetero 
1 1  GLY n 
1 2  ALA n 
1 3  MET n 
1 4  ASP n 
1 5  ASN n 
1 6  GLN n 
1 7  ARG n 
1 8  GLN n 
1 9  TYR n 
1 10 PRO n 
1 11 ARG n 
1 12 THR n 
1 13 PRO n 
1 14 LEU n 
1 15 LYS n 
1 16 CYS n 
1 17 ARG n 
1 18 ILE n 
1 19 ARG n 
1 20 ILE n 
1 21 SER n 
1 22 HIS n 
1 23 PRO n 
1 24 LEU n 
1 25 PHE n 
1 26 GLY n 
1 27 GLU n 
1 28 LEU n 
1 29 MET n 
1 30 ALA n 
1 31 GLN n 
1 32 THR n 
1 33 ARG n 
1 34 ASP n 
1 35 LEU n 
1 36 SER n 
1 37 ASP n 
1 38 THR n 
1 39 GLY n 
1 40 VAL n 
1 41 TYR n 
1 42 VAL n 
1 43 LYS n 
1 44 HIS n 
1 45 PRO n 
1 46 ASP n 
1 47 LEU n 
1 48 THR n 
1 49 GLN n 
1 50 LEU n 
1 51 PRO n 
1 52 THR n 
1 53 GLY n 
1 54 SER n 
1 55 VAL n 
1 56 VAL n 
1 57 THR n 
1 58 GLY n 
1 59 GLN n 
1 60 VAL n 
1 61 GLN n 
1 62 ASP n 
1 63 LEU n 
1 64 PRO n 
1 65 ILE n 
1 66 ASP n 
1 67 ALA n 
1 68 PRO n 
1 69 ILE n 
1 70 LEU n 
1 71 GLN n 
1 72 MET n 
1 73 GLU n 
1 74 VAL n 
1 75 VAL n 
1 76 ARG n 
1 77 VAL n 
1 78 ASP n 
1 79 ALA n 
1 80 GLU n 
1 81 GLY n 
1 82 VAL n 
1 83 GLY n 
1 84 LEU n 
1 85 ARG n 
1 86 PHE n 
1 87 LEU n 
1 88 SER n 
1 89 GLU n 
1 90 ALA n 
# 
_entity_src_gen.entity_id                          1 
_entity_src_gen.pdbx_src_id                        1 
_entity_src_gen.pdbx_alt_source_flag               sample 
_entity_src_gen.pdbx_seq_type                      'Biological sequence' 
_entity_src_gen.pdbx_beg_seq_num                   1 
_entity_src_gen.pdbx_end_seq_num                   90 
_entity_src_gen.gene_src_common_name               ? 
_entity_src_gen.gene_src_genus                     ? 
_entity_src_gen.pdbx_gene_src_gene                 PA0012 
_entity_src_gen.gene_src_species                   ? 
_entity_src_gen.gene_src_strain                    ? 
_entity_src_gen.gene_src_tissue                    ? 
_entity_src_gen.gene_src_tissue_fraction           ? 
_entity_src_gen.gene_src_details                   ? 
_entity_src_gen.pdbx_gene_src_fragment             ? 
_entity_src_gen.pdbx_gene_src_scientific_name      'Pseudomonas aeruginosa PA14' 
_entity_src_gen.pdbx_gene_src_ncbi_taxonomy_id     652611 
_entity_src_gen.pdbx_gene_src_variant              ? 
_entity_src_gen.pdbx_gene_src_cell_line            ? 
_entity_src_gen.pdbx_gene_src_atcc                 ? 
_entity_src_gen.pdbx_gene_src_organ                ? 
_entity_src_gen.pdbx_gene_src_organelle            ? 
_entity_src_gen.pdbx_gene_src_cell                 ? 
_entity_src_gen.pdbx_gene_src_cellular_location    ? 
_entity_src_gen.host_org_common_name               ? 
_entity_src_gen.pdbx_host_org_scientific_name      'Escherichia coli BL21(DE3)' 
_entity_src_gen.pdbx_host_org_ncbi_taxonomy_id     469008 
_entity_src_gen.host_org_genus                     ? 
_entity_src_gen.pdbx_host_org_gene                 ? 
_entity_src_gen.pdbx_host_org_organ                ? 
_entity_src_gen.host_org_species                   ? 
_entity_src_gen.pdbx_host_org_tissue               ? 
_entity_src_gen.pdbx_host_org_tissue_fraction      ? 
_entity_src_gen.pdbx_host_org_strain               K-12 
_entity_src_gen.pdbx_host_org_variant              ? 
_entity_src_gen.pdbx_host_org_cell_line            ? 
_entity_src_gen.pdbx_host_org_atcc                 ? 
_entity_src_gen.pdbx_host_org_culture_collection   ? 
_entity_src_gen.pdbx_host_org_cell                 ? 
_entity_src_gen.pdbx_host_org_organelle            ? 
_entity_src_gen.pdbx_host_org_cellular_location    ? 
_entity_src_gen.pdbx_host_org_vector_type          ? 
_entity_src_gen.pdbx_host_org_vector               ? 
_entity_src_gen.host_org_details                   'Modified with an N-terminal cleavable hexa-His tag' 
_entity_src_gen.expression_system_id               ? 
_entity_src_gen.plasmid_name                       pET21a 
_entity_src_gen.plasmid_details                    ? 
_entity_src_gen.pdbx_description                   ? 
# 
loop_
_chem_comp.id 
_chem_comp.type 
_chem_comp.mon_nstd_flag 
_chem_comp.name 
_chem_comp.pdbx_synonyms 
_chem_comp.formula 
_chem_comp.formula_weight 
ALA 'L-peptide linking' y ALANINE ?                                            'C3 H7 N O2'         89.093  
ARG 'L-peptide linking' y ARGININE ?                                            'C6 H15 N4 O2 1'     175.209 
ASN 'L-peptide linking' y ASPARAGINE ?                                            'C4 H8 N2 O3'        132.118 
ASP 'L-peptide linking' y 'ASPARTIC ACID' ?                                            'C4 H7 N O4'         133.103 
C2E non-polymer         . 
;9,9'-[(2R,3R,3aS,5S,7aR,9R,10R,10aS,12S,14aR)-3,5,10,12-tetrahydroxy-5,12-dioxidooctahydro-2H,7H-difuro[3,2-d:3',2'-j][1,3,7,9,2,8]tetraoxadiphosphacyclododecine-2,9-diyl]bis(2-amino-1,9-dihydro-6H-purin-6-one)
;
'c-di-GMP; Cyclic diguanosine monophosphate' 'C20 H24 N10 O14 P2' 690.411 
CYS 'L-peptide linking' y CYSTEINE ?                                            'C3 H7 N O2 S'       121.158 
GLN 'L-peptide linking' y GLUTAMINE ?                                            'C5 H10 N2 O3'       146.144 
GLU 'L-peptide linking' y 'GLUTAMIC ACID' ?                                            'C5 H9 N O4'         147.129 
GLY 'peptide linking'   y GLYCINE ?                                            'C2 H5 N O2'         75.067  
GOL non-polymer         . GLYCEROL 'GLYCERIN; PROPANE-1,2,3-TRIOL'              'C3 H8 O3'           92.094  
HIS 'L-peptide linking' y HISTIDINE ?                                            'C6 H10 N3 O2 1'     156.162 
HOH non-polymer         . WATER ?                                            'H2 O'               18.015  
ILE 'L-peptide linking' y ISOLEUCINE ?                                            'C6 H13 N O2'        131.173 
LEU 'L-peptide linking' y LEUCINE ?                                            'C6 H13 N O2'        131.173 
LYS 'L-peptide linking' y LYSINE ?                                            'C6 H15 N2 O2 1'     147.195 
MET 'L-peptide linking' y METHIONINE ?                                            'C5 H11 N O2 S'      149.211 
PHE 'L-peptide linking' y PHENYLALANINE ?                                            'C9 H11 N O2'        165.189 
PRO 'L-peptide linking' y PROLINE ?                                            'C5 H9 N O2'         115.130 
SER 'L-peptide linking' y SERINE ?                                            'C3 H7 N O3'         105.093 
THR 'L-peptide linking' y THREONINE ?                                            'C4 H9 N O3'         119.119 
TYR 'L-peptide linking' y TYROSINE ?                                            'C9 H11 N O3'        181.189 
VAL 'L-peptide linking' y VALINE ?                                            'C5 H11 N O2'        117.146 
# 
loop_
_pdbx_poly_seq_scheme.asym_id 
_pdbx_poly_seq_scheme.entity_id 
_pdbx_poly_seq_scheme.seq_id 
_pdbx_poly_seq_scheme.mon_id 
_pdbx_poly_seq_scheme.ndb_seq_num 
_pdbx_poly_seq_scheme.pdb_seq_num 
_pdbx_poly_seq_scheme.auth_seq_num 
_pdbx_poly_seq_scheme.pdb_mon_id 
_pdbx_poly_seq_scheme.auth_mon_id 
_pdbx_poly_seq_scheme.pdb_strand_id 
_pdbx_poly_seq_scheme.pdb_ins_code 
_pdbx_poly_seq_scheme.hetero 
A 1 1  GLY 1  -1 ?  ?   ?   A . n 
A 1 2  ALA 2  0  ?  ?   ?   A . n 
A 1 3  MET 3  1  ?  ?   ?   A . n 
A 1 4  ASP 4  2  2  ASP ASP A . n 
A 1 5  ASN 5  3  3  ASN ASN A . n 
A 1 6  GLN 6  4  4  GLN GLN A . n 
A 1 7  ARG 7  5  5  ARG ARG A . n 
A 1 8  GLN 8  6  6  GLN GLN A . n 
A 1 9  TYR 9  7  7  TYR TYR A . n 
A 1 10 PRO 10 8  8  PRO PRO A . n 
A 1 11 ARG 11 9  9  ARG ARG A . n 
A 1 12 THR 12 10 10 THR THR A . n 
A 1 13 PRO 13 11 11 PRO PRO A . n 
A 1 14 LEU 14 12 12 LEU LEU A . n 
A 1 15 LYS 15 13 13 LYS LYS A . n 
A 1 16 CYS 16 14 14 CYS CYS A . n 
A 1 17 ARG 17 15 15 ARG ARG A . n 
A 1 18 ILE 18 16 16 ILE ILE A . n 
A 1 19 ARG 19 17 17 ARG ARG A . n 
A 1 20 ILE 20 18 18 ILE ILE A . n 
A 1 21 SER 21 19 19 SER SER A . n 
A 1 22 HIS 22 20 20 HIS HIS A . n 
A 1 23 PRO 23 21 21 PRO PRO A . n 
A 1 24 LEU 24 22 22 LEU LEU A . n 
A 1 25 PHE 25 23 23 PHE PHE A . n 
A 1 26 GLY 26 24 24 GLY GLY A . n 
A 1 27 GLU 27 25 25 GLU GLU A . n 
A 1 28 LEU 28 26 26 LEU LEU A . n 
A 1 29 MET 29 27 27 MET MET A . n 
A 1 30 ALA 30 28 28 ALA ALA A . n 
A 1 31 GLN 31 29 29 GLN GLN A . n 
A 1 32 THR 32 30 30 THR THR A . n 
A 1 33 ARG 33 31 31 ARG ARG A . n 
A 1 34 ASP 34 32 32 ASP ASP A . n 
A 1 35 LEU 35 33 33 LEU LEU A . n 
A 1 36 SER 36 34 34 SER SER A . n 
A 1 37 ASP 37 35 35 ASP ASP A . n 
A 1 38 THR 38 36 36 THR THR A . n 
A 1 39 GLY 39 37 37 GLY GLY A . n 
A 1 40 VAL 40 38 38 VAL VAL A . n 
A 1 41 TYR 41 39 39 TYR TYR A . n 
A 1 42 VAL 42 40 40 VAL VAL A . n 
A 1 43 LYS 43 41 41 LYS LYS A . n 
A 1 44 HIS 44 42 42 HIS HIS A . n 
A 1 45 PRO 45 43 43 PRO PRO A . n 
A 1 46 ASP 46 44 44 ASP ASP A . n 
A 1 47 LEU 47 45 45 LEU LEU A . n 
A 1 48 THR 48 46 46 THR THR A . n 
A 1 49 GLN 49 47 47 GLN GLN A . n 
A 1 50 LEU 50 48 48 LEU LEU A . n 
A 1 51 PRO 51 49 49 PRO PRO A . n 
A 1 52 THR 52 50 50 THR THR A . n 
A 1 53 GLY 53 51 51 GLY GLY A . n 
A 1 54 SER 54 52 52 SER SER A . n 
A 1 55 VAL 55 53 53 VAL VAL A . n 
A 1 56 VAL 56 54 54 VAL VAL A . n 
A 1 57 THR 57 55 55 THR THR A . n 
A 1 58 GLY 58 56 56 GLY GLY A . n 
A 1 59 GLN 59 57 57 GLN GLN A . n 
A 1 60 VAL 60 58 58 VAL VAL A . n 
A 1 61 GLN 61 59 59 GLN GLN A . n 
A 1 62 ASP 62 60 60 ASP ASP A . n 
A 1 63 LEU 63 61 61 LEU LEU A . n 
A 1 64 PRO 64 62 62 PRO PRO A . n 
A 1 65 ILE 65 63 63 ILE ILE A . n 
A 1 66 ASP 66 64 64 ASP ASP A . n 
A 1 67 ALA 67 65 65 ALA ALA A . n 
A 1 68 PRO 68 66 66 PRO PRO A . n 
A 1 69 ILE 69 67 67 ILE ILE A . n 
A 1 70 LEU 70 68 68 LEU LEU A . n 
A 1 71 GLN 71 69 69 GLN GLN A . n 
A 1 72 MET 72 70 70 MET MET A . n 
A 1 73 GLU 73 71 71 GLU GLU A . n 
A 1 74 VAL 74 72 72 VAL VAL A . n 
A 1 75 VAL 75 73 73 VAL VAL A . n 
A 1 76 ARG 76 74 74 ARG ARG A . n 
A 1 77 VAL 77 75 75 VAL VAL A . n 
A 1 78 ASP 78 76 76 ASP ASP A . n 
A 1 79 ALA 79 77 77 ALA ALA A . n 
A 1 80 GLU 80 78 78 GLU GLU A . n 
A 1 81 GLY 81 79 79 GLY GLY A . n 
A 1 82 VAL 82 80 80 VAL VAL A . n 
A 1 83 GLY 83 81 81 GLY GLY A . n 
A 1 84 LEU 84 82 82 LEU LEU A . n 
A 1 85 ARG 85 83 83 ARG ARG A . n 
A 1 86 PHE 86 84 84 PHE PHE A . n 
A 1 87 LEU 87 85 85 LEU LEU A . n 
A 1 88 SER 88 86 86 SER SER A . n 
A 1 89 GLU 89 87 87 GLU GLU A . n 
A 1 90 ALA 90 88 ?  ?   ?   A . n 
# 
_pdbx_entity_instance_feature.ordinal        1 
_pdbx_entity_instance_feature.comp_id        C2E 
_pdbx_entity_instance_feature.asym_id        ? 
_pdbx_entity_instance_feature.seq_num        ? 
_pdbx_entity_instance_feature.auth_comp_id   C2E 
_pdbx_entity_instance_feature.auth_asym_id   ? 
_pdbx_entity_instance_feature.auth_seq_num   ? 
_pdbx_entity_instance_feature.feature_type   'SUBJECT OF INVESTIGATION' 
_pdbx_entity_instance_feature.details        ? 
# 
loop_
_pdbx_nonpoly_scheme.asym_id 
_pdbx_nonpoly_scheme.entity_id 
_pdbx_nonpoly_scheme.mon_id 
_pdbx_nonpoly_scheme.ndb_seq_num 
_pdbx_nonpoly_scheme.pdb_seq_num 
_pdbx_nonpoly_scheme.auth_seq_num 
_pdbx_nonpoly_scheme.pdb_mon_id 
_pdbx_nonpoly_scheme.auth_mon_id 
_pdbx_nonpoly_scheme.pdb_strand_id 
_pdbx_nonpoly_scheme.pdb_ins_code 
B 2 C2E 1  101 1  C2E C2E A . 
C 2 C2E 1  102 2  C2E C2E A . 
D 3 GOL 1  103 1  GOL GOL A . 
E 3 GOL 1  104 2  GOL GOL A . 
F 3 GOL 1  105 3  GOL GOL A . 
G 4 HOH 1  201 73 HOH HOH A . 
G 4 HOH 2  202 32 HOH HOH A . 
G 4 HOH 3  203 83 HOH HOH A . 
G 4 HOH 4  204 85 HOH HOH A . 
G 4 HOH 5  205 4  HOH HOH A . 
G 4 HOH 6  206 24 HOH HOH A . 
G 4 HOH 7  207 48 HOH HOH A . 
G 4 HOH 8  208 63 HOH HOH A . 
G 4 HOH 9  209 41 HOH HOH A . 
G 4 HOH 10 210 29 HOH HOH A . 
G 4 HOH 11 211 33 HOH HOH A . 
G 4 HOH 12 212 15 HOH HOH A . 
G 4 HOH 13 213 71 HOH HOH A . 
G 4 HOH 14 214 11 HOH HOH A . 
G 4 HOH 15 215 89 HOH HOH A . 
G 4 HOH 16 216 18 HOH HOH A . 
G 4 HOH 17 217 19 HOH HOH A . 
G 4 HOH 18 218 12 HOH HOH A . 
G 4 HOH 19 219 49 HOH HOH A . 
G 4 HOH 20 220 21 HOH HOH A . 
G 4 HOH 21 221 5  HOH HOH A . 
G 4 HOH 22 222 13 HOH HOH A . 
G 4 HOH 23 223 64 HOH HOH A . 
G 4 HOH 24 224 82 HOH HOH A . 
G 4 HOH 25 225 54 HOH HOH A . 
G 4 HOH 26 226 2  HOH HOH A . 
G 4 HOH 27 227 9  HOH HOH A . 
G 4 HOH 28 228 22 HOH HOH A . 
G 4 HOH 29 229 14 HOH HOH A . 
G 4 HOH 30 230 86 HOH HOH A . 
G 4 HOH 31 231 20 HOH HOH A . 
G 4 HOH 32 232 7  HOH HOH A . 
G 4 HOH 33 233 69 HOH HOH A . 
G 4 HOH 34 234 70 HOH HOH A . 
G 4 HOH 35 235 62 HOH HOH A . 
G 4 HOH 36 236 6  HOH HOH A . 
G 4 HOH 37 237 44 HOH HOH A . 
G 4 HOH 38 238 17 HOH HOH A . 
G 4 HOH 39 239 25 HOH HOH A . 
G 4 HOH 40 240 34 HOH HOH A . 
G 4 HOH 41 241 42 HOH HOH A . 
G 4 HOH 42 242 77 HOH HOH A . 
G 4 HOH 43 243 39 HOH HOH A . 
G 4 HOH 44 244 76 HOH HOH A . 
G 4 HOH 45 245 27 HOH HOH A . 
G 4 HOH 46 246 91 HOH HOH A . 
G 4 HOH 47 247 1  HOH HOH A . 
G 4 HOH 48 248 16 HOH HOH A . 
G 4 HOH 49 249 3  HOH HOH A . 
G 4 HOH 50 250 75 HOH HOH A . 
G 4 HOH 51 251 26 HOH HOH A . 
G 4 HOH 52 252 46 HOH HOH A . 
G 4 HOH 53 253 84 HOH HOH A . 
G 4 HOH 54 254 8  HOH HOH A . 
G 4 HOH 55 255 35 HOH HOH A . 
G 4 HOH 56 256 65 HOH HOH A . 
G 4 HOH 57 257 30 HOH HOH A . 
G 4 HOH 58 258 88 HOH HOH A . 
G 4 HOH 59 259 55 HOH HOH A . 
G 4 HOH 60 260 47 HOH HOH A . 
G 4 HOH 61 261 38 HOH HOH A . 
G 4 HOH 62 262 10 HOH HOH A . 
G 4 HOH 63 263 37 HOH HOH A . 
G 4 HOH 64 264 40 HOH HOH A . 
G 4 HOH 65 265 36 HOH HOH A . 
G 4 HOH 66 266 51 HOH HOH A . 
G 4 HOH 67 267 90 HOH HOH A . 
G 4 HOH 68 268 59 HOH HOH A . 
G 4 HOH 69 269 56 HOH HOH A . 
G 4 HOH 70 270 87 HOH HOH A . 
G 4 HOH 71 271 23 HOH HOH A . 
G 4 HOH 72 272 61 HOH HOH A . 
G 4 HOH 73 273 74 HOH HOH A . 
G 4 HOH 74 274 72 HOH HOH A . 
G 4 HOH 75 275 57 HOH HOH A . 
G 4 HOH 76 276 50 HOH HOH A . 
G 4 HOH 77 277 66 HOH HOH A . 
G 4 HOH 78 278 80 HOH HOH A . 
G 4 HOH 79 279 52 HOH HOH A . 
G 4 HOH 80 280 31 HOH HOH A . 
G 4 HOH 81 281 58 HOH HOH A . 
G 4 HOH 82 282 79 HOH HOH A . 
G 4 HOH 83 283 68 HOH HOH A . 
G 4 HOH 84 284 43 HOH HOH A . 
G 4 HOH 85 285 60 HOH HOH A . 
G 4 HOH 86 286 81 HOH HOH A . 
G 4 HOH 87 287 28 HOH HOH A . 
G 4 HOH 88 288 53 HOH HOH A . 
G 4 HOH 89 289 45 HOH HOH A . 
G 4 HOH 90 290 67 HOH HOH A . 
G 4 HOH 91 291 78 HOH HOH A . 
# 
loop_
_pdbx_unobs_or_zero_occ_atoms.id 
_pdbx_unobs_or_zero_occ_atoms.PDB_model_num 
_pdbx_unobs_or_zero_occ_atoms.polymer_flag 
_pdbx_unobs_or_zero_occ_atoms.occupancy_flag 
_pdbx_unobs_or_zero_occ_atoms.auth_asym_id 
_pdbx_unobs_or_zero_occ_atoms.auth_comp_id 
_pdbx_unobs_or_zero_occ_atoms.auth_seq_id 
_pdbx_unobs_or_zero_occ_atoms.PDB_ins_code 
_pdbx_unobs_or_zero_occ_atoms.auth_atom_id 
_pdbx_unobs_or_zero_occ_atoms.label_alt_id 
_pdbx_unobs_or_zero_occ_atoms.label_asym_id 
_pdbx_unobs_or_zero_occ_atoms.label_comp_id 
_pdbx_unobs_or_zero_occ_atoms.label_seq_id 
_pdbx_unobs_or_zero_occ_atoms.label_atom_id 
1  1 Y 1 A GLN 6  ? CG  ? A GLN 8  CG  
2  1 Y 1 A GLN 6  ? CD  ? A GLN 8  CD  
3  1 Y 1 A GLN 6  ? OE1 ? A GLN 8  OE1 
4  1 Y 1 A GLN 6  ? NE2 ? A GLN 8  NE2 
5  1 Y 0 A ARG 17 ? CZ  ? A ARG 19 CZ  
6  1 Y 0 A ARG 17 ? NH1 ? A ARG 19 NH1 
7  1 Y 0 A ARG 17 ? NH2 ? A ARG 19 NH2 
8  1 Y 1 A GLU 87 ? CA  ? A GLU 89 CA  
9  1 Y 1 A GLU 87 ? C   ? A GLU 89 C   
10 1 Y 1 A GLU 87 ? O   ? A GLU 89 O   
11 1 Y 1 A GLU 87 ? CB  ? A GLU 89 CB  
12 1 Y 1 A GLU 87 ? CG  ? A GLU 89 CG  
13 1 Y 1 A GLU 87 ? CD  ? A GLU 89 CD  
14 1 Y 1 A GLU 87 ? OE1 ? A GLU 89 OE1 
15 1 Y 1 A GLU 87 ? OE2 ? A GLU 89 OE2 
# 
loop_
_software.citation_id 
_software.classification 
_software.compiler_name 
_software.compiler_version 
_software.contact_author 
_software.contact_author_email 
_software.date 
_software.description 
_software.dependencies 
_software.hardware 
_software.language 
_software.location 
_software.mods 
_software.name 
_software.os 
_software.os_version 
_software.type 
_software.version 
_software.pdbx_ordinal 
? refinement       ? ? ? ? ? ? ? ? ? ? ? REFMAC  ? ? ? 5.8.0425 1 
? 'data scaling'   ? ? ? ? ? ? ? ? ? ? ? Aimless ? ? ? .        2 
? 'data reduction' ? ? ? ? ? ? ? ? ? ? ? DIALS   ? ? ? .        3 
? phasing          ? ? ? ? ? ? ? ? ? ? ? PHASER  ? ? ? .        4 
? 'model building' ? ? ? ? ? ? ? ? ? ? ? Coot    ? ? ? .        5 
# 
_cell.angle_alpha                  90 
_cell.angle_alpha_esd              ? 
_cell.angle_beta                   90 
_cell.angle_beta_esd               ? 
_cell.angle_gamma                  90 
_cell.angle_gamma_esd              ? 
_cell.entry_id                     8U0I 
_cell.details                      ? 
_cell.formula_units_Z              ? 
_cell.length_a                     50.317 
_cell.length_a_esd                 ? 
_cell.length_b                     50.317 
_cell.length_b_esd                 ? 
_cell.length_c                     90.596 
_cell.length_c_esd                 ? 
_cell.volume                       ? 
_cell.volume_esd                   ? 
_cell.Z_PDB                        8 
_cell.reciprocal_angle_alpha       ? 
_cell.reciprocal_angle_beta        ? 
_cell.reciprocal_angle_gamma       ? 
_cell.reciprocal_angle_alpha_esd   ? 
_cell.reciprocal_angle_beta_esd    ? 
_cell.reciprocal_angle_gamma_esd   ? 
_cell.reciprocal_length_a          ? 
_cell.reciprocal_length_b          ? 
_cell.reciprocal_length_c          ? 
_cell.reciprocal_length_a_esd      ? 
_cell.reciprocal_length_b_esd      ? 
_cell.reciprocal_length_c_esd      ? 
_cell.pdbx_unique_axis             ? 
_cell.pdbx_esd_method              ? 
# 
_symmetry.entry_id                         8U0I 
_symmetry.cell_setting                     ? 
_symmetry.Int_Tables_number                96 
_symmetry.space_group_name_Hall            ? 
_symmetry.space_group_name_H-M             'P 43 21 2' 
_symmetry.pdbx_full_space_group_name_H-M   ? 
# 
_exptl.absorpt_coefficient_mu     ? 
_exptl.absorpt_correction_T_max   ? 
_exptl.absorpt_correction_T_min   ? 
_exptl.absorpt_correction_type    ? 
_exptl.absorpt_process_details    ? 
_exptl.entry_id                   8U0I 
_exptl.crystals_number            1 
_exptl.details                    ? 
_exptl.method                     'X-RAY DIFFRACTION' 
_exptl.method_details             ? 
# 
_exptl_crystal.colour                       ? 
_exptl_crystal.density_diffrn               ? 
_exptl_crystal.density_Matthews             2.88 
_exptl_crystal.density_method               ? 
_exptl_crystal.density_percent_sol          57.38 
_exptl_crystal.description                  ? 
_exptl_crystal.F_000                        ? 
_exptl_crystal.id                           1 
_exptl_crystal.preparation                  ? 
_exptl_crystal.size_max                     ? 
_exptl_crystal.size_mid                     ? 
_exptl_crystal.size_min                     ? 
_exptl_crystal.size_rad                     ? 
_exptl_crystal.colour_lustre                ? 
_exptl_crystal.colour_modifier              ? 
_exptl_crystal.colour_primary               ? 
_exptl_crystal.density_meas                 ? 
_exptl_crystal.density_meas_esd             ? 
_exptl_crystal.density_meas_gt              ? 
_exptl_crystal.density_meas_lt              ? 
_exptl_crystal.density_meas_temp            ? 
_exptl_crystal.density_meas_temp_esd        ? 
_exptl_crystal.density_meas_temp_gt         ? 
_exptl_crystal.density_meas_temp_lt         ? 
_exptl_crystal.pdbx_crystal_image_url       ? 
_exptl_crystal.pdbx_crystal_image_format    ? 
_exptl_crystal.pdbx_mosaicity               ? 
_exptl_crystal.pdbx_mosaicity_esd           ? 
_exptl_crystal.pdbx_mosaic_method           ? 
_exptl_crystal.pdbx_mosaic_block_size       ? 
_exptl_crystal.pdbx_mosaic_block_size_esd   ? 
# 
_exptl_crystal_grow.apparatus       ? 
_exptl_crystal_grow.atmosphere      ? 
_exptl_crystal_grow.crystal_id      1 
_exptl_crystal_grow.details         ? 
_exptl_crystal_grow.method          'VAPOR DIFFUSION, HANGING DROP' 
_exptl_crystal_grow.method_ref      ? 
_exptl_crystal_grow.pH              5.6 
_exptl_crystal_grow.pressure        ? 
_exptl_crystal_grow.pressure_esd    ? 
_exptl_crystal_grow.seeding         ? 
_exptl_crystal_grow.seeding_ref     ? 
_exptl_crystal_grow.temp_details    ? 
_exptl_crystal_grow.temp_esd        ? 
_exptl_crystal_grow.time            ? 
_exptl_crystal_grow.pdbx_details    
'5.3 mg/mL PA0012 and 2.5 mM cyclic-di-GMP.  0.2 M NH4SO4, 15% (w/v) PEG4000, 0.1 M Tri-NaCit pH=5.6' 
_exptl_crystal_grow.pdbx_pH_range   ? 
_exptl_crystal_grow.temp            293.15 
# 
_diffrn.ambient_environment              ? 
_diffrn.ambient_temp                     100 
_diffrn.ambient_temp_details             ? 
_diffrn.ambient_temp_esd                 ? 
_diffrn.crystal_id                       1 
_diffrn.crystal_support                  ? 
_diffrn.crystal_treatment                ? 
_diffrn.details                          ? 
_diffrn.id                               1 
_diffrn.ambient_pressure                 ? 
_diffrn.ambient_pressure_esd             ? 
_diffrn.ambient_pressure_gt              ? 
_diffrn.ambient_pressure_lt              ? 
_diffrn.ambient_temp_gt                  ? 
_diffrn.ambient_temp_lt                  ? 
_diffrn.pdbx_serial_crystal_experiment   N 
# 
_diffrn_detector.details                      ? 
_diffrn_detector.detector                     PIXEL 
_diffrn_detector.diffrn_id                    1 
_diffrn_detector.type                         'DECTRIS EIGER2 S 9M' 
_diffrn_detector.area_resol_mean              ? 
_diffrn_detector.dtime                        ? 
_diffrn_detector.pdbx_frames_total            ? 
_diffrn_detector.pdbx_collection_time_total   ? 
_diffrn_detector.pdbx_collection_date         2023-03-02 
_diffrn_detector.pdbx_frequency               ? 
_diffrn_detector.id                           ? 
_diffrn_detector.number_of_axes               ? 
# 
_diffrn_radiation.collimation                      ? 
_diffrn_radiation.diffrn_id                        1 
_diffrn_radiation.filter_edge                      ? 
_diffrn_radiation.inhomogeneity                    ? 
_diffrn_radiation.monochromator                    ? 
_diffrn_radiation.polarisn_norm                    ? 
_diffrn_radiation.polarisn_ratio                   ? 
_diffrn_radiation.probe                            ? 
_diffrn_radiation.type                             ? 
_diffrn_radiation.xray_symbol                      ? 
_diffrn_radiation.wavelength_id                    1 
_diffrn_radiation.pdbx_monochromatic_or_laue_m_l   M 
_diffrn_radiation.pdbx_wavelength_list             ? 
_diffrn_radiation.pdbx_wavelength                  ? 
_diffrn_radiation.pdbx_diffrn_protocol             'SINGLE WAVELENGTH' 
_diffrn_radiation.pdbx_analyzer                    ? 
_diffrn_radiation.pdbx_scattering_type             x-ray 
# 
_diffrn_radiation_wavelength.id           1 
_diffrn_radiation_wavelength.wavelength   1.0004 
_diffrn_radiation_wavelength.wt           1.0 
# 
_diffrn_source.current                     ? 
_diffrn_source.details                     ? 
_diffrn_source.diffrn_id                   1 
_diffrn_source.power                       ? 
_diffrn_source.size                        ? 
_diffrn_source.source                      SYNCHROTRON 
_diffrn_source.target                      ? 
_diffrn_source.type                        'ALS BEAMLINE 8.2.1' 
_diffrn_source.voltage                     ? 
_diffrn_source.take-off_angle              ? 
_diffrn_source.pdbx_wavelength_list        1.0004 
_diffrn_source.pdbx_wavelength             ? 
_diffrn_source.pdbx_synchrotron_beamline   8.2.1 
_diffrn_source.pdbx_synchrotron_site       ALS 
# 
_reflns.B_iso_Wilson_estimate                          23.1 
_reflns.entry_id                                       8U0I 
_reflns.data_reduction_details                         ? 
_reflns.data_reduction_method                          ? 
_reflns.d_resolution_high                              1.54 
_reflns.d_resolution_low                               43.99 
_reflns.details                                        ? 
_reflns.limit_h_max                                    ? 
_reflns.limit_h_min                                    ? 
_reflns.limit_k_max                                    ? 
_reflns.limit_k_min                                    ? 
_reflns.limit_l_max                                    ? 
_reflns.limit_l_min                                    ? 
_reflns.number_all                                     ? 
_reflns.number_obs                                     17945 
_reflns.observed_criterion                             ? 
_reflns.observed_criterion_F_max                       ? 
_reflns.observed_criterion_F_min                       ? 
_reflns.observed_criterion_I_max                       ? 
_reflns.observed_criterion_I_min                       ? 
_reflns.observed_criterion_sigma_F                     ? 
_reflns.observed_criterion_sigma_I                     ? 
_reflns.percent_possible_obs                           100 
_reflns.R_free_details                                 ? 
_reflns.Rmerge_F_all                                   ? 
_reflns.Rmerge_F_obs                                   ? 
_reflns.Friedel_coverage                               ? 
_reflns.number_gt                                      ? 
_reflns.threshold_expression                           ? 
_reflns.pdbx_redundancy                                39.2 
_reflns.pdbx_netI_over_av_sigmaI                       ? 
_reflns.pdbx_netI_over_sigmaI                          19.0 
_reflns.pdbx_res_netI_over_av_sigmaI_2                 ? 
_reflns.pdbx_res_netI_over_sigmaI_2                    ? 
_reflns.pdbx_chi_squared                               0.27 
_reflns.pdbx_scaling_rejects                           ? 
_reflns.pdbx_d_res_high_opt                            ? 
_reflns.pdbx_d_res_low_opt                             ? 
_reflns.pdbx_d_res_opt_method                          ? 
_reflns.phase_calculation_details                      ? 
_reflns.pdbx_Rrim_I_all                                0.083 
_reflns.pdbx_Rpim_I_all                                0.013 
_reflns.pdbx_d_opt                                     ? 
_reflns.pdbx_number_measured_all                       ? 
_reflns.pdbx_diffrn_id                                 1 
_reflns.pdbx_ordinal                                   1 
_reflns.pdbx_CC_half                                   1.00 
_reflns.pdbx_CC_star                                   ? 
_reflns.pdbx_R_split                                   ? 
_reflns.pdbx_Rmerge_I_obs                              0.081 
_reflns.pdbx_Rmerge_I_all                              ? 
_reflns.pdbx_Rsym_value                                ? 
_reflns.pdbx_CC_split_method                           ? 
_reflns.pdbx_aniso_diffraction_limit_axis_1_ortho[1]   ? 
_reflns.pdbx_aniso_diffraction_limit_axis_1_ortho[2]   ? 
_reflns.pdbx_aniso_diffraction_limit_axis_1_ortho[3]   ? 
_reflns.pdbx_aniso_diffraction_limit_axis_2_ortho[1]   ? 
_reflns.pdbx_aniso_diffraction_limit_axis_2_ortho[2]   ? 
_reflns.pdbx_aniso_diffraction_limit_axis_2_ortho[3]   ? 
_reflns.pdbx_aniso_diffraction_limit_axis_3_ortho[1]   ? 
_reflns.pdbx_aniso_diffraction_limit_axis_3_ortho[2]   ? 
_reflns.pdbx_aniso_diffraction_limit_axis_3_ortho[3]   ? 
_reflns.pdbx_aniso_diffraction_limit_1                 ? 
_reflns.pdbx_aniso_diffraction_limit_2                 ? 
_reflns.pdbx_aniso_diffraction_limit_3                 ? 
_reflns.pdbx_aniso_B_tensor_eigenvector_1_ortho[1]     ? 
_reflns.pdbx_aniso_B_tensor_eigenvector_1_ortho[2]     ? 
_reflns.pdbx_aniso_B_tensor_eigenvector_1_ortho[3]     ? 
_reflns.pdbx_aniso_B_tensor_eigenvector_2_ortho[1]     ? 
_reflns.pdbx_aniso_B_tensor_eigenvector_2_ortho[2]     ? 
_reflns.pdbx_aniso_B_tensor_eigenvector_2_ortho[3]     ? 
_reflns.pdbx_aniso_B_tensor_eigenvector_3_ortho[1]     ? 
_reflns.pdbx_aniso_B_tensor_eigenvector_3_ortho[2]     ? 
_reflns.pdbx_aniso_B_tensor_eigenvector_3_ortho[3]     ? 
_reflns.pdbx_aniso_B_tensor_eigenvalue_1               ? 
_reflns.pdbx_aniso_B_tensor_eigenvalue_2               ? 
_reflns.pdbx_aniso_B_tensor_eigenvalue_3               ? 
_reflns.pdbx_orthogonalization_convention              ? 
_reflns.pdbx_percent_possible_ellipsoidal              ? 
_reflns.pdbx_percent_possible_spherical                ? 
_reflns.pdbx_percent_possible_ellipsoidal_anomalous    ? 
_reflns.pdbx_percent_possible_spherical_anomalous      ? 
_reflns.pdbx_redundancy_anomalous                      ? 
_reflns.pdbx_CC_half_anomalous                         ? 
_reflns.pdbx_absDiff_over_sigma_anomalous              ? 
_reflns.pdbx_percent_possible_anomalous                ? 
_reflns.pdbx_observed_signal_threshold                 ? 
_reflns.pdbx_signal_type                               ? 
_reflns.pdbx_signal_details                            ? 
_reflns.pdbx_signal_software_id                        ? 
# 
_reflns_shell.d_res_high                                    1.54 
_reflns_shell.d_res_low                                     1.57 
_reflns_shell.meanI_over_sigI_all                           ? 
_reflns_shell.meanI_over_sigI_obs                           ? 
_reflns_shell.number_measured_all                           ? 
_reflns_shell.number_measured_obs                           ? 
_reflns_shell.number_possible                               ? 
_reflns_shell.number_unique_all                             ? 
_reflns_shell.number_unique_obs                             865 
_reflns_shell.percent_possible_obs                          ? 
_reflns_shell.Rmerge_F_all                                  ? 
_reflns_shell.Rmerge_F_obs                                  ? 
_reflns_shell.meanI_over_sigI_gt                            ? 
_reflns_shell.meanI_over_uI_all                             ? 
_reflns_shell.meanI_over_uI_gt                              ? 
_reflns_shell.number_measured_gt                            ? 
_reflns_shell.number_unique_gt                              ? 
_reflns_shell.percent_possible_gt                           ? 
_reflns_shell.Rmerge_F_gt                                   ? 
_reflns_shell.Rmerge_I_gt                                   ? 
_reflns_shell.pdbx_redundancy                               32.9 
_reflns_shell.pdbx_chi_squared                              0.01 
_reflns_shell.pdbx_netI_over_sigmaI_all                     ? 
_reflns_shell.pdbx_netI_over_sigmaI_obs                     ? 
_reflns_shell.pdbx_Rrim_I_all                               1.080 
_reflns_shell.pdbx_Rpim_I_all                               0.187 
_reflns_shell.pdbx_rejects                                  ? 
_reflns_shell.pdbx_ordinal                                  1 
_reflns_shell.pdbx_diffrn_id                                1 
_reflns_shell.pdbx_CC_half                                  0.971 
_reflns_shell.pdbx_CC_star                                  ? 
_reflns_shell.pdbx_R_split                                  ? 
_reflns_shell.percent_possible_all                          99.9 
_reflns_shell.Rmerge_I_all                                  ? 
_reflns_shell.Rmerge_I_obs                                  1.064 
_reflns_shell.pdbx_Rsym_value                               ? 
_reflns_shell.pdbx_percent_possible_ellipsoidal             ? 
_reflns_shell.pdbx_percent_possible_spherical               ? 
_reflns_shell.pdbx_percent_possible_ellipsoidal_anomalous   ? 
_reflns_shell.pdbx_percent_possible_spherical_anomalous     ? 
_reflns_shell.pdbx_redundancy_anomalous                     ? 
_reflns_shell.pdbx_CC_half_anomalous                        ? 
_reflns_shell.pdbx_absDiff_over_sigma_anomalous             ? 
_reflns_shell.pdbx_percent_possible_anomalous               ? 
# 
_refine.aniso_B[1][1]                            0.631 
_refine.aniso_B[1][2]                            0.000 
_refine.aniso_B[1][3]                            -0.000 
_refine.aniso_B[2][2]                            0.631 
_refine.aniso_B[2][3]                            -0.000 
_refine.aniso_B[3][3]                            -1.262 
_refine.B_iso_max                                ? 
_refine.B_iso_mean                               27.158 
_refine.B_iso_min                                ? 
_refine.correlation_coeff_Fo_to_Fc               0.971 
_refine.correlation_coeff_Fo_to_Fc_free          0.957 
_refine.details                                  'Hydrogens have been added in their riding positions' 
_refine.diff_density_max                         ? 
_refine.diff_density_max_esd                     ? 
_refine.diff_density_min                         ? 
_refine.diff_density_min_esd                     ? 
_refine.diff_density_rms                         ? 
_refine.diff_density_rms_esd                     ? 
_refine.entry_id                                 8U0I 
_refine.pdbx_refine_id                           'X-RAY DIFFRACTION' 
_refine.ls_abs_structure_details                 ? 
_refine.ls_abs_structure_Flack                   ? 
_refine.ls_abs_structure_Flack_esd               ? 
_refine.ls_abs_structure_Rogers                  ? 
_refine.ls_abs_structure_Rogers_esd              ? 
_refine.ls_d_res_high                            1.541 
_refine.ls_d_res_low                             43.988 
_refine.ls_extinction_coef                       ? 
_refine.ls_extinction_coef_esd                   ? 
_refine.ls_extinction_expression                 ? 
_refine.ls_extinction_method                     ? 
_refine.ls_goodness_of_fit_all                   ? 
_refine.ls_goodness_of_fit_all_esd               ? 
_refine.ls_goodness_of_fit_obs                   ? 
_refine.ls_goodness_of_fit_obs_esd               ? 
_refine.ls_hydrogen_treatment                    ? 
_refine.ls_matrix_type                           ? 
_refine.ls_number_constraints                    ? 
_refine.ls_number_parameters                     ? 
_refine.ls_number_reflns_all                     ? 
_refine.ls_number_reflns_obs                     17885 
_refine.ls_number_reflns_R_free                  873 
_refine.ls_number_reflns_R_work                  17012 
_refine.ls_number_restraints                     ? 
_refine.ls_percent_reflns_obs                    99.989 
_refine.ls_percent_reflns_R_free                 4.881 
_refine.ls_R_factor_all                          0.175 
_refine.ls_R_factor_obs                          ? 
_refine.ls_R_factor_R_free                       0.2101 
_refine.ls_R_factor_R_free_error                 ? 
_refine.ls_R_factor_R_free_error_details         ? 
_refine.ls_R_factor_R_work                       0.1733 
_refine.ls_R_Fsqd_factor_obs                     ? 
_refine.ls_R_I_factor_obs                        ? 
_refine.ls_redundancy_reflns_all                 ? 
_refine.ls_redundancy_reflns_obs                 ? 
_refine.ls_restrained_S_all                      ? 
_refine.ls_restrained_S_obs                      ? 
_refine.ls_shift_over_esd_max                    ? 
_refine.ls_shift_over_esd_mean                   ? 
_refine.ls_structure_factor_coef                 ? 
_refine.ls_weighting_details                     ? 
_refine.ls_weighting_scheme                      ? 
_refine.ls_wR_factor_all                         ? 
_refine.ls_wR_factor_obs                         ? 
_refine.ls_wR_factor_R_free                      0.189 
_refine.ls_wR_factor_R_work                      0.155 
_refine.occupancy_max                            ? 
_refine.occupancy_min                            ? 
_refine.solvent_model_details                    'MASK BULK SOLVENT' 
_refine.solvent_model_param_bsol                 ? 
_refine.solvent_model_param_ksol                 ? 
_refine.pdbx_R_complete                          ? 
_refine.ls_R_factor_gt                           ? 
_refine.ls_goodness_of_fit_gt                    ? 
_refine.ls_goodness_of_fit_ref                   ? 
_refine.ls_shift_over_su_max                     ? 
_refine.ls_shift_over_su_max_lt                  ? 
_refine.ls_shift_over_su_mean                    ? 
_refine.ls_shift_over_su_mean_lt                 ? 
_refine.pdbx_ls_sigma_I                          ? 
_refine.pdbx_ls_sigma_F                          ? 
_refine.pdbx_ls_sigma_Fsqd                       ? 
_refine.pdbx_data_cutoff_high_absF               ? 
_refine.pdbx_data_cutoff_high_rms_absF           ? 
_refine.pdbx_data_cutoff_low_absF                ? 
_refine.pdbx_isotropic_thermal_model             ? 
_refine.pdbx_ls_cross_valid_method               THROUGHOUT 
_refine.pdbx_method_to_determine_struct          'MOLECULAR REPLACEMENT' 
_refine.pdbx_starting_model                      ? 
_refine.pdbx_stereochemistry_target_values       ? 
_refine.pdbx_R_Free_selection_details            RANDOM 
_refine.pdbx_stereochem_target_val_spec_case     ? 
_refine.pdbx_overall_ESU_R                       0.069 
_refine.pdbx_overall_ESU_R_Free                  0.074 
_refine.pdbx_solvent_vdw_probe_radii             1.200 
_refine.pdbx_solvent_ion_probe_radii             0.800 
_refine.pdbx_solvent_shrinkage_radii             0.800 
_refine.pdbx_real_space_R                        ? 
_refine.pdbx_density_correlation                 ? 
_refine.pdbx_pd_number_of_powder_patterns        ? 
_refine.pdbx_pd_number_of_points                 ? 
_refine.pdbx_pd_meas_number_of_points            ? 
_refine.pdbx_pd_proc_ls_prof_R_factor            ? 
_refine.pdbx_pd_proc_ls_prof_wR_factor           ? 
_refine.pdbx_pd_Marquardt_correlation_coeff      ? 
_refine.pdbx_pd_Fsqrd_R_factor                   ? 
_refine.pdbx_pd_ls_matrix_band_width             ? 
_refine.pdbx_overall_phase_error                 ? 
_refine.pdbx_overall_SU_R_free_Cruickshank_DPI   ? 
_refine.pdbx_overall_SU_R_free_Blow_DPI          ? 
_refine.pdbx_overall_SU_R_Blow_DPI               ? 
_refine.pdbx_TLS_residual_ADP_flag               ? 
_refine.pdbx_diffrn_id                           1 
_refine.overall_SU_B                             1.612 
_refine.overall_SU_ML                            0.055 
_refine.overall_SU_R_Cruickshank_DPI             ? 
_refine.overall_SU_R_free                        ? 
_refine.overall_FOM_free_R_set                   ? 
_refine.overall_FOM_work_R_set                   ? 
_refine.pdbx_average_fsc_overall                 ? 
_refine.pdbx_average_fsc_work                    0.9708 
_refine.pdbx_average_fsc_free                    0.9656 
# 
_refine_hist.pdbx_refine_id                   'X-RAY DIFFRACTION' 
_refine_hist.cycle_id                         LAST 
_refine_hist.details                          ? 
_refine_hist.d_res_high                       1.541 
_refine_hist.d_res_low                        43.988 
_refine_hist.number_atoms_solvent             91 
_refine_hist.number_atoms_total               864 
_refine_hist.number_reflns_all                ? 
_refine_hist.number_reflns_obs                ? 
_refine_hist.number_reflns_R_free             ? 
_refine_hist.number_reflns_R_work             ? 
_refine_hist.R_factor_all                     ? 
_refine_hist.R_factor_obs                     ? 
_refine_hist.R_factor_R_free                  ? 
_refine_hist.R_factor_R_work                  ? 
_refine_hist.pdbx_number_residues_total       ? 
_refine_hist.pdbx_B_iso_mean_ligand           ? 
_refine_hist.pdbx_B_iso_mean_solvent          ? 
_refine_hist.pdbx_number_atoms_protein        663 
_refine_hist.pdbx_number_atoms_nucleic_acid   0 
_refine_hist.pdbx_number_atoms_ligand         110 
_refine_hist.pdbx_number_atoms_lipid          ? 
_refine_hist.pdbx_number_atoms_carb           ? 
_refine_hist.pdbx_pseudo_atom_details         ? 
# 
loop_
_refine_ls_restr.pdbx_refine_id 
_refine_ls_restr.criterion 
_refine_ls_restr.dev_ideal 
_refine_ls_restr.dev_ideal_target 
_refine_ls_restr.number 
_refine_ls_restr.rejects 
_refine_ls_restr.type 
_refine_ls_restr.weight 
_refine_ls_restr.pdbx_restraint_function 
'X-RAY DIFFRACTION' ? 0.012  0.012  803  ? r_bond_refined_d               ? ? 
'X-RAY DIFFRACTION' ? 0.001  0.016  721  ? r_bond_other_d                 ? ? 
'X-RAY DIFFRACTION' ? 2.048  1.837  1115 ? r_angle_refined_deg            ? ? 
'X-RAY DIFFRACTION' ? 0.744  1.747  1672 ? r_angle_other_deg              ? ? 
'X-RAY DIFFRACTION' ? 6.885  5.000  90   ? r_dihedral_angle_1_deg         ? ? 
'X-RAY DIFFRACTION' ? 4.335  5.000  6    ? r_dihedral_angle_2_deg         ? ? 
'X-RAY DIFFRACTION' ? 0.516  5.000  4    ? r_dihedral_angle_other_2_deg   ? ? 
'X-RAY DIFFRACTION' ? 10.457 10.000 118  ? r_dihedral_angle_3_deg         ? ? 
'X-RAY DIFFRACTION' ? 14.980 10.000 29   ? r_dihedral_angle_6_deg         ? ? 
'X-RAY DIFFRACTION' ? 0.113  0.200  134  ? r_chiral_restr                 ? ? 
'X-RAY DIFFRACTION' ? 0.012  0.020  866  ? r_gen_planes_refined           ? ? 
'X-RAY DIFFRACTION' ? 0.001  0.020  162  ? r_gen_planes_other             ? ? 
'X-RAY DIFFRACTION' ? 0.191  0.200  119  ? r_nbd_refined                  ? ? 
'X-RAY DIFFRACTION' ? 0.195  0.200  734  ? r_symmetry_nbd_other           ? ? 
'X-RAY DIFFRACTION' ? 0.184  0.200  387  ? r_nbtor_refined                ? ? 
'X-RAY DIFFRACTION' ? 0.093  0.200  470  ? r_symmetry_nbtor_other         ? ? 
'X-RAY DIFFRACTION' ? 0.174  0.200  62   ? r_xyhbond_nbd_refined          ? ? 
'X-RAY DIFFRACTION' ? 0.228  0.200  11   ? r_symmetry_nbd_refined         ? ? 
'X-RAY DIFFRACTION' ? 0.211  0.200  45   ? r_nbd_other                    ? ? 
'X-RAY DIFFRACTION' ? 0.087  0.200  16   ? r_symmetry_xyhbond_nbd_refined ? ? 
'X-RAY DIFFRACTION' ? 2.629  2.425  346  ? r_mcbond_it                    ? ? 
'X-RAY DIFFRACTION' ? 2.628  2.418  345  ? r_mcbond_other                 ? ? 
'X-RAY DIFFRACTION' ? 3.931  4.319  433  ? r_mcangle_it                   ? ? 
'X-RAY DIFFRACTION' ? 3.928  4.318  433  ? r_mcangle_other                ? ? 
'X-RAY DIFFRACTION' ? 3.889  2.806  457  ? r_scbond_it                    ? ? 
'X-RAY DIFFRACTION' ? 3.890  2.808  458  ? r_scbond_other                 ? ? 
'X-RAY DIFFRACTION' ? 5.714  4.929  679  ? r_scangle_it                   ? ? 
'X-RAY DIFFRACTION' ? 5.709  4.930  680  ? r_scangle_other                ? ? 
'X-RAY DIFFRACTION' ? 6.971  30.040 932  ? r_lrange_it                    ? ? 
'X-RAY DIFFRACTION' ? 6.977  30.045 933  ? r_lrange_other                 ? ? 
# 
loop_
_refine_ls_shell.pdbx_refine_id 
_refine_ls_shell.d_res_high 
_refine_ls_shell.d_res_low 
_refine_ls_shell.number_reflns_all 
_refine_ls_shell.number_reflns_obs 
_refine_ls_shell.number_reflns_R_free 
_refine_ls_shell.number_reflns_R_work 
_refine_ls_shell.percent_reflns_obs 
_refine_ls_shell.percent_reflns_R_free 
_refine_ls_shell.R_factor_all 
_refine_ls_shell.R_factor_obs 
_refine_ls_shell.R_factor_R_free_error 
_refine_ls_shell.R_factor_R_work 
_refine_ls_shell.redundancy_reflns_all 
_refine_ls_shell.redundancy_reflns_obs 
_refine_ls_shell.wR_factor_all 
_refine_ls_shell.wR_factor_obs 
_refine_ls_shell.wR_factor_R_free 
_refine_ls_shell.wR_factor_R_work 
_refine_ls_shell.pdbx_R_complete 
_refine_ls_shell.pdbx_total_number_of_bins_used 
_refine_ls_shell.pdbx_phase_error 
_refine_ls_shell.pdbx_fsc_work 
_refine_ls_shell.pdbx_fsc_free 
_refine_ls_shell.R_factor_R_free 
'X-RAY DIFFRACTION' 1.541 1.581  1303 . 51 1250 99.8465  . 0.300 . . 0.301 . . . . . 0.294 . 20 . 0.917 0.908 0.268 
'X-RAY DIFFRACTION' 1.581 1.624  1262 . 69 1193 100.0000 . 0.270 . . 0.272 . . . . . 0.261 . 20 . 0.938 0.963 0.240 
'X-RAY DIFFRACTION' 1.624 1.671  1215 . 58 1157 100.0000 . 0.237 . . 0.233 . . . . . 0.215 . 20 . 0.956 0.932 0.327 
'X-RAY DIFFRACTION' 1.671 1.723  1188 . 44 1144 100.0000 . 0.217 . . 0.217 . . . . . 0.195 . 20 . 0.965 0.961 0.219 
'X-RAY DIFFRACTION' 1.723 1.779  1159 . 66 1093 100.0000 . 0.200 . . 0.197 . . . . . 0.170 . 20 . 0.971 0.964 0.248 
'X-RAY DIFFRACTION' 1.779 1.841  1103 . 53 1050 100.0000 . 0.191 . . 0.190 . . . . . 0.162 . 20 . 0.976 0.976 0.206 
'X-RAY DIFFRACTION' 1.841 1.911  1092 . 49 1043 100.0000 . 0.179 . . 0.176 . . . . . 0.145 . 20 . 0.979 0.968 0.236 
'X-RAY DIFFRACTION' 1.911 1.989  1057 . 55 1002 100.0000 . 0.167 . . 0.165 . . . . . 0.135 . 20 . 0.982 0.976 0.198 
'X-RAY DIFFRACTION' 1.989 2.077  994  . 46 948  100.0000 . 0.167 . . 0.167 . . . . . 0.139 . 20 . 0.983 0.978 0.173 
'X-RAY DIFFRACTION' 2.077 2.178  969  . 44 925  100.0000 . 0.149 . . 0.149 . . . . . 0.126 . 20 . 0.987 0.985 0.159 
'X-RAY DIFFRACTION' 2.178 2.296  937  . 49 888  100.0000 . 0.159 . . 0.158 . . . . . 0.133 . 20 . 0.986 0.980 0.184 
'X-RAY DIFFRACTION' 2.296 2.434  853  . 40 813  100.0000 . 0.158 . . 0.154 . . . . . 0.129 . 20 . 0.984 0.966 0.243 
'X-RAY DIFFRACTION' 2.434 2.602  833  . 46 787  100.0000 . 0.172 . . 0.171 . . . . . 0.143 . 20 . 0.982 0.978 0.193 
'X-RAY DIFFRACTION' 2.602 2.810  787  . 51 736  100.0000 . 0.177 . . 0.173 . . . . . 0.144 . 20 . 0.981 0.968 0.233 
'X-RAY DIFFRACTION' 2.810 3.076  707  . 38 669  100.0000 . 0.172 . . 0.168 . . . . . 0.144 . 20 . 0.982 0.960 0.250 
'X-RAY DIFFRACTION' 3.076 3.437  658  . 28 630  100.0000 . 0.164 . . 0.163 . . . . . 0.146 . 20 . 0.984 0.978 0.207 
'X-RAY DIFFRACTION' 3.437 3.965  592  . 31 561  100.0000 . 0.144 . . 0.143 . . . . . 0.135 . 20 . 0.988 0.984 0.168 
'X-RAY DIFFRACTION' 3.965 4.847  507  . 25 482  100.0000 . 0.144 . . 0.141 . . . . . 0.136 . 20 . 0.989 0.976 0.212 
'X-RAY DIFFRACTION' 4.847 6.813  408  . 17 391  100.0000 . 0.209 . . 0.208 . . . . . 0.198 . 20 . 0.981 0.982 0.230 
'X-RAY DIFFRACTION' 6.813 43.988 263  . 13 250  100.0000 . 0.227 . . 0.229 . . . . . 0.228 . 20 . 0.972 0.973 0.186 
# 
_struct.entry_id                     8U0I 
_struct.title                        'Crystal structure of PA0012 complexed with cyclic-di-GMP from Pseudomonas aeruginosa' 
_struct.pdbx_model_details           ? 
_struct.pdbx_formula_weight          ? 
_struct.pdbx_formula_weight_method   ? 
_struct.pdbx_model_type_details      ? 
_struct.pdbx_CASP_flag               N 
# 
_struct_keywords.entry_id        8U0I 
_struct_keywords.text            'Complex, SIGNALING PROTEIN' 
_struct_keywords.pdbx_keywords   'SIGNALING PROTEIN' 
# 
loop_
_struct_asym.id 
_struct_asym.pdbx_blank_PDB_chainid_flag 
_struct_asym.pdbx_modified 
_struct_asym.entity_id 
_struct_asym.details 
A N N 1 ? 
B N N 2 ? 
C N N 2 ? 
D N N 3 ? 
E N N 3 ? 
F N N 3 ? 
G N N 4 ? 
# 
_struct_ref.id                         1 
_struct_ref.db_name                    UNP 
_struct_ref.db_code                    Q9I7B4_PSEAE 
_struct_ref.pdbx_db_accession          Q9I7B4 
_struct_ref.pdbx_db_isoform            ? 
_struct_ref.entity_id                  1 
_struct_ref.pdbx_seq_one_letter_code   
;MDNQRQYPRTPLKCRIRISHPLFGELMAQTRDLSDTGVYVKHPDLTQLPTGSVVTGQVQDLPIDAPILQMEVVRVDAEGV
GLRFLSEA
;
_struct_ref.pdbx_align_begin           1 
# 
_struct_ref_seq.align_id                      1 
_struct_ref_seq.ref_id                        1 
_struct_ref_seq.pdbx_PDB_id_code              8U0I 
_struct_ref_seq.pdbx_strand_id                A 
_struct_ref_seq.seq_align_beg                 3 
_struct_ref_seq.pdbx_seq_align_beg_ins_code   ? 
_struct_ref_seq.seq_align_end                 90 
_struct_ref_seq.pdbx_seq_align_end_ins_code   ? 
_struct_ref_seq.pdbx_db_accession             Q9I7B4 
_struct_ref_seq.db_align_beg                  1 
_struct_ref_seq.pdbx_db_align_beg_ins_code    ? 
_struct_ref_seq.db_align_end                  88 
_struct_ref_seq.pdbx_db_align_end_ins_code    ? 
_struct_ref_seq.pdbx_auth_seq_align_beg       1 
_struct_ref_seq.pdbx_auth_seq_align_end       88 
# 
loop_
_struct_ref_seq_dif.align_id 
_struct_ref_seq_dif.pdbx_pdb_id_code 
_struct_ref_seq_dif.mon_id 
_struct_ref_seq_dif.pdbx_pdb_strand_id 
_struct_ref_seq_dif.seq_num 
_struct_ref_seq_dif.pdbx_pdb_ins_code 
_struct_ref_seq_dif.pdbx_seq_db_name 
_struct_ref_seq_dif.pdbx_seq_db_accession_code 
_struct_ref_seq_dif.db_mon_id 
_struct_ref_seq_dif.pdbx_seq_db_seq_num 
_struct_ref_seq_dif.details 
_struct_ref_seq_dif.pdbx_auth_seq_num 
_struct_ref_seq_dif.pdbx_ordinal 
1 8U0I GLY A 1 ? UNP Q9I7B4 ? ? 'expression tag' -1 1 
1 8U0I ALA A 2 ? UNP Q9I7B4 ? ? 'expression tag' 0  2 
# 
_pdbx_struct_assembly.id                   1 
_pdbx_struct_assembly.details              author_and_software_defined_assembly 
_pdbx_struct_assembly.method_details       PISA 
_pdbx_struct_assembly.oligomeric_details   monomeric 
_pdbx_struct_assembly.oligomeric_count     1 
# 
_pdbx_struct_assembly_gen.assembly_id       1 
_pdbx_struct_assembly_gen.oper_expression   1 
_pdbx_struct_assembly_gen.asym_id_list      A,B,C,D,E,F,G 
# 
_pdbx_struct_oper_list.id                   1 
_pdbx_struct_oper_list.type                 'identity operation' 
_pdbx_struct_oper_list.name                 1_555 
_pdbx_struct_oper_list.symmetry_operation   x,y,z 
_pdbx_struct_oper_list.matrix[1][1]         1.0000000000 
_pdbx_struct_oper_list.matrix[1][2]         0.0000000000 
_pdbx_struct_oper_list.matrix[1][3]         0.0000000000 
_pdbx_struct_oper_list.vector[1]            0.0000000000 
_pdbx_struct_oper_list.matrix[2][1]         0.0000000000 
_pdbx_struct_oper_list.matrix[2][2]         1.0000000000 
_pdbx_struct_oper_list.matrix[2][3]         0.0000000000 
_pdbx_struct_oper_list.vector[2]            0.0000000000 
_pdbx_struct_oper_list.matrix[3][1]         0.0000000000 
_pdbx_struct_oper_list.matrix[3][2]         0.0000000000 
_pdbx_struct_oper_list.matrix[3][3]         1.0000000000 
_pdbx_struct_oper_list.vector[3]            0.0000000000 
# 
_struct_conf.conf_type_id            HELX_P 
_struct_conf.id                      HELX_P1 
_struct_conf.pdbx_PDB_helix_id       AA1 
_struct_conf.beg_label_comp_id       PRO 
_struct_conf.beg_label_asym_id       A 
_struct_conf.beg_label_seq_id        45 
_struct_conf.pdbx_beg_PDB_ins_code   ? 
_struct_conf.end_label_comp_id       THR 
_struct_conf.end_label_asym_id       A 
_struct_conf.end_label_seq_id        48 
_struct_conf.pdbx_end_PDB_ins_code   ? 
_struct_conf.beg_auth_comp_id        PRO 
_struct_conf.beg_auth_asym_id        A 
_struct_conf.beg_auth_seq_id         43 
_struct_conf.end_auth_comp_id        THR 
_struct_conf.end_auth_asym_id        A 
_struct_conf.end_auth_seq_id         46 
_struct_conf.pdbx_PDB_helix_class    5 
_struct_conf.details                 ? 
_struct_conf.pdbx_PDB_helix_length   4 
# 
_struct_conf_type.id          HELX_P 
_struct_conf_type.criteria    ? 
_struct_conf_type.reference   ? 
# 
_struct_sheet.id               AA1 
_struct_sheet.type             ? 
_struct_sheet.number_strands   8 
_struct_sheet.details          ? 
# 
loop_
_struct_sheet_order.sheet_id 
_struct_sheet_order.range_id_1 
_struct_sheet_order.range_id_2 
_struct_sheet_order.offset 
_struct_sheet_order.sense 
AA1 1 2 ? anti-parallel 
AA1 2 3 ? anti-parallel 
AA1 3 4 ? anti-parallel 
AA1 4 5 ? anti-parallel 
AA1 5 6 ? anti-parallel 
AA1 6 7 ? anti-parallel 
AA1 7 8 ? anti-parallel 
# 
loop_
_struct_sheet_range.sheet_id 
_struct_sheet_range.id 
_struct_sheet_range.beg_label_comp_id 
_struct_sheet_range.beg_label_asym_id 
_struct_sheet_range.beg_label_seq_id 
_struct_sheet_range.pdbx_beg_PDB_ins_code 
_struct_sheet_range.end_label_comp_id 
_struct_sheet_range.end_label_asym_id 
_struct_sheet_range.end_label_seq_id 
_struct_sheet_range.pdbx_end_PDB_ins_code 
_struct_sheet_range.beg_auth_comp_id 
_struct_sheet_range.beg_auth_asym_id 
_struct_sheet_range.beg_auth_seq_id 
_struct_sheet_range.end_auth_comp_id 
_struct_sheet_range.end_auth_asym_id 
_struct_sheet_range.end_auth_seq_id 
AA1 1 THR A 12 ? PRO A 13 ? THR A 10 PRO A 11 
AA1 2 GLY A 26 ? LEU A 35 ? GLY A 24 LEU A 33 
AA1 3 GLY A 39 ? LYS A 43 ? GLY A 37 LYS A 41 
AA1 4 GLY A 81 ? PHE A 86 ? GLY A 79 PHE A 84 
AA1 5 LEU A 70 ? VAL A 77 ? LEU A 68 VAL A 75 
AA1 6 VAL A 55 ? VAL A 60 ? VAL A 53 VAL A 58 
AA1 7 ARG A 17 ? HIS A 22 ? ARG A 15 HIS A 20 
AA1 8 GLY A 26 ? LEU A 35 ? GLY A 24 LEU A 33 
# 
loop_
_pdbx_struct_sheet_hbond.sheet_id 
_pdbx_struct_sheet_hbond.range_id_1 
_pdbx_struct_sheet_hbond.range_id_2 
_pdbx_struct_sheet_hbond.range_1_label_atom_id 
_pdbx_struct_sheet_hbond.range_1_label_comp_id 
_pdbx_struct_sheet_hbond.range_1_label_asym_id 
_pdbx_struct_sheet_hbond.range_1_label_seq_id 
_pdbx_struct_sheet_hbond.range_1_PDB_ins_code 
_pdbx_struct_sheet_hbond.range_1_auth_atom_id 
_pdbx_struct_sheet_hbond.range_1_auth_comp_id 
_pdbx_struct_sheet_hbond.range_1_auth_asym_id 
_pdbx_struct_sheet_hbond.range_1_auth_seq_id 
_pdbx_struct_sheet_hbond.range_2_label_atom_id 
_pdbx_struct_sheet_hbond.range_2_label_comp_id 
_pdbx_struct_sheet_hbond.range_2_label_asym_id 
_pdbx_struct_sheet_hbond.range_2_label_seq_id 
_pdbx_struct_sheet_hbond.range_2_PDB_ins_code 
_pdbx_struct_sheet_hbond.range_2_auth_atom_id 
_pdbx_struct_sheet_hbond.range_2_auth_comp_id 
_pdbx_struct_sheet_hbond.range_2_auth_asym_id 
_pdbx_struct_sheet_hbond.range_2_auth_seq_id 
AA1 1 2 N THR A 12 ? N THR A 10 O LEU A 35 ? O LEU A 33 
AA1 2 3 N GLN A 31 ? N GLN A 29 O LYS A 43 ? O LYS A 41 
AA1 3 4 N VAL A 40 ? N VAL A 38 O LEU A 84 ? O LEU A 82 
AA1 4 5 O ARG A 85 ? O ARG A 83 N GLU A 73 ? N GLU A 71 
AA1 5 6 O MET A 72 ? O MET A 70 N VAL A 56 ? N VAL A 54 
AA1 6 7 O GLN A 59 ? O GLN A 57 N ARG A 19 ? N ARG A 17 
AA1 7 8 N ILE A 18 ? N ILE A 16 O ALA A 30 ? O ALA A 28 
# 
_pdbx_entry_details.entry_id                   8U0I 
_pdbx_entry_details.nonpolymer_details         ? 
_pdbx_entry_details.sequence_details           ? 
_pdbx_entry_details.compound_details           ? 
_pdbx_entry_details.source_details             ? 
_pdbx_entry_details.has_ligand_of_interest     Y 
_pdbx_entry_details.has_protein_modification   ? 
# 
_pdbx_validate_close_contact.id               1 
_pdbx_validate_close_contact.PDB_model_num    1 
_pdbx_validate_close_contact.auth_atom_id_1   HD1 
_pdbx_validate_close_contact.auth_asym_id_1   A 
_pdbx_validate_close_contact.auth_comp_id_1   HIS 
_pdbx_validate_close_contact.auth_seq_id_1    42 
_pdbx_validate_close_contact.PDB_ins_code_1   ? 
_pdbx_validate_close_contact.label_alt_id_1   ? 
_pdbx_validate_close_contact.auth_atom_id_2   H 
_pdbx_validate_close_contact.auth_asym_id_2   A 
_pdbx_validate_close_contact.auth_comp_id_2   ASP 
_pdbx_validate_close_contact.auth_seq_id_2    44 
_pdbx_validate_close_contact.PDB_ins_code_2   ? 
_pdbx_validate_close_contact.label_alt_id_2   ? 
_pdbx_validate_close_contact.dist             1.31 
# 
_pdbx_validate_rmsd_bond.id                        1 
_pdbx_validate_rmsd_bond.PDB_model_num             1 
_pdbx_validate_rmsd_bond.auth_atom_id_1            NE 
_pdbx_validate_rmsd_bond.auth_asym_id_1            A 
_pdbx_validate_rmsd_bond.auth_comp_id_1            ARG 
_pdbx_validate_rmsd_bond.auth_seq_id_1             17 
_pdbx_validate_rmsd_bond.PDB_ins_code_1            ? 
_pdbx_validate_rmsd_bond.label_alt_id_1            ? 
_pdbx_validate_rmsd_bond.auth_atom_id_2            CZ 
_pdbx_validate_rmsd_bond.auth_asym_id_2            A 
_pdbx_validate_rmsd_bond.auth_comp_id_2            ARG 
_pdbx_validate_rmsd_bond.auth_seq_id_2             17 
_pdbx_validate_rmsd_bond.PDB_ins_code_2            ? 
_pdbx_validate_rmsd_bond.label_alt_id_2            ? 
_pdbx_validate_rmsd_bond.bond_value                1.563 
_pdbx_validate_rmsd_bond.bond_target_value         1.326 
_pdbx_validate_rmsd_bond.bond_deviation            0.237 
_pdbx_validate_rmsd_bond.bond_standard_deviation   0.013 
_pdbx_validate_rmsd_bond.linker_flag               N 
# 
loop_
_pdbx_validate_rmsd_angle.id 
_pdbx_validate_rmsd_angle.PDB_model_num 
_pdbx_validate_rmsd_angle.auth_atom_id_1 
_pdbx_validate_rmsd_angle.auth_asym_id_1 
_pdbx_validate_rmsd_angle.auth_comp_id_1 
_pdbx_validate_rmsd_angle.auth_seq_id_1 
_pdbx_validate_rmsd_angle.PDB_ins_code_1 
_pdbx_validate_rmsd_angle.label_alt_id_1 
_pdbx_validate_rmsd_angle.auth_atom_id_2 
_pdbx_validate_rmsd_angle.auth_asym_id_2 
_pdbx_validate_rmsd_angle.auth_comp_id_2 
_pdbx_validate_rmsd_angle.auth_seq_id_2 
_pdbx_validate_rmsd_angle.PDB_ins_code_2 
_pdbx_validate_rmsd_angle.label_alt_id_2 
_pdbx_validate_rmsd_angle.auth_atom_id_3 
_pdbx_validate_rmsd_angle.auth_asym_id_3 
_pdbx_validate_rmsd_angle.auth_comp_id_3 
_pdbx_validate_rmsd_angle.auth_seq_id_3 
_pdbx_validate_rmsd_angle.PDB_ins_code_3 
_pdbx_validate_rmsd_angle.label_alt_id_3 
_pdbx_validate_rmsd_angle.angle_value 
_pdbx_validate_rmsd_angle.angle_target_value 
_pdbx_validate_rmsd_angle.angle_deviation 
_pdbx_validate_rmsd_angle.angle_standard_deviation 
_pdbx_validate_rmsd_angle.linker_flag 
1 1 CD A ARG 17 ? ? NE A ARG 17 ? ? CZ  A ARG 17 ? ? 103.04 123.60 -20.56 1.40 N 
2 1 NE A ARG 17 ? ? CZ A ARG 17 ? ? NH1 A ARG 17 ? ? 111.52 120.30 -8.78  0.50 N 
3 1 NE A ARG 17 ? ? CZ A ARG 17 ? ? NH2 A ARG 17 ? ? 128.05 120.30 7.75   0.50 N 
# 
_pdbx_validate_torsion.id              1 
_pdbx_validate_torsion.PDB_model_num   1 
_pdbx_validate_torsion.auth_comp_id    HIS 
_pdbx_validate_torsion.auth_asym_id    A 
_pdbx_validate_torsion.auth_seq_id     42 
_pdbx_validate_torsion.PDB_ins_code    ? 
_pdbx_validate_torsion.label_alt_id    ? 
_pdbx_validate_torsion.phi             -172.89 
_pdbx_validate_torsion.psi             131.03 
# 
_pdbx_struct_special_symmetry.id              1 
_pdbx_struct_special_symmetry.PDB_model_num   1 
_pdbx_struct_special_symmetry.auth_asym_id    A 
_pdbx_struct_special_symmetry.auth_comp_id    HOH 
_pdbx_struct_special_symmetry.auth_seq_id     216 
_pdbx_struct_special_symmetry.PDB_ins_code    ? 
_pdbx_struct_special_symmetry.label_asym_id   G 
_pdbx_struct_special_symmetry.label_comp_id   HOH 
_pdbx_struct_special_symmetry.label_seq_id    . 
# 
loop_
_pdbx_unobs_or_zero_occ_residues.id 
_pdbx_unobs_or_zero_occ_residues.PDB_model_num 
_pdbx_unobs_or_zero_occ_residues.polymer_flag 
_pdbx_unobs_or_zero_occ_residues.occupancy_flag 
_pdbx_unobs_or_zero_occ_residues.auth_asym_id 
_pdbx_unobs_or_zero_occ_residues.auth_comp_id 
_pdbx_unobs_or_zero_occ_residues.auth_seq_id 
_pdbx_unobs_or_zero_occ_residues.PDB_ins_code 
_pdbx_unobs_or_zero_occ_residues.label_asym_id 
_pdbx_unobs_or_zero_occ_residues.label_comp_id 
_pdbx_unobs_or_zero_occ_residues.label_seq_id 
1 1 Y 1 A GLY -1 ? A GLY 1  
2 1 Y 1 A ALA 0  ? A ALA 2  
3 1 Y 1 A MET 1  ? A MET 3  
4 1 Y 1 A ALA 88 ? A ALA 90 
# 
loop_
_chem_comp_atom.comp_id 
_chem_comp_atom.atom_id 
_chem_comp_atom.type_symbol 
_chem_comp_atom.pdbx_aromatic_flag 
_chem_comp_atom.pdbx_stereo_config 
_chem_comp_atom.pdbx_ordinal 
ALA N      N N N 1   
ALA CA     C N S 2   
ALA C      C N N 3   
ALA O      O N N 4   
ALA CB     C N N 5   
ALA OXT    O N N 6   
ALA H      H N N 7   
ALA H2     H N N 8   
ALA HA     H N N 9   
ALA HB1    H N N 10  
ALA HB2    H N N 11  
ALA HB3    H N N 12  
ALA HXT    H N N 13  
ARG N      N N N 14  
ARG CA     C N S 15  
ARG C      C N N 16  
ARG O      O N N 17  
ARG CB     C N N 18  
ARG CG     C N N 19  
ARG CD     C N N 20  
ARG NE     N N N 21  
ARG CZ     C N N 22  
ARG NH1    N N N 23  
ARG NH2    N N N 24  
ARG OXT    O N N 25  
ARG H      H N N 26  
ARG H2     H N N 27  
ARG HA     H N N 28  
ARG HB2    H N N 29  
ARG HB3    H N N 30  
ARG HG2    H N N 31  
ARG HG3    H N N 32  
ARG HD2    H N N 33  
ARG HD3    H N N 34  
ARG HE     H N N 35  
ARG HH11   H N N 36  
ARG HH12   H N N 37  
ARG HH21   H N N 38  
ARG HH22   H N N 39  
ARG HXT    H N N 40  
ASN N      N N N 41  
ASN CA     C N S 42  
ASN C      C N N 43  
ASN O      O N N 44  
ASN CB     C N N 45  
ASN CG     C N N 46  
ASN OD1    O N N 47  
ASN ND2    N N N 48  
ASN OXT    O N N 49  
ASN H      H N N 50  
ASN H2     H N N 51  
ASN HA     H N N 52  
ASN HB2    H N N 53  
ASN HB3    H N N 54  
ASN HD21   H N N 55  
ASN HD22   H N N 56  
ASN HXT    H N N 57  
ASP N      N N N 58  
ASP CA     C N S 59  
ASP C      C N N 60  
ASP O      O N N 61  
ASP CB     C N N 62  
ASP CG     C N N 63  
ASP OD1    O N N 64  
ASP OD2    O N N 65  
ASP OXT    O N N 66  
ASP H      H N N 67  
ASP H2     H N N 68  
ASP HA     H N N 69  
ASP HB2    H N N 70  
ASP HB3    H N N 71  
ASP HD2    H N N 72  
ASP HXT    H N N 73  
C2E P1     P N N 74  
C2E O2P    O N N 75  
C2E O1P    O N N 76  
C2E "O5'"  O N N 77  
C2E "C5'"  C N N 78  
C2E "C4'"  C N R 79  
C2E "O4'"  O N N 80  
C2E "C3'"  C N S 81  
C2E "O3'"  O N N 82  
C2E "C2'"  C N R 83  
C2E "O2'"  O N N 84  
C2E "C1'"  C N R 85  
C2E N9     N Y N 86  
C2E C8     C Y N 87  
C2E N7     N Y N 88  
C2E C5     C Y N 89  
C2E C6     C N N 90  
C2E O6     O N N 91  
C2E N1     N N N 92  
C2E C2     C N N 93  
C2E N2     N N N 94  
C2E N3     N N N 95  
C2E C4     C Y N 96  
C2E P11    P N N 97  
C2E O21    O N N 98  
C2E O11    O N N 99  
C2E O5A    O N N 100 
C2E C5A    C N N 101 
C2E C4A    C N R 102 
C2E O4A    O N N 103 
C2E C3A    C N S 104 
C2E O3A    O N N 105 
C2E C2A    C N R 106 
C2E O2A    O N N 107 
C2E C1A    C N R 108 
C2E N91    N Y N 109 
C2E C81    C Y N 110 
C2E N71    N Y N 111 
C2E C51    C Y N 112 
C2E C61    C N N 113 
C2E O61    O N N 114 
C2E N11    N N N 115 
C2E C21    C N N 116 
C2E N21    N N N 117 
C2E N31    N N N 118 
C2E C41    C Y N 119 
C2E HO2P   H N N 120 
C2E "H5'1" H N N 121 
C2E "H5'2" H N N 122 
C2E "H4'"  H N N 123 
C2E "H3'"  H N N 124 
C2E "H2'"  H N N 125 
C2E "HO2'" H N N 126 
C2E "H1'"  H N N 127 
C2E H8     H N N 128 
C2E HN1    H N N 129 
C2E HN21   H N N 130 
C2E HN22   H N N 131 
C2E HO21   H N N 132 
C2E H511   H N N 133 
C2E H512   H N N 134 
C2E H4A    H N N 135 
C2E H3A    H N N 136 
C2E H2A    H N N 137 
C2E HO2A   H N N 138 
C2E H1A    H N N 139 
C2E H81    H N N 140 
C2E HN11   H N N 141 
C2E HN24   H N N 142 
C2E HN23   H N N 143 
CYS N      N N N 144 
CYS CA     C N R 145 
CYS C      C N N 146 
CYS O      O N N 147 
CYS CB     C N N 148 
CYS SG     S N N 149 
CYS OXT    O N N 150 
CYS H      H N N 151 
CYS H2     H N N 152 
CYS HA     H N N 153 
CYS HB2    H N N 154 
CYS HB3    H N N 155 
CYS HG     H N N 156 
CYS HXT    H N N 157 
GLN N      N N N 158 
GLN CA     C N S 159 
GLN C      C N N 160 
GLN O      O N N 161 
GLN CB     C N N 162 
GLN CG     C N N 163 
GLN CD     C N N 164 
GLN OE1    O N N 165 
GLN NE2    N N N 166 
GLN OXT    O N N 167 
GLN H      H N N 168 
GLN H2     H N N 169 
GLN HA     H N N 170 
GLN HB2    H N N 171 
GLN HB3    H N N 172 
GLN HG2    H N N 173 
GLN HG3    H N N 174 
GLN HE21   H N N 175 
GLN HE22   H N N 176 
GLN HXT    H N N 177 
GLU N      N N N 178 
GLU CA     C N S 179 
GLU C      C N N 180 
GLU O      O N N 181 
GLU CB     C N N 182 
GLU CG     C N N 183 
GLU CD     C N N 184 
GLU OE1    O N N 185 
GLU OE2    O N N 186 
GLU OXT    O N N 187 
GLU H      H N N 188 
GLU H2     H N N 189 
GLU HA     H N N 190 
GLU HB2    H N N 191 
GLU HB3    H N N 192 
GLU HG2    H N N 193 
GLU HG3    H N N 194 
GLU HE2    H N N 195 
GLU HXT    H N N 196 
GLY N      N N N 197 
GLY CA     C N N 198 
GLY C      C N N 199 
GLY O      O N N 200 
GLY OXT    O N N 201 
GLY H      H N N 202 
GLY H2     H N N 203 
GLY HA2    H N N 204 
GLY HA3    H N N 205 
GLY HXT    H N N 206 
GOL C1     C N N 207 
GOL O1     O N N 208 
GOL C2     C N N 209 
GOL O2     O N N 210 
GOL C3     C N N 211 
GOL O3     O N N 212 
GOL H11    H N N 213 
GOL H12    H N N 214 
GOL HO1    H N N 215 
GOL H2     H N N 216 
GOL HO2    H N N 217 
GOL H31    H N N 218 
GOL H32    H N N 219 
GOL HO3    H N N 220 
HIS N      N N N 221 
HIS CA     C N S 222 
HIS C      C N N 223 
HIS O      O N N 224 
HIS CB     C N N 225 
HIS CG     C Y N 226 
HIS ND1    N Y N 227 
HIS CD2    C Y N 228 
HIS CE1    C Y N 229 
HIS NE2    N Y N 230 
HIS OXT    O N N 231 
HIS H      H N N 232 
HIS H2     H N N 233 
HIS HA     H N N 234 
HIS HB2    H N N 235 
HIS HB3    H N N 236 
HIS HD1    H N N 237 
HIS HD2    H N N 238 
HIS HE1    H N N 239 
HIS HE2    H N N 240 
HIS HXT    H N N 241 
HOH O      O N N 242 
HOH H1     H N N 243 
HOH H2     H N N 244 
ILE N      N N N 245 
ILE CA     C N S 246 
ILE C      C N N 247 
ILE O      O N N 248 
ILE CB     C N S 249 
ILE CG1    C N N 250 
ILE CG2    C N N 251 
ILE CD1    C N N 252 
ILE OXT    O N N 253 
ILE H      H N N 254 
ILE H2     H N N 255 
ILE HA     H N N 256 
ILE HB     H N N 257 
ILE HG12   H N N 258 
ILE HG13   H N N 259 
ILE HG21   H N N 260 
ILE HG22   H N N 261 
ILE HG23   H N N 262 
ILE HD11   H N N 263 
ILE HD12   H N N 264 
ILE HD13   H N N 265 
ILE HXT    H N N 266 
LEU N      N N N 267 
LEU CA     C N S 268 
LEU C      C N N 269 
LEU O      O N N 270 
LEU CB     C N N 271 
LEU CG     C N N 272 
LEU CD1    C N N 273 
LEU CD2    C N N 274 
LEU OXT    O N N 275 
LEU H      H N N 276 
LEU H2     H N N 277 
LEU HA     H N N 278 
LEU HB2    H N N 279 
LEU HB3    H N N 280 
LEU HG     H N N 281 
LEU HD11   H N N 282 
LEU HD12   H N N 283 
LEU HD13   H N N 284 
LEU HD21   H N N 285 
LEU HD22   H N N 286 
LEU HD23   H N N 287 
LEU HXT    H N N 288 
LYS N      N N N 289 
LYS CA     C N S 290 
LYS C      C N N 291 
LYS O      O N N 292 
LYS CB     C N N 293 
LYS CG     C N N 294 
LYS CD     C N N 295 
LYS CE     C N N 296 
LYS NZ     N N N 297 
LYS OXT    O N N 298 
LYS H      H N N 299 
LYS H2     H N N 300 
LYS HA     H N N 301 
LYS HB2    H N N 302 
LYS HB3    H N N 303 
LYS HG2    H N N 304 
LYS HG3    H N N 305 
LYS HD2    H N N 306 
LYS HD3    H N N 307 
LYS HE2    H N N 308 
LYS HE3    H N N 309 
LYS HZ1    H N N 310 
LYS HZ2    H N N 311 
LYS HZ3    H N N 312 
LYS HXT    H N N 313 
MET N      N N N 314 
MET CA     C N S 315 
MET C      C N N 316 
MET O      O N N 317 
MET CB     C N N 318 
MET CG     C N N 319 
MET SD     S N N 320 
MET CE     C N N 321 
MET OXT    O N N 322 
MET H      H N N 323 
MET H2     H N N 324 
MET HA     H N N 325 
MET HB2    H N N 326 
MET HB3    H N N 327 
MET HG2    H N N 328 
MET HG3    H N N 329 
MET HE1    H N N 330 
MET HE2    H N N 331 
MET HE3    H N N 332 
MET HXT    H N N 333 
PHE N      N N N 334 
PHE CA     C N S 335 
PHE C      C N N 336 
PHE O      O N N 337 
PHE CB     C N N 338 
PHE CG     C Y N 339 
PHE CD1    C Y N 340 
PHE CD2    C Y N 341 
PHE CE1    C Y N 342 
PHE CE2    C Y N 343 
PHE CZ     C Y N 344 
PHE OXT    O N N 345 
PHE H      H N N 346 
PHE H2     H N N 347 
PHE HA     H N N 348 
PHE HB2    H N N 349 
PHE HB3    H N N 350 
PHE HD1    H N N 351 
PHE HD2    H N N 352 
PHE HE1    H N N 353 
PHE HE2    H N N 354 
PHE HZ     H N N 355 
PHE HXT    H N N 356 
PRO N      N N N 357 
PRO CA     C N S 358 
PRO C      C N N 359 
PRO O      O N N 360 
PRO CB     C N N 361 
PRO CG     C N N 362 
PRO CD     C N N 363 
PRO OXT    O N N 364 
PRO H      H N N 365 
PRO HA     H N N 366 
PRO HB2    H N N 367 
PRO HB3    H N N 368 
PRO HG2    H N N 369 
PRO HG3    H N N 370 
PRO HD2    H N N 371 
PRO HD3    H N N 372 
PRO HXT    H N N 373 
SER N      N N N 374 
SER CA     C N S 375 
SER C      C N N 376 
SER O      O N N 377 
SER CB     C N N 378 
SER OG     O N N 379 
SER OXT    O N N 380 
SER H      H N N 381 
SER H2     H N N 382 
SER HA     H N N 383 
SER HB2    H N N 384 
SER HB3    H N N 385 
SER HG     H N N 386 
SER HXT    H N N 387 
THR N      N N N 388 
THR CA     C N S 389 
THR C      C N N 390 
THR O      O N N 391 
THR CB     C N R 392 
THR OG1    O N N 393 
THR CG2    C N N 394 
THR OXT    O N N 395 
THR H      H N N 396 
THR H2     H N N 397 
THR HA     H N N 398 
THR HB     H N N 399 
THR HG1    H N N 400 
THR HG21   H N N 401 
THR HG22   H N N 402 
THR HG23   H N N 403 
THR HXT    H N N 404 
TYR N      N N N 405 
TYR CA     C N S 406 
TYR C      C N N 407 
TYR O      O N N 408 
TYR CB     C N N 409 
TYR CG     C Y N 410 
TYR CD1    C Y N 411 
TYR CD2    C Y N 412 
TYR CE1    C Y N 413 
TYR CE2    C Y N 414 
TYR CZ     C Y N 415 
TYR OH     O N N 416 
TYR OXT    O N N 417 
TYR H      H N N 418 
TYR H2     H N N 419 
TYR HA     H N N 420 
TYR HB2    H N N 421 
TYR HB3    H N N 422 
TYR HD1    H N N 423 
TYR HD2    H N N 424 
TYR HE1    H N N 425 
TYR HE2    H N N 426 
TYR HH     H N N 427 
TYR HXT    H N N 428 
VAL N      N N N 429 
VAL CA     C N S 430 
VAL C      C N N 431 
VAL O      O N N 432 
VAL CB     C N N 433 
VAL CG1    C N N 434 
VAL CG2    C N N 435 
VAL OXT    O N N 436 
VAL H      H N N 437 
VAL H2     H N N 438 
VAL HA     H N N 439 
VAL HB     H N N 440 
VAL HG11   H N N 441 
VAL HG12   H N N 442 
VAL HG13   H N N 443 
VAL HG21   H N N 444 
VAL HG22   H N N 445 
VAL HG23   H N N 446 
VAL HXT    H N N 447 
# 
loop_
_chem_comp_bond.comp_id 
_chem_comp_bond.atom_id_1 
_chem_comp_bond.atom_id_2 
_chem_comp_bond.value_order 
_chem_comp_bond.pdbx_aromatic_flag 
_chem_comp_bond.pdbx_stereo_config 
_chem_comp_bond.pdbx_ordinal 
ALA N     CA     sing N N 1   
ALA N     H      sing N N 2   
ALA N     H2     sing N N 3   
ALA CA    C      sing N N 4   
ALA CA    CB     sing N N 5   
ALA CA    HA     sing N N 6   
ALA C     O      doub N N 7   
ALA C     OXT    sing N N 8   
ALA CB    HB1    sing N N 9   
ALA CB    HB2    sing N N 10  
ALA CB    HB3    sing N N 11  
ALA OXT   HXT    sing N N 12  
ARG N     CA     sing N N 13  
ARG N     H      sing N N 14  
ARG N     H2     sing N N 15  
ARG CA    C      sing N N 16  
ARG CA    CB     sing N N 17  
ARG CA    HA     sing N N 18  
ARG C     O      doub N N 19  
ARG C     OXT    sing N N 20  
ARG CB    CG     sing N N 21  
ARG CB    HB2    sing N N 22  
ARG CB    HB3    sing N N 23  
ARG CG    CD     sing N N 24  
ARG CG    HG2    sing N N 25  
ARG CG    HG3    sing N N 26  
ARG CD    NE     sing N N 27  
ARG CD    HD2    sing N N 28  
ARG CD    HD3    sing N N 29  
ARG NE    CZ     sing N N 30  
ARG NE    HE     sing N N 31  
ARG CZ    NH1    sing N N 32  
ARG CZ    NH2    doub N N 33  
ARG NH1   HH11   sing N N 34  
ARG NH1   HH12   sing N N 35  
ARG NH2   HH21   sing N N 36  
ARG NH2   HH22   sing N N 37  
ARG OXT   HXT    sing N N 38  
ASN N     CA     sing N N 39  
ASN N     H      sing N N 40  
ASN N     H2     sing N N 41  
ASN CA    C      sing N N 42  
ASN CA    CB     sing N N 43  
ASN CA    HA     sing N N 44  
ASN C     O      doub N N 45  
ASN C     OXT    sing N N 46  
ASN CB    CG     sing N N 47  
ASN CB    HB2    sing N N 48  
ASN CB    HB3    sing N N 49  
ASN CG    OD1    doub N N 50  
ASN CG    ND2    sing N N 51  
ASN ND2   HD21   sing N N 52  
ASN ND2   HD22   sing N N 53  
ASN OXT   HXT    sing N N 54  
ASP N     CA     sing N N 55  
ASP N     H      sing N N 56  
ASP N     H2     sing N N 57  
ASP CA    C      sing N N 58  
ASP CA    CB     sing N N 59  
ASP CA    HA     sing N N 60  
ASP C     O      doub N N 61  
ASP C     OXT    sing N N 62  
ASP CB    CG     sing N N 63  
ASP CB    HB2    sing N N 64  
ASP CB    HB3    sing N N 65  
ASP CG    OD1    doub N N 66  
ASP CG    OD2    sing N N 67  
ASP OD2   HD2    sing N N 68  
ASP OXT   HXT    sing N N 69  
C2E P1    O2P    sing N N 70  
C2E O1P   P1     doub N N 71  
C2E "O5'" P1     sing N N 72  
C2E "C5'" "O5'"  sing N N 73  
C2E "C4'" "O4'"  sing N N 74  
C2E "C4'" "C5'"  sing N N 75  
C2E "C3'" "C4'"  sing N N 76  
C2E "O3'" P11    sing N N 77  
C2E "O3'" "C3'"  sing N N 78  
C2E "C2'" "C3'"  sing N N 79  
C2E "C2'" "C1'"  sing N N 80  
C2E "O2'" "C2'"  sing N N 81  
C2E "C1'" "O4'"  sing N N 82  
C2E "C1'" N9     sing N N 83  
C2E N9    C4     sing Y N 84  
C2E N9    C8     sing Y N 85  
C2E C8    N7     doub Y N 86  
C2E C5    N7     sing Y N 87  
C2E C5    C6     sing N N 88  
C2E C6    O6     doub N N 89  
C2E N1    C6     sing N N 90  
C2E C2    N1     sing N N 91  
C2E N2    C2     sing N N 92  
C2E N3    C2     doub N N 93  
C2E N3    C4     sing N N 94  
C2E C4    C5     doub Y N 95  
C2E P11   O21    sing N N 96  
C2E P11   O5A    sing N N 97  
C2E O11   P11    doub N N 98  
C2E C5A   O5A    sing N N 99  
C2E C5A   C4A    sing N N 100 
C2E C4A   O4A    sing N N 101 
C2E C4A   C3A    sing N N 102 
C2E O4A   C1A    sing N N 103 
C2E C3A   C2A    sing N N 104 
C2E O3A   C3A    sing N N 105 
C2E O3A   P1     sing N N 106 
C2E C2A   O2A    sing N N 107 
C2E C1A   C2A    sing N N 108 
C2E C1A   N91    sing N N 109 
C2E N91   C41    sing Y N 110 
C2E C81   N71    doub Y N 111 
C2E C81   N91    sing Y N 112 
C2E N71   C51    sing Y N 113 
C2E C51   C41    doub Y N 114 
C2E C51   C61    sing N N 115 
C2E C61   O61    doub N N 116 
C2E C61   N11    sing N N 117 
C2E C21   N11    sing N N 118 
C2E C21   N21    sing N N 119 
C2E N31   C21    doub N N 120 
C2E C41   N31    sing N N 121 
C2E O2P   HO2P   sing N N 122 
C2E "C5'" "H5'1" sing N N 123 
C2E "C5'" "H5'2" sing N N 124 
C2E "C4'" "H4'"  sing N N 125 
C2E "C3'" "H3'"  sing N N 126 
C2E "C2'" "H2'"  sing N N 127 
C2E "O2'" "HO2'" sing N N 128 
C2E "C1'" "H1'"  sing N N 129 
C2E C8    H8     sing N N 130 
C2E N1    HN1    sing N N 131 
C2E N2    HN21   sing N N 132 
C2E N2    HN22   sing N N 133 
C2E O21   HO21   sing N N 134 
C2E C5A   H511   sing N N 135 
C2E C5A   H512   sing N N 136 
C2E C4A   H4A    sing N N 137 
C2E C3A   H3A    sing N N 138 
C2E C2A   H2A    sing N N 139 
C2E O2A   HO2A   sing N N 140 
C2E C1A   H1A    sing N N 141 
C2E C81   H81    sing N N 142 
C2E N11   HN11   sing N N 143 
C2E N21   HN24   sing N N 144 
C2E N21   HN23   sing N N 145 
CYS N     CA     sing N N 146 
CYS N     H      sing N N 147 
CYS N     H2     sing N N 148 
CYS CA    C      sing N N 149 
CYS CA    CB     sing N N 150 
CYS CA    HA     sing N N 151 
CYS C     O      doub N N 152 
CYS C     OXT    sing N N 153 
CYS CB    SG     sing N N 154 
CYS CB    HB2    sing N N 155 
CYS CB    HB3    sing N N 156 
CYS SG    HG     sing N N 157 
CYS OXT   HXT    sing N N 158 
GLN N     CA     sing N N 159 
GLN N     H      sing N N 160 
GLN N     H2     sing N N 161 
GLN CA    C      sing N N 162 
GLN CA    CB     sing N N 163 
GLN CA    HA     sing N N 164 
GLN C     O      doub N N 165 
GLN C     OXT    sing N N 166 
GLN CB    CG     sing N N 167 
GLN CB    HB2    sing N N 168 
GLN CB    HB3    sing N N 169 
GLN CG    CD     sing N N 170 
GLN CG    HG2    sing N N 171 
GLN CG    HG3    sing N N 172 
GLN CD    OE1    doub N N 173 
GLN CD    NE2    sing N N 174 
GLN NE2   HE21   sing N N 175 
GLN NE2   HE22   sing N N 176 
GLN OXT   HXT    sing N N 177 
GLU N     CA     sing N N 178 
GLU N     H      sing N N 179 
GLU N     H2     sing N N 180 
GLU CA    C      sing N N 181 
GLU CA    CB     sing N N 182 
GLU CA    HA     sing N N 183 
GLU C     O      doub N N 184 
GLU C     OXT    sing N N 185 
GLU CB    CG     sing N N 186 
GLU CB    HB2    sing N N 187 
GLU CB    HB3    sing N N 188 
GLU CG    CD     sing N N 189 
GLU CG    HG2    sing N N 190 
GLU CG    HG3    sing N N 191 
GLU CD    OE1    doub N N 192 
GLU CD    OE2    sing N N 193 
GLU OE2   HE2    sing N N 194 
GLU OXT   HXT    sing N N 195 
GLY N     CA     sing N N 196 
GLY N     H      sing N N 197 
GLY N     H2     sing N N 198 
GLY CA    C      sing N N 199 
GLY CA    HA2    sing N N 200 
GLY CA    HA3    sing N N 201 
GLY C     O      doub N N 202 
GLY C     OXT    sing N N 203 
GLY OXT   HXT    sing N N 204 
GOL C1    O1     sing N N 205 
GOL C1    C2     sing N N 206 
GOL C1    H11    sing N N 207 
GOL C1    H12    sing N N 208 
GOL O1    HO1    sing N N 209 
GOL C2    O2     sing N N 210 
GOL C2    C3     sing N N 211 
GOL C2    H2     sing N N 212 
GOL O2    HO2    sing N N 213 
GOL C3    O3     sing N N 214 
GOL C3    H31    sing N N 215 
GOL C3    H32    sing N N 216 
GOL O3    HO3    sing N N 217 
HIS N     CA     sing N N 218 
HIS N     H      sing N N 219 
HIS N     H2     sing N N 220 
HIS CA    C      sing N N 221 
HIS CA    CB     sing N N 222 
HIS CA    HA     sing N N 223 
HIS C     O      doub N N 224 
HIS C     OXT    sing N N 225 
HIS CB    CG     sing N N 226 
HIS CB    HB2    sing N N 227 
HIS CB    HB3    sing N N 228 
HIS CG    ND1    sing Y N 229 
HIS CG    CD2    doub Y N 230 
HIS ND1   CE1    doub Y N 231 
HIS ND1   HD1    sing N N 232 
HIS CD2   NE2    sing Y N 233 
HIS CD2   HD2    sing N N 234 
HIS CE1   NE2    sing Y N 235 
HIS CE1   HE1    sing N N 236 
HIS NE2   HE2    sing N N 237 
HIS OXT   HXT    sing N N 238 
HOH O     H1     sing N N 239 
HOH O     H2     sing N N 240 
ILE N     CA     sing N N 241 
ILE N     H      sing N N 242 
ILE N     H2     sing N N 243 
ILE CA    C      sing N N 244 
ILE CA    CB     sing N N 245 
ILE CA    HA     sing N N 246 
ILE C     O      doub N N 247 
ILE C     OXT    sing N N 248 
ILE CB    CG1    sing N N 249 
ILE CB    CG2    sing N N 250 
ILE CB    HB     sing N N 251 
ILE CG1   CD1    sing N N 252 
ILE CG1   HG12   sing N N 253 
ILE CG1   HG13   sing N N 254 
ILE CG2   HG21   sing N N 255 
ILE CG2   HG22   sing N N 256 
ILE CG2   HG23   sing N N 257 
ILE CD1   HD11   sing N N 258 
ILE CD1   HD12   sing N N 259 
ILE CD1   HD13   sing N N 260 
ILE OXT   HXT    sing N N 261 
LEU N     CA     sing N N 262 
LEU N     H      sing N N 263 
LEU N     H2     sing N N 264 
LEU CA    C      sing N N 265 
LEU CA    CB     sing N N 266 
LEU CA    HA     sing N N 267 
LEU C     O      doub N N 268 
LEU C     OXT    sing N N 269 
LEU CB    CG     sing N N 270 
LEU CB    HB2    sing N N 271 
LEU CB    HB3    sing N N 272 
LEU CG    CD1    sing N N 273 
LEU CG    CD2    sing N N 274 
LEU CG    HG     sing N N 275 
LEU CD1   HD11   sing N N 276 
LEU CD1   HD12   sing N N 277 
LEU CD1   HD13   sing N N 278 
LEU CD2   HD21   sing N N 279 
LEU CD2   HD22   sing N N 280 
LEU CD2   HD23   sing N N 281 
LEU OXT   HXT    sing N N 282 
LYS N     CA     sing N N 283 
LYS N     H      sing N N 284 
LYS N     H2     sing N N 285 
LYS CA    C      sing N N 286 
LYS CA    CB     sing N N 287 
LYS CA    HA     sing N N 288 
LYS C     O      doub N N 289 
LYS C     OXT    sing N N 290 
LYS CB    CG     sing N N 291 
LYS CB    HB2    sing N N 292 
LYS CB    HB3    sing N N 293 
LYS CG    CD     sing N N 294 
LYS CG    HG2    sing N N 295 
LYS CG    HG3    sing N N 296 
LYS CD    CE     sing N N 297 
LYS CD    HD2    sing N N 298 
LYS CD    HD3    sing N N 299 
LYS CE    NZ     sing N N 300 
LYS CE    HE2    sing N N 301 
LYS CE    HE3    sing N N 302 
LYS NZ    HZ1    sing N N 303 
LYS NZ    HZ2    sing N N 304 
LYS NZ    HZ3    sing N N 305 
LYS OXT   HXT    sing N N 306 
MET N     CA     sing N N 307 
MET N     H      sing N N 308 
MET N     H2     sing N N 309 
MET CA    C      sing N N 310 
MET CA    CB     sing N N 311 
MET CA    HA     sing N N 312 
MET C     O      doub N N 313 
MET C     OXT    sing N N 314 
MET CB    CG     sing N N 315 
MET CB    HB2    sing N N 316 
MET CB    HB3    sing N N 317 
MET CG    SD     sing N N 318 
MET CG    HG2    sing N N 319 
MET CG    HG3    sing N N 320 
MET SD    CE     sing N N 321 
MET CE    HE1    sing N N 322 
MET CE    HE2    sing N N 323 
MET CE    HE3    sing N N 324 
MET OXT   HXT    sing N N 325 
PHE N     CA     sing N N 326 
PHE N     H      sing N N 327 
PHE N     H2     sing N N 328 
PHE CA    C      sing N N 329 
PHE CA    CB     sing N N 330 
PHE CA    HA     sing N N 331 
PHE C     O      doub N N 332 
PHE C     OXT    sing N N 333 
PHE CB    CG     sing N N 334 
PHE CB    HB2    sing N N 335 
PHE CB    HB3    sing N N 336 
PHE CG    CD1    doub Y N 337 
PHE CG    CD2    sing Y N 338 
PHE CD1   CE1    sing Y N 339 
PHE CD1   HD1    sing N N 340 
PHE CD2   CE2    doub Y N 341 
PHE CD2   HD2    sing N N 342 
PHE CE1   CZ     doub Y N 343 
PHE CE1   HE1    sing N N 344 
PHE CE2   CZ     sing Y N 345 
PHE CE2   HE2    sing N N 346 
PHE CZ    HZ     sing N N 347 
PHE OXT   HXT    sing N N 348 
PRO N     CA     sing N N 349 
PRO N     CD     sing N N 350 
PRO N     H      sing N N 351 
PRO CA    C      sing N N 352 
PRO CA    CB     sing N N 353 
PRO CA    HA     sing N N 354 
PRO C     O      doub N N 355 
PRO C     OXT    sing N N 356 
PRO CB    CG     sing N N 357 
PRO CB    HB2    sing N N 358 
PRO CB    HB3    sing N N 359 
PRO CG    CD     sing N N 360 
PRO CG    HG2    sing N N 361 
PRO CG    HG3    sing N N 362 
PRO CD    HD2    sing N N 363 
PRO CD    HD3    sing N N 364 
PRO OXT   HXT    sing N N 365 
SER N     CA     sing N N 366 
SER N     H      sing N N 367 
SER N     H2     sing N N 368 
SER CA    C      sing N N 369 
SER CA    CB     sing N N 370 
SER CA    HA     sing N N 371 
SER C     O      doub N N 372 
SER C     OXT    sing N N 373 
SER CB    OG     sing N N 374 
SER CB    HB2    sing N N 375 
SER CB    HB3    sing N N 376 
SER OG    HG     sing N N 377 
SER OXT   HXT    sing N N 378 
THR N     CA     sing N N 379 
THR N     H      sing N N 380 
THR N     H2     sing N N 381 
THR CA    C      sing N N 382 
THR CA    CB     sing N N 383 
THR CA    HA     sing N N 384 
THR C     O      doub N N 385 
THR C     OXT    sing N N 386 
THR CB    OG1    sing N N 387 
THR CB    CG2    sing N N 388 
THR CB    HB     sing N N 389 
THR OG1   HG1    sing N N 390 
THR CG2   HG21   sing N N 391 
THR CG2   HG22   sing N N 392 
THR CG2   HG23   sing N N 393 
THR OXT   HXT    sing N N 394 
TYR N     CA     sing N N 395 
TYR N     H      sing N N 396 
TYR N     H2     sing N N 397 
TYR CA    C      sing N N 398 
TYR CA    CB     sing N N 399 
TYR CA    HA     sing N N 400 
TYR C     O      doub N N 401 
TYR C     OXT    sing N N 402 
TYR CB    CG     sing N N 403 
TYR CB    HB2    sing N N 404 
TYR CB    HB3    sing N N 405 
TYR CG    CD1    doub Y N 406 
TYR CG    CD2    sing Y N 407 
TYR CD1   CE1    sing Y N 408 
TYR CD1   HD1    sing N N 409 
TYR CD2   CE2    doub Y N 410 
TYR CD2   HD2    sing N N 411 
TYR CE1   CZ     doub Y N 412 
TYR CE1   HE1    sing N N 413 
TYR CE2   CZ     sing Y N 414 
TYR CE2   HE2    sing N N 415 
TYR CZ    OH     sing N N 416 
TYR OH    HH     sing N N 417 
TYR OXT   HXT    sing N N 418 
VAL N     CA     sing N N 419 
VAL N     H      sing N N 420 
VAL N     H2     sing N N 421 
VAL CA    C      sing N N 422 
VAL CA    CB     sing N N 423 
VAL CA    HA     sing N N 424 
VAL C     O      doub N N 425 
VAL C     OXT    sing N N 426 
VAL CB    CG1    sing N N 427 
VAL CB    CG2    sing N N 428 
VAL CB    HB     sing N N 429 
VAL CG1   HG11   sing N N 430 
VAL CG1   HG12   sing N N 431 
VAL CG1   HG13   sing N N 432 
VAL CG2   HG21   sing N N 433 
VAL CG2   HG22   sing N N 434 
VAL CG2   HG23   sing N N 435 
VAL OXT   HXT    sing N N 436 
# 
_pdbx_audit_support.funding_organization   'National Institutes of Health/National Library of Medicine (NIH/NLM)' 
_pdbx_audit_support.country                'United States' 
_pdbx_audit_support.grant_number           1R01AI170557-01A1 
_pdbx_audit_support.ordinal                1 
# 
_pdbx_initial_refinement_model.id               1 
_pdbx_initial_refinement_model.entity_id_list   ? 
_pdbx_initial_refinement_model.type             'in silico model' 
_pdbx_initial_refinement_model.source_name      AlphaFold 
_pdbx_initial_refinement_model.accession_code   A0A6N0KW37 
_pdbx_initial_refinement_model.details          ? 
# 
_atom_sites.entry_id                    8U0I 
_atom_sites.Cartn_transf_matrix[1][1]   ? 
_atom_sites.Cartn_transf_matrix[1][2]   ? 
_atom_sites.Cartn_transf_matrix[1][3]   ? 
_atom_sites.Cartn_transf_matrix[2][1]   ? 
_atom_sites.Cartn_transf_matrix[2][2]   ? 
_atom_sites.Cartn_transf_matrix[2][3]   ? 
_atom_sites.Cartn_transf_matrix[3][1]   ? 
_atom_sites.Cartn_transf_matrix[3][2]   ? 
_atom_sites.Cartn_transf_matrix[3][3]   ? 
_atom_sites.Cartn_transf_vector[1]      ? 
_atom_sites.Cartn_transf_vector[2]      ? 
_atom_sites.Cartn_transf_vector[3]      ? 
_atom_sites.Cartn_transform_axes        ? 
_atom_sites.fract_transf_matrix[1][1]   0.01725348 
_atom_sites.fract_transf_matrix[1][2]   0.00220441 
_atom_sites.fract_transf_matrix[1][3]   -0.00961426 
_atom_sites.fract_transf_matrix[2][1]   0.00498498 
_atom_sites.fract_transf_matrix[2][2]   -0.01866413 
_atom_sites.fract_transf_matrix[2][3]   0.00466650 
_atom_sites.fract_transf_matrix[3][1]   -0.00472720 
_atom_sites.fract_transf_matrix[3][2]   -0.00358939 
_atom_sites.fract_transf_matrix[3][3]   -0.00930630 
_atom_sites.fract_transf_vector[1]      -0.356029 
_atom_sites.fract_transf_vector[2]      -0.074809 
_atom_sites.fract_transf_vector[3]      -0.150188 
_atom_sites.solution_primary            ? 
_atom_sites.solution_secondary          ? 
_atom_sites.solution_hydrogens          ? 
_atom_sites.special_details             ? 
# 
loop_
_atom_type.symbol 
C 
H 
N 
O 
P 
S 
# 
loop_
_atom_site.group_PDB 
_atom_site.id 
_atom_site.type_symbol 
_atom_site.label_atom_id 
_atom_site.label_alt_id 
_atom_site.label_comp_id 
_atom_site.label_asym_id 
_atom_site.label_entity_id 
_atom_site.label_seq_id 
_atom_site.pdbx_PDB_ins_code 
_atom_site.Cartn_x 
_atom_site.Cartn_y 
_atom_site.Cartn_z 
_atom_site.occupancy 
_atom_site.B_iso_or_equiv 
_atom_site.pdbx_formal_charge 
_atom_site.auth_seq_id 
_atom_site.auth_comp_id 
_atom_site.auth_asym_id 
_atom_site.auth_atom_id 
_atom_site.pdbx_PDB_model_num 
ATOM   1    N N      . ASP A 1 4  ? 10.296  -12.198 -20.255 1    54.584 ? 2   ASP A N      1 
ATOM   2    C CA     . ASP A 1 4  ? 10.946  -11.225 -19.335 1    46.668 ? 2   ASP A CA     1 
ATOM   3    C C      . ASP A 1 4  ? 9.937   -10.728 -18.288 1    39.79  ? 2   ASP A C      1 
ATOM   4    O O      . ASP A 1 4  ? 10.338  -10.370 -17.206 1    45.775 ? 2   ASP A O      1 
ATOM   5    C CB     . ASP A 1 4  ? 11.745  -10.132 -20.053 1    45.063 ? 2   ASP A CB     1 
ATOM   6    C CG     . ASP A 1 4  ? 11.093  -9.254  -21.122 1    48.953 ? 2   ASP A CG     1 
ATOM   7    O OD1    . ASP A 1 4  ? 9.946   -9.515  -21.553 1    45.487 ? 2   ASP A OD1    1 
ATOM   8    O OD2    . ASP A 1 4  ? 11.746  -8.265  -21.530 1    61.837 ? 2   ASP A OD2    1 
ATOM   9    H H      . ASP A 1 4  ? 10.928  -12.623 -20.738 1    51.863 ? 2   ASP A H      1 
ATOM   10   H HA     . ASP A 1 4  ? 11.637  -11.722 -18.842 1    46.388 ? 2   ASP A HA     1 
ATOM   11   H HB2    . ASP A 1 4  ? 12.097  -9.531  -19.364 1    46.3   ? 2   ASP A HB2    1 
ATOM   12   H HB3    . ASP A 1 4  ? 12.517  -10.567 -20.473 1    46.3   ? 2   ASP A HB3    1 
ATOM   13   N N      . ASN A 1 5  ? 8.633   -10.752 -18.559 1    34.423 ? 3   ASN A N      1 
ATOM   14   C CA     . ASN A 1 5  ? 7.679   -10.143 -17.620 1    31.561 ? 3   ASN A CA     1 
ATOM   15   C C      . ASN A 1 5  ? 7.621   -11.016 -16.375 1    29.554 ? 3   ASN A C      1 
ATOM   16   O O      . ASN A 1 5  ? 7.186   -12.161 -16.444 1    31.636 ? 3   ASN A O      1 
ATOM   17   C CB     . ASN A 1 5  ? 6.314   -9.987  -18.282 1    29.7   ? 3   ASN A CB     1 
ATOM   18   C CG     . ASN A 1 5  ? 5.218   -9.561  -17.336 1    31.305 ? 3   ASN A CG     1 
ATOM   19   O OD1    . ASN A 1 5  ? 5.488   -8.995  -16.268 1    24.346 ? 3   ASN A OD1    1 
ATOM   20   N ND2    . ASN A 1 5  ? 3.985   -9.782  -17.748 1    34.257 ? 3   ASN A ND2    1 
ATOM   21   H H      . ASN A 1 5  ? 8.321   -11.140 -19.326 1    35.24  ? 3   ASN A H      1 
ATOM   22   H HA     . ASN A 1 5  ? 8.002   -9.245  -17.377 1    31.408 ? 3   ASN A HA     1 
ATOM   23   H HB2    . ASN A 1 5  ? 6.385   -9.325  -18.998 1    30.49  ? 3   ASN A HB2    1 
ATOM   24   H HB3    . ASN A 1 5  ? 6.062   -10.839 -18.690 1    30.527 ? 3   ASN A HB3    1 
ATOM   25   H HD21   . ASN A 1 5  ? 3.317   -9.762  -17.165 1    33.229 ? 3   ASN A HD21   1 
ATOM   26   H HD22   . ASN A 1 5  ? 3.826   -9.952  -18.604 1    33.251 ? 3   ASN A HD22   1 
ATOM   27   N N      . GLN A 1 6  ? 8.050   -10.483 -15.224 1    27.234 ? 4   GLN A N      1 
ATOM   28   C CA     . GLN A 1 6  ? 8.042   -11.286 -14.011 1    27.982 ? 4   GLN A CA     1 
ATOM   29   C C      . GLN A 1 6  ? 6.814   -11.063 -13.126 1    29.975 ? 4   GLN A C      1 
ATOM   30   O O      . GLN A 1 6  ? 6.679   -11.685 -12.060 1    23.686 ? 4   GLN A O      1 
ATOM   31   C CB     . GLN A 1 6  ? 9.236   -10.862 -13.186 1    32.324 ? 4   GLN A CB     1 
ATOM   32   C CG     . GLN A 1 6  ? 10.549  -10.889 -13.950 1    35.705 ? 4   GLN A CG     1 
ATOM   33   C CD     . GLN A 1 6  ? 11.452  -9.832  -13.367 1    44.285 ? 4   GLN A CD     1 
ATOM   34   O OE1    . GLN A 1 6  ? 12.231  -10.163 -12.469 1    43.761 ? 4   GLN A OE1    1 
ATOM   35   N NE2    . GLN A 1 6  ? 11.203  -8.556  -13.714 1    37.788 ? 4   GLN A NE2    1 
ATOM   36   H H      . GLN A 1 6  ? 8.340   -9.617  -15.191 1    28.071 ? 4   GLN A H      1 
ATOM   37   H HA     . GLN A 1 6  ? 8.114   -12.246 -14.248 1    28.959 ? 4   GLN A HA     1 
ATOM   38   H HB2    . GLN A 1 6  ? 9.078   -9.954  -12.852 1    31.988 ? 4   GLN A HB2    1 
ATOM   39   H HB3    . GLN A 1 6  ? 9.309   -11.456 -12.410 1    31.928 ? 4   GLN A HB3    1 
ATOM   40   H HG2    . GLN A 1 6  ? 10.967  -11.772 -13.866 1    36.652 ? 4   GLN A HG2    1 
ATOM   41   H HG3    . GLN A 1 6  ? 10.393  -10.708 -14.897 1    36.547 ? 4   GLN A HG3    1 
ATOM   42   H HE21   . GLN A 1 6  ? 11.711  -7.904  -13.393 1    39.674 ? 4   GLN A HE21   1 
ATOM   43   H HE22   . GLN A 1 6  ? 10.532  -8.368  -14.262 1    39.651 ? 4   GLN A HE22   1 
ATOM   44   N N      . ARG A 1 7  ? 5.934   -10.150 -13.519 1    24.884 ? 5   ARG A N      1 
ATOM   45   C CA     . ARG A 1 7  ? 4.705   -9.954  -12.763 1    20.447 ? 5   ARG A CA     1 
ATOM   46   C C      . ARG A 1 7  ? 3.674   -11.013 -13.000 1    23.019 ? 5   ARG A C      1 
ATOM   47   O O      . ARG A 1 7  ? 3.267   -11.218 -14.145 1    25.695 ? 5   ARG A O      1 
ATOM   48   C CB     . ARG A 1 7  ? 4.064   -8.609  -13.116 1    20.369 ? 5   ARG A CB     1 
ATOM   49   C CG     . ARG A 1 7  ? 5.017   -7.490  -12.829 1    19.077 ? 5   ARG A CG     1 
ATOM   50   C CD     . ARG A 1 7  ? 4.497   -6.113  -13.312 1    18.812 ? 5   ARG A CD     1 
ATOM   51   N NE     . ARG A 1 7  ? 5.488   -5.076  -13.200 1    18.338 ? 5   ARG A NE     1 
ATOM   52   C CZ     . ARG A 1 7  ? 5.415   -3.813  -13.569 1    19.605 ? 5   ARG A CZ     1 
ATOM   53   N NH1    . ARG A 1 7  ? 4.289   -3.391  -14.103 1    18.635 ? 5   ARG A NH1    1 
ATOM   54   N NH2    . ARG A 1 7  ? 6.404   -2.982  -13.388 1    20.401 ? 5   ARG A NH2    1 
ATOM   55   H H      . ARG A 1 7  ? 6.084   -9.651  -14.269 1    24.831 ? 5   ARG A H      1 
ATOM   56   H HA     . ARG A 1 7  ? 4.932   -9.942  -11.800 1    21.735 ? 5   ARG A HA     1 
ATOM   57   H HB2    . ARG A 1 7  ? 3.823   -8.596  -14.066 1    20.122 ? 5   ARG A HB2    1 
ATOM   58   H HB3    . ARG A 1 7  ? 3.246   -8.482  -12.588 1    20.102 ? 5   ARG A HB3    1 
ATOM   59   H HG2    . ARG A 1 7  ? 5.179   -7.447  -11.862 1    19.333 ? 5   ARG A HG2    1 
ATOM   60   H HG3    . ARG A 1 7  ? 5.876   -7.674  -13.267 1    19.377 ? 5   ARG A HG3    1 
ATOM   61   H HD2    . ARG A 1 7  ? 4.215   -6.188  -14.247 1    18.756 ? 5   ARG A HD2    1 
ATOM   62   H HD3    . ARG A 1 7  ? 3.712   -5.865  -12.782 1    18.756 ? 5   ARG A HD3    1 
ATOM   63   H HE     . ARG A 1 7  ? 6.245   -5.311  -12.837 1    18.766 ? 5   ARG A HE     1 
ATOM   64   H HH11   . ARG A 1 7  ? 3.522   -3.762  -13.875 1    18.94  ? 5   ARG A HH11   1 
ATOM   65   H HH12   . ARG A 1 7  ? 4.313   -2.719  -14.676 1    18.964 ? 5   ARG A HH12   1 
ATOM   66   H HH21   . ARG A 1 7  ? 7.206   -3.288  -13.179 1    20.134 ? 5   ARG A HH21   1 
ATOM   67   H HH22   . ARG A 1 7  ? 6.267   -2.112  -13.475 1    20.128 ? 5   ARG A HH22   1 
ATOM   68   N N      . GLN A 1 8  ? 3.179   -11.639 -11.925 1    22.062 ? 6   GLN A N      1 
ATOM   69   C CA     . GLN A 1 8  ? 2.182   -12.692 -12.005 1    24.288 ? 6   GLN A CA     1 
ATOM   70   C C      . GLN A 1 8  ? 0.846   -12.126 -12.459 1    24.167 ? 6   GLN A C      1 
ATOM   71   O O      . GLN A 1 8  ? 0.087   -12.737 -13.222 1    26.03  ? 6   GLN A O      1 
ATOM   72   C CB     . GLN A 1 8  ? 2.048   -13.382 -10.633 1    30.699 ? 6   GLN A CB     1 
ATOM   73   H H      . GLN A 1 8  ? 3.480   -11.391 -11.098 1    22.798 ? 6   GLN A H      1 
ATOM   74   H HA     . GLN A 1 8  ? 2.487   -13.359 -12.672 1    24.849 ? 6   GLN A HA     1 
ATOM   75   H HB2    . GLN A 1 8  ? 2.936   -13.676 -10.341 0    30.71  ? 6   GLN A HB2    1 
ATOM   76   H HB3    . GLN A 1 8  ? 1.105   -13.369 -10.366 0    30.71  ? 6   GLN A HB3    1 
ATOM   77   N N      . TYR A 1 9  ? 0.564   -10.887 -12.037 1    22.968 ? 7   TYR A N      1 
ATOM   78   C CA     . TYR A 1 9  ? -0.676  -10.234 -12.366 1    21.087 ? 7   TYR A CA     1 
ATOM   79   C C      . TYR A 1 9  ? -0.386  -8.813  -12.839 1    22.751 ? 7   TYR A C      1 
ATOM   80   O O      . TYR A 1 9  ? 0.505   -8.130  -12.340 1    21.488 ? 7   TYR A O      1 
ATOM   81   C CB     . TYR A 1 9  ? -1.563  -10.123 -11.123 1    23.446 ? 7   TYR A CB     1 
ATOM   82   C CG     . TYR A 1 9  ? -2.112  -11.454 -10.643 1    26.141 ? 7   TYR A CG     1 
ATOM   83   C CD1    . TYR A 1 9  ? -3.297  -11.949 -11.143 1    31.607 ? 7   TYR A CD1    1 
ATOM   84   C CD2    . TYR A 1 9  ? -1.367  -12.252 -9.805  1    31.156 ? 7   TYR A CD2    1 
ATOM   85   C CE1    . TYR A 1 9  ? -3.794  -13.172 -10.736 1    35.73  ? 7   TYR A CE1    1 
ATOM   86   C CE2    . TYR A 1 9  ? -1.822  -13.501 -9.417  1    36.175 ? 7   TYR A CE2    1 
ATOM   87   C CZ     . TYR A 1 9  ? -3.036  -13.954 -9.887  1    37.361 ? 7   TYR A CZ     1 
ATOM   88   O OH     . TYR A 1 9  ? -3.539  -15.136 -9.493  1    43.122 ? 7   TYR A OH     1 
ATOM   89   H H      . TYR A 1 9  ? 1.168   -10.441 -11.516 1    22.802 ? 7   TYR A H      1 
ATOM   90   H HA     . TYR A 1 9  ? -1.149  -10.742 -13.075 1    22.205 ? 7   TYR A HA     1 
ATOM   91   H HB2    . TYR A 1 9  ? -1.039  -9.715  -10.399 1    23.518 ? 7   TYR A HB2    1 
ATOM   92   H HB3    . TYR A 1 9  ? -2.314  -9.526  -11.328 1    23.462 ? 7   TYR A HB3    1 
ATOM   93   H HD1    . TYR A 1 9  ? -3.813  -11.413 -11.723 1    31.154 ? 7   TYR A HD1    1 
ATOM   94   H HD2    . TYR A 1 9  ? -0.533  -11.945 -9.490  1    31.045 ? 7   TYR A HD2    1 
ATOM   95   H HE1    . TYR A 1 9  ? -4.622  -13.484 -11.060 1    35.017 ? 7   TYR A HE1    1 
ATOM   96   H HE2    . TYR A 1 9  ? -1.324  -14.024 -8.813  1    35.129 ? 7   TYR A HE2    1 
ATOM   97   H HH     . TYR A 1 9  ? -3.304  -15.753 -10.042 0    43.06  ? 7   TYR A HH     1 
ATOM   98   N N      . PRO A 1 10 ? -1.116  -8.338  -13.864 1    21.808 ? 8   PRO A N      1 
ATOM   99   C CA     . PRO A 1 10 ? -0.880  -7.017  -14.400 1    21.126 ? 8   PRO A CA     1 
ATOM   100  C C      . PRO A 1 10 ? -1.353  -5.880  -13.494 1    19.308 ? 8   PRO A C      1 
ATOM   101  O O      . PRO A 1 10 ? -2.328  -6.007  -12.747 1    20.765 ? 8   PRO A O      1 
ATOM   102  C CB     . PRO A 1 10 ? -1.725  -7.040  -15.682 1    22.763 ? 8   PRO A CB     1 
ATOM   103  C CG     . PRO A 1 10 ? -2.846  -7.950  -15.352 1    22.671 ? 8   PRO A CG     1 
ATOM   104  C CD     . PRO A 1 10 ? -2.257  -9.040  -14.496 1    23.33  ? 8   PRO A CD     1 
ATOM   105  H HA     . PRO A 1 10 ? 0.077   -6.910  -14.626 1    21.154 ? 8   PRO A HA     1 
ATOM   106  H HB2    . PRO A 1 10 ? -2.058  -6.137  -15.904 1    22.355 ? 8   PRO A HB2    1 
ATOM   107  H HB3    . PRO A 1 10 ? -1.203  -7.385  -16.443 1    22.367 ? 8   PRO A HB3    1 
ATOM   108  H HG2    . PRO A 1 10 ? -3.547  -7.470  -14.863 1    22.84  ? 8   PRO A HG2    1 
ATOM   109  H HG3    . PRO A 1 10 ? -3.236  -8.327  -16.167 1    22.84  ? 8   PRO A HG3    1 
ATOM   110  H HD2    . PRO A 1 10 ? -2.903  -9.352  -13.825 1    22.811 ? 8   PRO A HD2    1 
ATOM   111  H HD3    . PRO A 1 10 ? -1.955  -9.798  -15.043 1    22.817 ? 8   PRO A HD3    1 
ATOM   112  N N      . ARG A 1 11 ? -0.642  -4.775  -13.591 1    17.651 ? 9   ARG A N      1 
ATOM   113  C CA     . ARG A 1 11 ? -0.923  -3.602  -12.788 1    18.381 ? 9   ARG A CA     1 
ATOM   114  C C      . ARG A 1 11 ? -1.652  -2.578  -13.630 1    21.556 ? 9   ARG A C      1 
ATOM   115  O O      . ARG A 1 11 ? -1.291  -2.423  -14.790 1    20.897 ? 9   ARG A O      1 
ATOM   116  C CB     . ARG A 1 11 ? 0.329   -2.929  -12.247 1    19.115 ? 9   ARG A CB     1 
ATOM   117  C CG     . ARG A 1 11 ? 1.129   -3.937  -11.437 1    18.584 ? 9   ARG A CG     1 
ATOM   118  C CD     . ARG A 1 11 ? 2.430   -3.395  -11.016 1    17.55  ? 9   ARG A CD     1 
ATOM   119  N NE     . ARG A 1 11 ? 3.220   -4.430  -10.330 1    17.599 ? 9   ARG A NE     1 
ATOM   120  C CZ     . ARG A 1 11 ? 4.464   -4.288  -9.995  1    16.636 ? 9   ARG A CZ     1 
ATOM   121  N NH1    . ARG A 1 11 ? 5.033   -3.134  -10.171 1    17.207 ? 9   ARG A NH1    1 
ATOM   122  N NH2    . ARG A 1 11 ? 5.139   -5.275  -9.419  1    18.465 ? 9   ARG A NH2    1 
ATOM   123  H H      . ARG A 1 11 ? 0.051   -4.742  -14.185 1    18.242 ? 9   ARG A H      1 
ATOM   124  H HA     . ARG A 1 11 ? -1.498  -3.868  -12.030 1    18.917 ? 9   ARG A HA     1 
ATOM   125  H HB2    . ARG A 1 11 ? 0.875   -2.594  -12.990 1    18.842 ? 9   ARG A HB2    1 
ATOM   126  H HB3    . ARG A 1 11 ? 0.080   -2.171  -11.677 1    18.842 ? 9   ARG A HB3    1 
ATOM   127  H HG2    . ARG A 1 11 ? 0.618   -4.191  -10.639 1    18.447 ? 9   ARG A HG2    1 
ATOM   128  H HG3    . ARG A 1 11 ? 1.279   -4.745  -11.975 1    18.445 ? 9   ARG A HG3    1 
ATOM   129  H HD2    . ARG A 1 11 ? 2.922   -3.074  -11.798 1    17.804 ? 9   ARG A HD2    1 
ATOM   130  H HD3    . ARG A 1 11 ? 2.289   -2.638  -10.411 1    17.793 ? 9   ARG A HD3    1 
ATOM   131  H HE     . ARG A 1 11 ? 2.829   -5.184  -10.134 1    17.375 ? 9   ARG A HE     1 
ATOM   132  H HH11   . ARG A 1 11 ? 4.598   -2.386  -9.991  1    17.051 ? 9   ARG A HH11   1 
ATOM   133  H HH12   . ARG A 1 11 ? 5.864   -3.100  -10.473 1    17.034 ? 9   ARG A HH12   1 
ATOM   134  H HH21   . ARG A 1 11 ? 4.725   -6.024  -9.197  1    17.875 ? 9   ARG A HH21   1 
ATOM   135  H HH22   . ARG A 1 11 ? 6.002   -5.180  -9.257  1    17.878 ? 9   ARG A HH22   1 
ATOM   136  N N      . THR A 1 12 ? -2.653  -1.948  -13.018 1    18.135 ? 10  THR A N      1 
ATOM   137  C CA     . THR A 1 12 ? -3.389  -0.861  -13.664 1    19.465 ? 10  THR A CA     1 
ATOM   138  C C      . THR A 1 12 ? -3.379  0.327   -12.729 1    20.354 ? 10  THR A C      1 
ATOM   139  O O      . THR A 1 12 ? -3.349  0.226   -11.496 1    17.37  ? 10  THR A O      1 
ATOM   140  C CB     . THR A 1 12 ? -4.818  -1.321  -13.987 1    23.154 ? 10  THR A CB     1 
ATOM   141  O OG1    . THR A 1 12 ? -5.431  -1.902  -12.840 1    22.191 ? 10  THR A OG1    1 
ATOM   142  C CG2    . THR A 1 12 ? -4.891  -2.312  -15.132 1    24.419 ? 10  THR A CG2    1 
ATOM   143  H H      . THR A 1 12 ? -2.891  -2.197  -12.171 1    19.2   ? 10  THR A H      1 
ATOM   144  H HA     . THR A 1 12 ? -2.934  -0.624  -14.498 1    20.088 ? 10  THR A HA     1 
ATOM   145  H HB     . THR A 1 12 ? -5.343  -0.529  -14.252 1    22.512 ? 10  THR A HB     1 
ATOM   146  H HG1    . THR A 1 12 ? -4.970  -2.585  -12.579 0    22.18  ? 10  THR A HG1    1 
ATOM   147  H HG21   . THR A 1 12 ? -5.820  -2.542  -15.304 1    24.037 ? 10  THR A HG21   1 
ATOM   148  H HG22   . THR A 1 12 ? -4.396  -3.116  -14.899 1    24.037 ? 10  THR A HG22   1 
ATOM   149  H HG23   . THR A 1 12 ? -4.504  -1.915  -15.930 1    24.037 ? 10  THR A HG23   1 
ATOM   150  N N      . PRO A 1 13 ? -3.489  1.549   -13.278 1    22.443 ? 11  PRO A N      1 
ATOM   151  C CA     . PRO A 1 13 ? -3.486  2.759   -12.482 1    22.285 ? 11  PRO A CA     1 
ATOM   152  C C      . PRO A 1 13 ? -4.710  2.758   -11.591 1    20.4   ? 11  PRO A C      1 
ATOM   153  O O      . PRO A 1 13 ? -5.796  2.392   -11.996 1    21.678 ? 11  PRO A O      1 
ATOM   154  C CB     . PRO A 1 13 ? -3.574  3.911   -13.547 1    24.779 ? 11  PRO A CB     1 
ATOM   155  C CG     . PRO A 1 13 ? -3.395  3.254   -14.872 1    32.595 ? 11  PRO A CG     1 
ATOM   156  C CD     . PRO A 1 13 ? -3.713  1.794   -14.714 1    28.361 ? 11  PRO A CD     1 
ATOM   157  H HA     . PRO A 1 13 ? -2.653  2.830   -11.954 1    22.305 ? 11  PRO A HA     1 
ATOM   158  H HB2    . PRO A 1 13 ? -4.449  4.365   -13.499 1    25.782 ? 11  PRO A HB2    1 
ATOM   159  H HB3    . PRO A 1 13 ? -2.867  4.581   -13.392 1    25.81  ? 11  PRO A HB3    1 
ATOM   160  H HG2    . PRO A 1 13 ? -3.995  3.659   -15.532 1    29.642 ? 11  PRO A HG2    1 
ATOM   161  H HG3    . PRO A 1 13 ? -2.473  3.368   -15.185 1    29.644 ? 11  PRO A HG3    1 
ATOM   162  H HD2    . PRO A 1 13 ? -4.646  1.608   -14.963 1    27.656 ? 11  PRO A HD2    1 
ATOM   163  H HD3    . PRO A 1 13 ? -3.116  1.247   -15.268 1    27.587 ? 11  PRO A HD3    1 
ATOM   164  N N      . LEU A 1 14 ? -4.515  3.168   -10.349 1    18.425 ? 12  LEU A N      1 
ATOM   165  C CA     . LEU A 1 14 ? -5.617  3.321   -9.442  1    19.454 ? 12  LEU A CA     1 
ATOM   166  C C      . LEU A 1 14 ? -5.191  4.317   -8.384  1    21.147 ? 12  LEU A C      1 
ATOM   167  O O      . LEU A 1 14 ? -4.206  4.087   -7.681  1    20.986 ? 12  LEU A O      1 
ATOM   168  C CB     . LEU A 1 14 ? -5.996  1.986   -8.807  1    19.992 ? 12  LEU A CB     1 
ATOM   169  C CG     . LEU A 1 14 ? -7.231  2.105   -7.921  1    28.376 ? 12  LEU A CG     1 
ATOM   170  C CD1    . LEU A 1 14 ? -8.427  2.279   -8.852  1    25.877 ? 12  LEU A CD1    1 
ATOM   171  C CD2    . LEU A 1 14 ? -7.347  0.970   -6.980  1    35.612 ? 12  LEU A CD2    1 
ATOM   172  H H      . LEU A 1 14 ? -3.670  3.358   -10.058 1    19.152 ? 12  LEU A H      1 
ATOM   173  H HA     . LEU A 1 14 ? -6.389  3.686   -9.942  1    19.764 ? 12  LEU A HA     1 
ATOM   174  H HB2    . LEU A 1 14 ? -6.176  1.334   -9.523  1    21.601 ? 12  LEU A HB2    1 
ATOM   175  H HB3    . LEU A 1 14 ? -5.239  1.672   -8.261  1    21.66  ? 12  LEU A HB3    1 
ATOM   176  H HG     . LEU A 1 14 ? -7.146  2.934   -7.382  1    27.223 ? 12  LEU A HG     1 
ATOM   177  H HD11   . LEU A 1 14 ? -8.406  3.165   -9.251  1    26.462 ? 12  LEU A HD11   1 
ATOM   178  H HD12   . LEU A 1 14 ? -9.249  2.175   -8.345  1    26.543 ? 12  LEU A HD12   1 
ATOM   179  H HD13   . LEU A 1 14 ? -8.396  1.607   -9.554  1    26.475 ? 12  LEU A HD13   1 
ATOM   180  H HD21   . LEU A 1 14 ? -6.505  0.849   -6.509  1    33.055 ? 12  LEU A HD21   1 
ATOM   181  H HD22   . LEU A 1 14 ? -7.561  0.160   -7.473  1    32.871 ? 12  LEU A HD22   1 
ATOM   182  H HD23   . LEU A 1 14 ? -8.053  1.152   -6.337  1    33.135 ? 12  LEU A HD23   1 
ATOM   183  N N      . LYS A 1 15 ? -5.908  5.428   -8.292  1    20.2   ? 13  LYS A N      1 
ATOM   184  C CA     . LYS A 1 15 ? -5.591  6.444   -7.317  1    21.748 ? 13  LYS A CA     1 
ATOM   185  C C      . LYS A 1 15 ? -6.749  6.618   -6.352  1    25.696 ? 13  LYS A C      1 
ATOM   186  O O      . LYS A 1 15 ? -7.852  7.014   -6.729  1    27.665 ? 13  LYS A O      1 
ATOM   187  C CB     . LYS A 1 15 ? -5.377  7.714   -8.119  1    26.557 ? 13  LYS A CB     1 
ATOM   188  C CG     . LYS A 1 15 ? -5.017  8.891   -7.300  1    30.802 ? 13  LYS A CG     1 
ATOM   189  C CD     . LYS A 1 15 ? -4.400  9.958   -8.210  1    38.41  ? 13  LYS A CD     1 
ATOM   190  C CE     . LYS A 1 15 ? -3.998  11.158  -7.424  1    43.853 ? 13  LYS A CE     1 
ATOM   191  N NZ     . LYS A 1 15 ? -5.014  12.213  -7.440  1    45.983 ? 13  LYS A NZ     1 
ATOM   192  H H      . LYS A 1 15 ? -6.618  5.560   -8.853  1    20.781 ? 13  LYS A H      1 
ATOM   193  H HA     . LYS A 1 15 ? -4.770  6.193   -6.830  1    22.832 ? 13  LYS A HA     1 
ATOM   194  H HB2    . LYS A 1 15 ? -4.664  7.557   -8.773  1    26.407 ? 13  LYS A HB2    1 
ATOM   195  H HB3    . LYS A 1 15 ? -6.199  7.919   -8.614  1    26.312 ? 13  LYS A HB3    1 
ATOM   196  H HG2    . LYS A 1 15 ? -5.822  9.248   -6.867  1    31.227 ? 13  LYS A HG2    1 
ATOM   197  H HG3    . LYS A 1 15 ? -4.371  8.624   -6.611  1    31.25  ? 13  LYS A HG3    1 
ATOM   198  H HD2    . LYS A 1 15 ? -3.609  9.587   -8.660  1    37.618 ? 13  LYS A HD2    1 
ATOM   199  H HD3    . LYS A 1 15 ? -5.053  10.220  -8.894  1    37.764 ? 13  LYS A HD3    1 
ATOM   200  H HE2    . LYS A 1 15 ? -3.829  10.904  -6.500  1    42.703 ? 13  LYS A HE2    1 
ATOM   201  H HE3    . LYS A 1 15 ? -3.176  11.510  -7.803  1    42.944 ? 13  LYS A HE3    1 
ATOM   202  H HZ1    . LYS A 1 15 ? -5.804  11.880  -7.147  1    45.303 ? 13  LYS A HZ1    1 
ATOM   203  H HZ2    . LYS A 1 15 ? -5.117  12.527  -8.283  1    45.261 ? 13  LYS A HZ2    1 
ATOM   204  H HZ3    . LYS A 1 15 ? -4.758  12.892  -6.898  1    45.302 ? 13  LYS A HZ3    1 
ATOM   205  N N      . CYS A 1 16 ? -6.516  6.272   -5.101  1    19.78  ? 14  CYS A N      1 
ATOM   206  C CA     A CYS A 1 16 ? -7.512  6.457   -4.073  0.65 21.256 ? 14  CYS A CA     1 
ATOM   207  C CA     B CYS A 1 16 ? -7.503  6.386   -4.050  0.35 21.315 ? 14  CYS A CA     1 
ATOM   208  C C      . CYS A 1 16 ? -6.793  6.797   -2.777  1    22.329 ? 14  CYS A C      1 
ATOM   209  O O      . CYS A 1 16 ? -5.590  6.533   -2.656  1    22.294 ? 14  CYS A O      1 
ATOM   210  C CB     A CYS A 1 16 ? -8.417  5.247   -3.913  0.65 23.529 ? 14  CYS A CB     1 
ATOM   211  C CB     B CYS A 1 16 ? -8.168  5.050   -3.784  0.35 22.29  ? 14  CYS A CB     1 
ATOM   212  S SG     A CYS A 1 16 ? -7.572  3.787   -3.270  0.65 24.739 ? 14  CYS A SG     1 
ATOM   213  S SG     B CYS A 1 16 ? -8.944  4.400   -5.278  0.35 24.936 ? 14  CYS A SG     1 
ATOM   214  H H      A CYS A 1 16 ? -5.711  5.901   -4.874  0.65 21.422 ? 14  CYS A H      1 
ATOM   215  H H      B CYS A 1 16 ? -5.692  5.940   -4.885  0.35 21.435 ? 14  CYS A H      1 
ATOM   216  H HA     A CYS A 1 16 ? -8.073  7.234   -4.326  0.65 21.608 ? 14  CYS A HA     1 
ATOM   217  H HA     B CYS A 1 16 ? -8.164  7.080   -4.297  0.35 21.416 ? 14  CYS A HA     1 
ATOM   218  H HB2    A CYS A 1 16 ? -9.152  5.475   -3.302  0.65 23.261 ? 14  CYS A HB2    1 
ATOM   219  H HB2    B CYS A 1 16 ? -7.498  4.405   -3.465  0.35 22.526 ? 14  CYS A HB2    1 
ATOM   220  H HB3    A CYS A 1 16 ? -8.807  5.021   -4.786  0.65 23.199 ? 14  CYS A HB3    1 
ATOM   221  H HB3    B CYS A 1 16 ? -8.853  5.156   -3.087  0.35 22.527 ? 14  CYS A HB3    1 
ATOM   222  H HG     A CYS A 1 16 ? -8.526  3.042   -3.264  0    24.72  ? 14  CYS A HG     1 
ATOM   223  H HG     B CYS A 1 16 ? -9.379  3.375   -4.797  0    24.92  ? 14  CYS A HG     1 
ATOM   224  N N      . ARG A 1 17 ? -7.555  7.330   -1.843  1    22.175 ? 15  ARG A N      1 
ATOM   225  C CA     . ARG A 1 17 ? -7.032  7.655   -0.540  1    21.997 ? 15  ARG A CA     1 
ATOM   226  C C      . ARG A 1 17 ? -6.994  6.364   0.268   1    21.785 ? 15  ARG A C      1 
ATOM   227  O O      . ARG A 1 17 ? -7.986  5.659   0.341   1    22.483 ? 15  ARG A O      1 
ATOM   228  C CB     . ARG A 1 17 ? -7.986  8.661   0.108   1    24.948 ? 15  ARG A CB     1 
ATOM   229  C CG     . ARG A 1 17 ? -7.639  9.128   1.512   1    33.284 ? 15  ARG A CG     1 
ATOM   230  C CD     . ARG A 1 17 ? -8.472  10.417  1.770   1    36.539 ? 15  ARG A CD     1 
ATOM   231  N NE     . ARG A 1 17 ? -8.798  10.670  3.172   1    47.846 ? 15  ARG A NE     1 
ATOM   232  C CZ     . ARG A 1 17 ? -8.104  11.523  3.907   1    47.391 ? 15  ARG A CZ     1 
ATOM   233  N NH1    . ARG A 1 17 ? -7.013  12.079  3.403   1    56.691 ? 15  ARG A NH1    1 
ATOM   234  N NH2    . ARG A 1 17 ? -8.465  11.792  5.145   1    43.665 ? 15  ARG A NH2    1 
ATOM   235  H H      . ARG A 1 17 ? -8.437  7.498   -2.019  1    22.193 ? 15  ARG A H      1 
ATOM   236  H HA     . ARG A 1 17 ? -6.123  8.033   -0.634  1    22.476 ? 15  ARG A HA     1 
ATOM   237  H HB2    . ARG A 1 17 ? -8.036  9.449   -0.476  1    26.025 ? 15  ARG A HB2    1 
ATOM   238  H HB3    . ARG A 1 17 ? -8.881  8.260   0.132   1    25.908 ? 15  ARG A HB3    1 
ATOM   239  H HG2    . ARG A 1 17 ? -7.876  8.439   2.169   1    31.789 ? 15  ARG A HG2    1 
ATOM   240  H HG3    . ARG A 1 17 ? -6.681  9.333   1.574   1    31.805 ? 15  ARG A HG3    1 
ATOM   241  H HD2    . ARG A 1 17 ? -7.985  11.184  1.410   1    38.3   ? 15  ARG A HD2    1 
ATOM   242  H HD3    . ARG A 1 17 ? -9.306  10.344  1.265   1    38.05  ? 15  ARG A HD3    1 
ATOM   243  H HE     . ARG A 1 17 ? -9.469  10.247  3.532   1    44.848 ? 15  ARG A HE     1 
ATOM   244  H HH11   . ARG A 1 17 ? -6.270  11.607  3.338   1    53.27  ? 15  ARG A HH11   1 
ATOM   245  H HH12   . ARG A 1 17 ? -7.034  12.922  3.133   1    53.558 ? 15  ARG A HH12   1 
ATOM   246  H HH21   . ARG A 1 17 ? -9.175  11.398  5.494   1    44.821 ? 15  ARG A HH21   1 
ATOM   247  H HH22   . ARG A 1 17 ? -7.994  12.367  5.624   1    44.866 ? 15  ARG A HH22   1 
ATOM   248  N N      . ILE A 1 18 ? -5.850  6.118   0.917   1    21.512 ? 16  ILE A N      1 
ATOM   249  C CA     . ILE A 1 18 ? -5.686  4.913   1.701   1    21.567 ? 16  ILE A CA     1 
ATOM   250  C C      . ILE A 1 18 ? -5.034  5.268   3.039   1    18.924 ? 16  ILE A C      1 
ATOM   251  O O      . ILE A 1 18 ? -4.037  5.976   3.076   1    20.707 ? 16  ILE A O      1 
ATOM   252  C CB     . ILE A 1 18 ? -4.912  3.863   0.888   1    19.663 ? 16  ILE A CB     1 
ATOM   253  C CG1    . ILE A 1 18 ? -4.917  2.505   1.594   1    21.717 ? 16  ILE A CG1    1 
ATOM   254  C CG2    . ILE A 1 18 ? -3.530  4.347   0.506   1    21.322 ? 16  ILE A CG2    1 
ATOM   255  C CD1    . ILE A 1 18 ? -4.391  1.371   0.730   1    23.062 ? 16  ILE A CD1    1 
ATOM   256  H H      . ILE A 1 18 ? -5.163  6.719   0.875   1    21.575 ? 16  ILE A H      1 
ATOM   257  H HA     . ILE A 1 18 ? -6.573  4.550   1.886   1    20.711 ? 16  ILE A HA     1 
ATOM   258  H HB     . ILE A 1 18 ? -5.406  3.742   0.053   1    20.696 ? 16  ILE A HB     1 
ATOM   259  H HG12   . ILE A 1 18 ? -4.367  2.565   2.401   1    21.516 ? 16  ILE A HG12   1 
ATOM   260  H HG13   . ILE A 1 18 ? -5.832  2.294   1.867   1    21.529 ? 16  ILE A HG13   1 
ATOM   261  H HG21   . ILE A 1 18 ? -3.149  3.748   -0.158  1    20.838 ? 16  ILE A HG21   1 
ATOM   262  H HG22   . ILE A 1 18 ? -2.960  4.359   1.294   1    20.814 ? 16  ILE A HG22   1 
ATOM   263  H HG23   . ILE A 1 18 ? -3.586  5.242   0.136   1    20.829 ? 16  ILE A HG23   1 
ATOM   264  H HD11   . ILE A 1 18 ? -4.856  1.371   -0.128  1    22.652 ? 16  ILE A HD11   1 
ATOM   265  H HD12   . ILE A 1 18 ? -4.544  0.520   1.181   1    22.652 ? 16  ILE A HD12   1 
ATOM   266  H HD13   . ILE A 1 18 ? -3.434  1.490   0.578   1    22.638 ? 16  ILE A HD13   1 
ATOM   267  N N      . ARG A 1 19 ? -5.603  4.703   4.097   1    20.179 ? 17  ARG A N      1 
ATOM   268  C CA     . ARG A 1 19 ? -5.007  4.843   5.423   1    20.499 ? 17  ARG A CA     1 
ATOM   269  C C      . ARG A 1 19 ? -4.003  3.712   5.569   1    20.828 ? 17  ARG A C      1 
ATOM   270  O O      . ARG A 1 19 ? -4.390  2.555   5.398   1    21.488 ? 17  ARG A O      1 
ATOM   271  C CB     . ARG A 1 19 ? -6.105  4.690   6.475   1    23.127 ? 17  ARG A CB     1 
ATOM   272  C CG     . ARG A 1 19 ? -5.526  4.945   7.866   1    26.332 ? 17  ARG A CG     1 
ATOM   273  C CD     . ARG A 1 19 ? -6.532  4.759   8.983   1    34.339 ? 17  ARG A CD     1 
ATOM   274  N NE     . ARG A 1 19 ? -7.467  5.866   8.835   1    39.546 ? 17  ARG A NE     1 
ATOM   275  C CZ     . ARG A 1 19 ? -8.857  5.152   8.794   0    0.5    ? 17  ARG A CZ     1 
ATOM   276  N NH1    . ARG A 1 19 ? -9.850  6.023   8.796   0    0.5    ? 17  ARG A NH1    1 
ATOM   277  N NH2    . ARG A 1 19 ? -9.107  3.867   8.608   0    0.5    ? 17  ARG A NH2    1 
ATOM   278  H H      . ARG A 1 19 ? -6.374  4.220   4.003   1    19.98  ? 17  ARG A H      1 
ATOM   279  H HA     . ARG A 1 19 ? -4.555  5.721   5.496   1    20.935 ? 17  ARG A HA     1 
ATOM   280  H HB2    . ARG A 1 19 ? -6.825  5.332   6.296   1    23.239 ? 17  ARG A HB2    1 
ATOM   281  H HB3    . ARG A 1 19 ? -6.481  3.785   6.436   1    23.167 ? 17  ARG A HB3    1 
ATOM   282  H HG2    . ARG A 1 19 ? -4.772  4.336   8.018   1    27.163 ? 17  ARG A HG2    1 
ATOM   283  H HG3    . ARG A 1 19 ? -5.177  5.862   7.903   1    27.241 ? 17  ARG A HG3    1 
ATOM   284  H HD2    . ARG A 1 19 ? -7.006  3.907   8.895   1    33.48  ? 17  ARG A HD2    1 
ATOM   285  H HD3    . ARG A 1 19 ? -6.100  4.802   9.860   1    33.561 ? 17  ARG A HD3    1 
ATOM   286  H HE     . ARG A 1 19 ? -7.403  6.532   9.394   1    37.89  ? 17  ARG A HE     1 
ATOM   287  H HH11   . ARG A 1 19 ? -9.680  6.882   8.920   0    0.5    ? 17  ARG A HH11   1 
ATOM   288  H HH12   . ARG A 1 19 ? -10.680 5.744   8.674   0    0.5    ? 17  ARG A HH12   1 
ATOM   289  H HH21   . ARG A 1 19 ? -8.441  3.286   8.605   0    0.5    ? 17  ARG A HH21   1 
ATOM   290  H HH22   . ARG A 1 19 ? -9.940  3.595   8.487   0    0.5    ? 17  ARG A HH22   1 
ATOM   291  N N      . ILE A 1 20 ? -2.753  4.044   5.925   1    20.619 ? 18  ILE A N      1 
ATOM   292  C CA     . ILE A 1 20 ? -1.718  3.041   6.156   1    18.414 ? 18  ILE A CA     1 
ATOM   293  C C      . ILE A 1 20 ? -1.383  3.117   7.640   1    21.215 ? 18  ILE A C      1 
ATOM   294  O O      . ILE A 1 20 ? -1.212  4.211   8.131   1    22.481 ? 18  ILE A O      1 
ATOM   295  C CB     . ILE A 1 20 ? -0.478  3.359   5.313   1    19.358 ? 18  ILE A CB     1 
ATOM   296  C CG1    . ILE A 1 20 ? -0.806  3.362   3.795   1    19.699 ? 18  ILE A CG1    1 
ATOM   297  C CG2    . ILE A 1 20 ? 0.635   2.367   5.610   1    19.197 ? 18  ILE A CG2    1 
ATOM   298  C CD1    . ILE A 1 20 ? -1.332  2.059   3.238   1    20.224 ? 18  ILE A CD1    1 
ATOM   299  H H      . ILE A 1 20 ? -2.538  4.927   6.028   1    20.158 ? 18  ILE A H      1 
ATOM   300  H HA     . ILE A 1 20 ? -2.056  2.157   5.929   1    19.562 ? 18  ILE A HA     1 
ATOM   301  H HB     . ILE A 1 20 ? -0.165  4.253   5.557   1    19.21  ? 18  ILE A HB     1 
ATOM   302  H HG12   . ILE A 1 20 ? -1.469  4.062   3.623   1    19.746 ? 18  ILE A HG12   1 
ATOM   303  H HG13   . ILE A 1 20 ? 0.007   3.602   3.305   1    19.74  ? 18  ILE A HG13   1 
ATOM   304  H HG21   . ILE A 1 20 ? 1.305   2.407   4.907   1    19.252 ? 18  ILE A HG21   1 
ATOM   305  H HG22   . ILE A 1 20 ? 0.269   1.467   5.653   1    19.244 ? 18  ILE A HG22   1 
ATOM   306  H HG23   . ILE A 1 20 ? 1.051   2.585   6.462   1    19.255 ? 18  ILE A HG23   1 
ATOM   307  H HD11   . ILE A 1 20 ? -0.703  1.339   3.432   1    20.06  ? 18  ILE A HD11   1 
ATOM   308  H HD12   . ILE A 1 20 ? -1.439  2.143   2.272   1    20.063 ? 18  ILE A HD12   1 
ATOM   309  H HD13   . ILE A 1 20 ? -2.196  1.852   3.641   1    20.055 ? 18  ILE A HD13   1 
ATOM   310  N N      . SER A 1 21 ? -1.398  1.981   8.331   1    19.884 ? 19  SER A N      1 
ATOM   311  C CA     A SER A 1 21 ? -1.063  2.021   9.740   0.28 20.413 ? 19  SER A CA     1 
ATOM   312  C CA     B SER A 1 21 ? -1.193  1.916   9.770   0.41 21.028 ? 19  SER A CA     1 
ATOM   313  C CA     C SER A 1 21 ? -1.184  1.921   9.767   0.31 20.417 ? 19  SER A CA     1 
ATOM   314  C C      . SER A 1 21 ? -0.127  0.875   10.084  1    20.041 ? 19  SER A C      1 
ATOM   315  O O      . SER A 1 21 ? -0.057  -0.143  9.412   1    20.083 ? 19  SER A O      1 
ATOM   316  C CB     A SER A 1 21 ? -2.293  2.037   10.617  0.28 21.467 ? 19  SER A CB     1 
ATOM   317  C CB     B SER A 1 21 ? -2.486  1.569   10.472  0.41 22.228 ? 19  SER A CB     1 
ATOM   318  C CB     C SER A 1 21 ? -2.464  1.583   10.478  0.31 20.867 ? 19  SER A CB     1 
ATOM   319  O OG     A SER A 1 21 ? -3.137  0.925   10.369  0.28 21.64  ? 19  SER A OG     1 
ATOM   320  O OG     B SER A 1 21 ? -2.306  1.549   11.881  0.41 23.937 ? 19  SER A OG     1 
ATOM   321  O OG     C SER A 1 21 ? -3.432  2.589   10.235  0.31 21.103 ? 19  SER A OG     1 
ATOM   322  H H      A SER A 1 21 ? -1.612  1.186   7.934   0.28 20.292 ? 19  SER A H      1 
ATOM   323  H H      B SER A 1 21 ? -1.540  1.198   7.881   0.41 20.426 ? 19  SER A H      1 
ATOM   324  H H      C SER A 1 21 ? -1.546  1.198   7.884   0.31 20.293 ? 19  SER A H      1 
ATOM   325  H HA     A SER A 1 21 ? -0.570  2.863   9.905   0.28 20.484 ? 19  SER A HA     1 
ATOM   326  H HA     B SER A 1 21 ? -0.880  2.800   10.090  0.41 20.847 ? 19  SER A HA     1 
ATOM   327  H HA     C SER A 1 21 ? -0.864  2.803   10.083  0.31 20.356 ? 19  SER A HA     1 
ATOM   328  H HB2    A SER A 1 21 ? -2.018  2.029   11.553  0.28 21.275 ? 19  SER A HB2    1 
ATOM   329  H HB2    B SER A 1 21 ? -3.168  2.227   10.240  0.41 22.352 ? 19  SER A HB2    1 
ATOM   330  H HB2    C SER A 1 21 ? -2.797  0.725   10.158  0.31 20.879 ? 19  SER A HB2    1 
ATOM   331  H HB3    A SER A 1 21 ? -2.791  2.860   10.456  0.28 21.321 ? 19  SER A HB3    1 
ATOM   332  H HB3    B SER A 1 21 ? -2.792  0.694   10.171  0.41 22.397 ? 19  SER A HB3    1 
ATOM   333  H HB3    C SER A 1 21 ? -2.297  1.514   11.436  0.31 20.827 ? 19  SER A HB3    1 
ATOM   334  H HG     A SER A 1 21 ? -3.812  0.980   10.880  0    21.65  ? 19  SER A HG     1 
ATOM   335  H HG     B SER A 1 21 ? -3.045  1.355   12.245  0    23.93  ? 19  SER A HG     1 
ATOM   336  H HG     C SER A 1 21 ? -4.143  2.386   10.643  0    21.07  ? 19  SER A HG     1 
ATOM   337  N N      . HIS A 1 22 ? 0.621   1.110   11.156  1    20.601 ? 20  HIS A N      1 
ATOM   338  C CA     . HIS A 1 22 ? 1.604   0.133   11.590  1    18.54  ? 20  HIS A CA     1 
ATOM   339  C C      . HIS A 1 22 ? 1.683   0.228   13.115  1    20.442 ? 20  HIS A C      1 
ATOM   340  O O      . HIS A 1 22 ? 1.532   1.325   13.657  1    21.843 ? 20  HIS A O      1 
ATOM   341  C CB     . HIS A 1 22 ? 2.944   0.553   11.007  1    19.763 ? 20  HIS A CB     1 
ATOM   342  C CG     . HIS A 1 22 ? 4.063   -0.387  11.325  1    20.899 ? 20  HIS A CG     1 
ATOM   343  N ND1    . HIS A 1 22 ? 4.836   -0.226  12.463  1    19.853 ? 20  HIS A ND1    1 
ATOM   344  C CD2    . HIS A 1 22 ? 4.501   -1.486  10.713  1    20.426 ? 20  HIS A CD2    1 
ATOM   345  C CE1    . HIS A 1 22 ? 5.766   -1.201  12.474  1    20.73  ? 20  HIS A CE1    1 
ATOM   346  N NE2    . HIS A 1 22 ? 5.559   -2.017  11.421  1    21.853 ? 20  HIS A NE2    1 
ATOM   347  H H      . HIS A 1 22 ? 0.522   1.884   11.631  1    20.015 ? 20  HIS A H      1 
ATOM   348  H HA     . HIS A 1 22 ? 1.346   -0.778  11.320  1    19.522 ? 20  HIS A HA     1 
ATOM   349  H HB2    . HIS A 1 22 ? 2.854   0.622   10.031  1    19.737 ? 20  HIS A HB2    1 
ATOM   350  H HB3    . HIS A 1 22 ? 3.169   1.444   11.349  1    19.761 ? 20  HIS A HB3    1 
ATOM   351  H HD1    . HIS A 1 22 ? 4.737   0.403   13.073  0    19.85  ? 20  HIS A HD1    1 
ATOM   352  H HD2    . HIS A 1 22 ? 4.156   -1.843  9.918   1    20.839 ? 20  HIS A HD2    1 
ATOM   353  H HE1    . HIS A 1 22 ? 6.414   -1.324  13.145  1    20.76  ? 20  HIS A HE1    1 
ATOM   354  H HE2    . HIS A 1 22 ? 6.009   -2.744  11.225  0    21.84  ? 20  HIS A HE2    1 
ATOM   355  N N      . PRO A 1 23 ? 1.866   -0.897  13.823  1    20.922 ? 21  PRO A N      1 
ATOM   356  C CA     . PRO A 1 23 ? 1.798   -0.863  15.283  1    23.191 ? 21  PRO A CA     1 
ATOM   357  C C      . PRO A 1 23 ? 2.783   0.082   15.960  1    23.592 ? 21  PRO A C      1 
ATOM   358  O O      . PRO A 1 23 ? 2.445   0.674   16.986  1    26.736 ? 21  PRO A O      1 
ATOM   359  C CB     . PRO A 1 23 ? 2.022   -2.321  15.659  1    22.594 ? 21  PRO A CB     1 
ATOM   360  C CG     . PRO A 1 23 ? 1.625   -3.113  14.454  1    24.362 ? 21  PRO A CG     1 
ATOM   361  C CD     . PRO A 1 23 ? 1.996   -2.232  13.274  1    21.769 ? 21  PRO A CD     1 
ATOM   362  H HA     . PRO A 1 23 ? 0.877   -0.605  15.537  1    22.692 ? 21  PRO A HA     1 
ATOM   363  H HB2    . PRO A 1 23 ? 2.968   -2.483  15.885  1    23.124 ? 21  PRO A HB2    1 
ATOM   364  H HB3    . PRO A 1 23 ? 1.468   -2.568  16.436  1    23.122 ? 21  PRO A HB3    1 
ATOM   365  H HG2    . PRO A 1 23 ? 2.111   -3.963  14.418  1    23.348 ? 21  PRO A HG2    1 
ATOM   366  H HG3    . PRO A 1 23 ? 0.662   -3.299  14.459  1    23.348 ? 21  PRO A HG3    1 
ATOM   367  H HD2    . PRO A 1 23 ? 2.916   -2.407  12.976  1    22.108 ? 21  PRO A HD2    1 
ATOM   368  H HD3    . PRO A 1 23 ? 1.379   -2.374  12.525  1    22.116 ? 21  PRO A HD3    1 
ATOM   369  N N      . LEU A 1 24 ? 3.958   0.275   15.364  1    18.797 ? 22  LEU A N      1 
ATOM   370  C CA     . LEU A 1 24 ? 4.997   1.076   15.957  1    19.298 ? 22  LEU A CA     1 
ATOM   371  C C      . LEU A 1 24 ? 5.126   2.412   15.261  1    22.46  ? 22  LEU A C      1 
ATOM   372  O O      . LEU A 1 24 ? 5.584   3.368   15.882  1    23.587 ? 22  LEU A O      1 
ATOM   373  C CB     . LEU A 1 24 ? 6.344   0.383   15.915  1    18.846 ? 22  LEU A CB     1 
ATOM   374  C CG     . LEU A 1 24 ? 6.427   -0.935  16.656  1    20.455 ? 22  LEU A CG     1 
ATOM   375  C CD1    . LEU A 1 24 ? 7.806   -1.495  16.519  1    21.541 ? 22  LEU A CD1    1 
ATOM   376  C CD2    . LEU A 1 24 ? 6.079   -0.792  18.124  1    23.164 ? 22  LEU A CD2    1 
ATOM   377  H H      . LEU A 1 24 ? 4.127   -0.141  14.569  1    20.001 ? 22  LEU A H      1 
ATOM   378  H HA     . LEU A 1 24 ? 4.756   1.247   16.901  1    19.754 ? 22  LEU A HA     1 
ATOM   379  H HB2    . LEU A 1 24 ? 6.579   0.225   14.971  1    19.346 ? 22  LEU A HB2    1 
ATOM   380  H HB3    . LEU A 1 24 ? 7.015   0.995   16.294  1    19.332 ? 22  LEU A HB3    1 
ATOM   381  H HG     . LEU A 1 24 ? 5.787   -1.570  16.241  1    20.809 ? 22  LEU A HG     1 
ATOM   382  H HD11   . LEU A 1 24 ? 8.036   -1.565  15.578  1    21.199 ? 22  LEU A HD11   1 
ATOM   383  H HD12   . LEU A 1 24 ? 7.840   -2.378  16.927  1    21.214 ? 22  LEU A HD12   1 
ATOM   384  H HD13   . LEU A 1 24 ? 8.441   -0.909  16.965  1    21.208 ? 22  LEU A HD13   1 
ATOM   385  H HD21   . LEU A 1 24 ? 5.121   -0.658  18.219  1    22.289 ? 22  LEU A HD21   1 
ATOM   386  H HD22   . LEU A 1 24 ? 6.551   -0.029  18.497  1    22.314 ? 22  LEU A HD22   1 
ATOM   387  H HD23   . LEU A 1 24 ? 6.340   -1.598  18.601  1    22.305 ? 22  LEU A HD23   1 
ATOM   388  N N      . PHE A 1 25 ? 4.926   2.430   13.922  1    20.138 ? 23  PHE A N      1 
ATOM   389  C CA     . PHE A 1 25 ? 5.244   3.642   13.173  1    21.478 ? 23  PHE A CA     1 
ATOM   390  C C      . PHE A 1 25 ? 4.085   4.625   13.127  1    27.073 ? 23  PHE A C      1 
ATOM   391  O O      . PHE A 1 25 ? 4.328   5.782   12.819  1    31.919 ? 23  PHE A O      1 
ATOM   392  C CB     . PHE A 1 25 ? 5.666   3.291   11.751  1    23.117 ? 23  PHE A CB     1 
ATOM   393  C CG     . PHE A 1 25 ? 6.831   2.317   11.655  1    26.042 ? 23  PHE A CG     1 
ATOM   394  C CD1    . PHE A 1 25 ? 7.845   2.280   12.606  1    28.842 ? 23  PHE A CD1    1 
ATOM   395  C CD2    . PHE A 1 25 ? 6.839   1.360   10.642  1    26.601 ? 23  PHE A CD2    1 
ATOM   396  C CE1    . PHE A 1 25 ? 8.893   1.381   12.497  1    29.488 ? 23  PHE A CE1    1 
ATOM   397  C CE2    . PHE A 1 25 ? 7.859   0.430   10.569  1    26.607 ? 23  PHE A CE2    1 
ATOM   398  C CZ     . PHE A 1 25 ? 8.888   0.451   11.475  1    30.533 ? 23  PHE A CZ     1 
ATOM   399  H H      . PHE A 1 25 ? 4.579   1.709   13.485  1    20.937 ? 23  PHE A H      1 
ATOM   400  H HA     . PHE A 1 25 ? 6.009   4.092   13.619  1    22.51  ? 23  PHE A HA     1 
ATOM   401  H HB2    . PHE A 1 25 ? 4.893   2.903   11.288  1    23.576 ? 23  PHE A HB2    1 
ATOM   402  H HB3    . PHE A 1 25 ? 5.909   4.122   11.285  1    23.573 ? 23  PHE A HB3    1 
ATOM   403  H HD1    . PHE A 1 25 ? 7.860   2.927   13.292  1    28.18  ? 23  PHE A HD1    1 
ATOM   404  H HD2    . PHE A 1 25 ? 6.138   1.341   10.011  1    26.586 ? 23  PHE A HD2    1 
ATOM   405  H HE1    . PHE A 1 25 ? 9.587   1.383   13.136  1    29.496 ? 23  PHE A HE1    1 
ATOM   406  H HE2    . PHE A 1 25 ? 7.871   -0.196  9.863   1    27.487 ? 23  PHE A HE2    1 
ATOM   407  H HZ     . PHE A 1 25 ? 9.583   -0.182  11.408  1    29.266 ? 23  PHE A HZ     1 
ATOM   408  N N      . GLY A 1 26 ? 2.866   4.187   13.448  1    23.123 ? 24  GLY A N      1 
ATOM   409  C CA     . GLY A 1 26 ? 1.715   5.062   13.470  1    24.143 ? 24  GLY A CA     1 
ATOM   410  C C      . GLY A 1 26 ? 0.965   4.942   12.167  1    23.688 ? 24  GLY A C      1 
ATOM   411  O O      . GLY A 1 26 ? 1.123   3.961   11.459  1    23.334 ? 24  GLY A O      1 
ATOM   412  H H      . GLY A 1 26 ? 2.748   3.306   13.657  1    24.19  ? 24  GLY A H      1 
ATOM   413  H HA2    . GLY A 1 26 ? 1.126   4.810   14.220  1    23.815 ? 24  GLY A HA2    1 
ATOM   414  H HA3    . GLY A 1 26 ? 2.007   5.994   13.606  1    23.9   ? 24  GLY A HA3    1 
ATOM   415  N N      . GLU A 1 27 ? 0.251   6.010   11.818  1    22.944 ? 25  GLU A N      1 
ATOM   416  C CA     . GLU A 1 27 ? -0.644  5.923   10.686  1    22.967 ? 25  GLU A CA     1 
ATOM   417  C C      . GLU A 1 27 ? -0.574  7.184   9.875   1    24.243 ? 25  GLU A C      1 
ATOM   418  O O      . GLU A 1 27 ? -0.141  8.236   10.328  1    23.996 ? 25  GLU A O      1 
ATOM   419  C CB     . GLU A 1 27 ? -2.078  5.614   11.077  1    32.389 ? 25  GLU A CB     1 
ATOM   420  C CG     . GLU A 1 27 ? -2.791  6.675   11.887  1    39.541 ? 25  GLU A CG     1 
ATOM   421  C CD     . GLU A 1 27 ? -4.240  6.212   11.922  1    51.743 ? 25  GLU A CD     1 
ATOM   422  O OE1    . GLU A 1 27 ? -5.097  7.089   11.740  1    62.121 ? 25  GLU A OE1    1 
ATOM   423  O OE2    . GLU A 1 27 ? -4.512  4.986   12.019  1    58.416 ? 25  GLU A OE2    1 
ATOM   424  H H      . GLU A 1 27 ? 0.318   6.792   12.284  1    23.144 ? 25  GLU A H      1 
ATOM   425  H HA     . GLU A 1 27 ? -0.330  5.183   10.112  1    24.639 ? 25  GLU A HA     1 
ATOM   426  H HB2    . GLU A 1 27 ? -2.591  5.451   10.258  1    31.545 ? 25  GLU A HB2    1 
ATOM   427  H HB3    . GLU A 1 27 ? -2.079  4.782   11.596  1    31.484 ? 25  GLU A HB3    1 
ATOM   428  H HG2    . GLU A 1 27 ? -2.427  6.718   12.797  1    40.174 ? 25  GLU A HG2    1 
ATOM   429  H HG3    . GLU A 1 27 ? -2.727  7.550   11.449  1    40.181 ? 25  GLU A HG3    1 
ATOM   430  N N      . LEU A 1 28 ? -0.981  7.036   8.615   1    21.117 ? 26  LEU A N      1 
ATOM   431  C CA     . LEU A 1 28 ? -0.995  8.199   7.772   1    23.206 ? 26  LEU A CA     1 
ATOM   432  C C      . LEU A 1 28 ? -1.956  7.939   6.639   1    23.452 ? 26  LEU A C      1 
ATOM   433  O O      . LEU A 1 28 ? -2.393  6.808   6.451   1    23.246 ? 26  LEU A O      1 
ATOM   434  C CB     . LEU A 1 28 ? 0.378   8.639   7.300   1    26.81  ? 26  LEU A CB     1 
ATOM   435  C CG     . LEU A 1 28 ? 1.171   7.676   6.438   1    27.96  ? 26  LEU A CG     1 
ATOM   436  C CD1    . LEU A 1 28 ? 0.508   7.400   5.090   1    30.328 ? 26  LEU A CD1    1 
ATOM   437  C CD2    . LEU A 1 28 ? 2.556   8.283   6.246   1    32.304 ? 26  LEU A CD2    1 
ATOM   438  H H      . LEU A 1 28 ? -1.244  6.224   8.288   1    22.323 ? 26  LEU A H      1 
ATOM   439  H HA     . LEU A 1 28 ? -1.382  8.939   8.306   1    23.451 ? 26  LEU A HA     1 
ATOM   440  H HB2    . LEU A 1 28 ? 0.269   9.478   6.798   1    26.212 ? 26  LEU A HB2    1 
ATOM   441  H HB3    . LEU A 1 28 ? 0.918   8.856   8.093   1    26.228 ? 26  LEU A HB3    1 
ATOM   442  H HG     . LEU A 1 28 ? 1.265   6.819   6.927   1    28.923 ? 26  LEU A HG     1 
ATOM   443  H HD11   . LEU A 1 28 ? -0.130  6.673   5.182   1    29.508 ? 26  LEU A HD11   1 
ATOM   444  H HD12   . LEU A 1 28 ? 1.187   7.149   4.440   1    29.588 ? 26  LEU A HD12   1 
ATOM   445  H HD13   . LEU A 1 28 ? 0.049   8.199   4.783   1    29.475 ? 26  LEU A HD13   1 
ATOM   446  H HD21   . LEU A 1 28 ? 2.991   8.381   7.109   1    30.92  ? 26  LEU A HD21   1 
ATOM   447  H HD22   . LEU A 1 28 ? 2.473   9.156   5.826   1    30.947 ? 26  LEU A HD22   1 
ATOM   448  H HD23   . LEU A 1 28 ? 3.090   7.701   5.680   1    30.94  ? 26  LEU A HD23   1 
ATOM   449  N N      . MET A 1 29 ? -2.357  9.040   6.017   1    22.975 ? 27  MET A N      1 
ATOM   450  C CA     . MET A 1 29 ? -3.231  8.975   4.866   1    23.45  ? 27  MET A CA     1 
ATOM   451  C C      . MET A 1 29 ? -2.386  9.192   3.629   1    20.792 ? 27  MET A C      1 
ATOM   452  O O      . MET A 1 29 ? -1.664  10.180  3.533   1    22.335 ? 27  MET A O      1 
ATOM   453  C CB     . MET A 1 29 ? -4.319  10.067  4.940   1    25.65  ? 27  MET A CB     1 
ATOM   454  C CG     . MET A 1 29 ? -5.362  9.813   6.007   1    29.769 ? 27  MET A CG     1 
ATOM   455  S SD     . MET A 1 29 ? -6.342  8.322   5.705   1    33.178 ? 27  MET A SD     1 
ATOM   456  C CE     . MET A 1 29 ? -7.433  8.476   7.136   1    40.634 ? 27  MET A CE     1 
ATOM   457  H H      . MET A 1 29 ? -2.079  9.858   6.316   1    23.197 ? 27  MET A H      1 
ATOM   458  H HA     . MET A 1 29 ? -3.653  8.080   4.827   1    23.211 ? 27  MET A HA     1 
ATOM   459  H HB2    . MET A 1 29 ? -3.886  10.931  5.116   1    26.037 ? 27  MET A HB2    1 
ATOM   460  H HB3    . MET A 1 29 ? -4.763  10.126  4.069   1    26.13  ? 27  MET A HB3    1 
ATOM   461  H HG2    . MET A 1 29 ? -4.920  9.725   6.876   1    29.317 ? 27  MET A HG2    1 
ATOM   462  H HG3    . MET A 1 29 ? -5.967  10.580  6.055   1    29.317 ? 27  MET A HG3    1 
ATOM   463  H HE1    . MET A 1 29 ? -8.114  7.779   7.102   1    38.639 ? 27  MET A HE1    1 
ATOM   464  H HE2    . MET A 1 29 ? -6.910  8.383   7.954   1    38.635 ? 27  MET A HE2    1 
ATOM   465  H HE3    . MET A 1 29 ? -7.862  9.351   7.124   1    38.636 ? 27  MET A HE3    1 
ATOM   466  N N      . ALA A 1 30 ? -2.448  8.237   2.683   1    20.354 ? 28  ALA A N      1 
ATOM   467  C CA     . ALA A 1 30 ? -1.658  8.259   1.489   1    19.63  ? 28  ALA A CA     1 
ATOM   468  C C      . ALA A 1 30 ? -2.569  8.084   0.267   1    18.409 ? 28  ALA A C      1 
ATOM   469  O O      . ALA A 1 30 ? -3.788  8.077   0.396   1    21.882 ? 28  ALA A O      1 
ATOM   470  C CB     . ALA A 1 30 ? -0.557  7.221   1.561   1    22.109 ? 28  ALA A CB     1 
ATOM   471  H H      . ALA A 1 30 ? -3.023  7.537   2.806   1    20.32  ? 28  ALA A H      1 
ATOM   472  H HA     . ALA A 1 30 ? -1.235  9.159   1.417   1    19.989 ? 28  ALA A HA     1 
ATOM   473  H HB1    . ALA A 1 30 ? -0.035  7.355   2.369   1    21.382 ? 28  ALA A HB1    1 
ATOM   474  H HB2    . ALA A 1 30 ? -0.948  6.332   1.576   1    21.353 ? 28  ALA A HB2    1 
ATOM   475  H HB3    . ALA A 1 30 ? 0.025   7.304   0.788   1    21.354 ? 28  ALA A HB3    1 
ATOM   476  N N      . GLN A 1 31 ? -1.960  7.922   -0.891  1    19.826 ? 29  GLN A N      1 
ATOM   477  C CA     . GLN A 1 31 ? -2.744  7.622   -2.080  1    19.902 ? 29  GLN A CA     1 
ATOM   478  C C      . GLN A 1 31 ? -2.094  6.457   -2.800  1    21.289 ? 29  GLN A C      1 
ATOM   479  O O      . GLN A 1 31 ? -0.883  6.359   -2.957  1    21.526 ? 29  GLN A O      1 
ATOM   480  C CB     . GLN A 1 31 ? -2.929  8.847   -2.968  1    25.581 ? 29  GLN A CB     1 
ATOM   481  C CG     . GLN A 1 31 ? -1.647  9.509   -3.362  1    31.013 ? 29  GLN A CG     1 
ATOM   482  C CD     . GLN A 1 31 ? -1.936  10.664  -4.302  1    32.738 ? 29  GLN A CD     1 
ATOM   483  O OE1    . GLN A 1 31 ? -1.731  10.516  -5.498  1    31.128 ? 29  GLN A OE1    1 
ATOM   484  N NE2    . GLN A 1 31 ? -2.511  11.746  -3.786  1    36.763 ? 29  GLN A NE2    1 
ATOM   485  H H      . GLN A 1 31 ? -1.053  8.014   -0.962  1    19.584 ? 29  GLN A H      1 
ATOM   486  H HA     . GLN A 1 31 ? -3.641  7.333   -1.784  1    21.058 ? 29  GLN A HA     1 
ATOM   487  H HB2    . GLN A 1 31 ? -3.409  8.576   -3.779  1    25.299 ? 29  GLN A HB2    1 
ATOM   488  H HB3    . GLN A 1 31 ? -3.490  9.496   -2.495  1    25.27  ? 29  GLN A HB3    1 
ATOM   489  H HG2    . GLN A 1 31 ? -1.189  9.844   -2.564  1    29.946 ? 29  GLN A HG2    1 
ATOM   490  H HG3    . GLN A 1 31 ? -1.059  8.864   -3.807  1    29.925 ? 29  GLN A HG3    1 
ATOM   491  H HE21   . GLN A 1 31 ? -2.693  12.441  -4.306  1    35.431 ? 29  GLN A HE21   1 
ATOM   492  H HE22   . GLN A 1 31 ? -2.711  11.772  -2.922  1    35.432 ? 29  GLN A HE22   1 
ATOM   493  N N      . THR A 1 32 ? -2.935  5.581   -3.332  1    18.196 ? 30  THR A N      1 
ATOM   494  C CA     . THR A 1 32 ? -2.428  4.551   -4.200  1    18.347 ? 30  THR A CA     1 
ATOM   495  C C      . THR A 1 32 ? -2.066  5.149   -5.548  1    20.634 ? 30  THR A C      1 
ATOM   496  O O      . THR A 1 32 ? -2.542  6.225   -5.936  1    20.718 ? 30  THR A O      1 
ATOM   497  C CB     . THR A 1 32 ? -3.474  3.455   -4.376  1    19.842 ? 30  THR A CB     1 
ATOM   498  O OG1    . THR A 1 32 ? -4.603  4.003   -5.046  1    20.954 ? 30  THR A OG1    1 
ATOM   499  C CG2    . THR A 1 32 ? -4.005  2.919   -3.061  1    17.743 ? 30  THR A CG2    1 
ATOM   500  H H      . THR A 1 32 ? -3.832  5.637   -3.169  1    18.943 ? 30  THR A H      1 
ATOM   501  H HA     . THR A 1 32 ? -1.626  4.160   -3.793  1    19.001 ? 30  THR A HA     1 
ATOM   502  H HB     . THR A 1 32 ? -3.100  2.715   -4.910  1    19.372 ? 30  THR A HB     1 
ATOM   503  H HG1    . THR A 1 32 ? -4.932  4.649   -4.576  0    20.96  ? 30  THR A HG1    1 
ATOM   504  H HG21   . THR A 1 32 ? -4.536  2.122   -3.226  1    18.35  ? 30  THR A HG21   1 
ATOM   505  H HG22   . THR A 1 32 ? -4.559  3.592   -2.632  1    18.381 ? 30  THR A HG22   1 
ATOM   506  H HG23   . THR A 1 32 ? -3.260  2.696   -2.476  1    18.35  ? 30  THR A HG23   1 
ATOM   507  N N      . ARG A 1 33 ? -1.236  4.406   -6.259  1    18.201 ? 31  ARG A N      1 
ATOM   508  C CA     . ARG A 1 33 ? -0.912  4.730   -7.630  1    19.352 ? 31  ARG A CA     1 
ATOM   509  C C      . ARG A 1 33 ? -1.324  3.664   -8.617  1    18.543 ? 31  ARG A C      1 
ATOM   510  O O      . ARG A 1 33 ? -1.803  3.970   -9.719  1    19.736 ? 31  ARG A O      1 
ATOM   511  C CB     . ARG A 1 33 ? 0.581   4.994   -7.724  1    20.133 ? 31  ARG A CB     1 
ATOM   512  C CG     . ARG A 1 33 ? 1.069   5.204   -9.143  1    23.679 ? 31  ARG A CG     1 
ATOM   513  C CD     . ARG A 1 33 ? 2.605   5.263   -9.112  1    28.271 ? 31  ARG A CD     1 
ATOM   514  N NE     . ARG A 1 33 ? 2.891   6.573   -8.524  1    34.038 ? 31  ARG A NE     1 
ATOM   515  C CZ     . ARG A 1 33 ? 4.153   6.978   -8.281  1    36.69  ? 31  ARG A CZ     1 
ATOM   516  N NH1    . ARG A 1 33 ? 5.139   6.125   -8.449  1    29.162 ? 31  ARG A NH1    1 
ATOM   517  N NH2    . ARG A 1 33 ? 4.401   8.228   -7.912  1    40.014 ? 31  ARG A NH2    1 
ATOM   518  H H      . ARG A 1 33 ? -0.849  3.673   -5.874  1    18.986 ? 31  ARG A H      1 
ATOM   519  H HA     . ARG A 1 33 ? -1.381  5.567   -7.873  1    19.13  ? 31  ARG A HA     1 
ATOM   520  H HB2    . ARG A 1 33 ? 0.797   5.787   -7.190  1    20.852 ? 31  ARG A HB2    1 
ATOM   521  H HB3    . ARG A 1 33 ? 1.059   4.230   -7.336  1    20.82  ? 31  ARG A HB3    1 
ATOM   522  H HG2    . ARG A 1 33 ? 0.785   4.459   -9.715  1    23.716 ? 31  ARG A HG2    1 
ATOM   523  H HG3    . ARG A 1 33 ? 0.710   6.045   -9.503  1    23.849 ? 31  ARG A HG3    1 
ATOM   524  H HD2    . ARG A 1 33 ? 2.983   4.553   -8.555  1    28.327 ? 31  ARG A HD2    1 
ATOM   525  H HD3    . ARG A 1 33 ? 2.983   5.209   -10.014 1    28.416 ? 31  ARG A HD3    1 
ATOM   526  H HE     . ARG A 1 33 ? 2.236   7.115   -8.332  1    32.891 ? 31  ARG A HE     1 
ATOM   527  H HH11   . ARG A 1 33 ? 5.127   5.549   -9.128  1    31.254 ? 31  ARG A HH11   1 
ATOM   528  H HH12   . ARG A 1 33 ? 5.823   6.137   -7.877  1    31.395 ? 31  ARG A HH12   1 
ATOM   529  H HH21   . ARG A 1 33 ? 3.847   8.874   -8.149  1    38.88  ? 31  ARG A HH21   1 
ATOM   530  H HH22   . ARG A 1 33 ? 5.121   8.406   -7.432  1    38.83  ? 31  ARG A HH22   1 
ATOM   531  N N      . ASP A 1 34 ? -1.053  2.378   -8.278  1    17.143 ? 32  ASP A N      1 
ATOM   532  C CA     . ASP A 1 34 ? -1.367  1.309   -9.188  1    17.527 ? 32  ASP A CA     1 
ATOM   533  C C      . ASP A 1 34 ? -1.594  0.031   -8.380  1    16.721 ? 32  ASP A C      1 
ATOM   534  O O      . ASP A 1 34 ? -1.239  -0.021  -7.219  1    16.421 ? 32  ASP A O      1 
ATOM   535  C CB     . ASP A 1 34 ? -0.285  1.122   -10.240 1    17.172 ? 32  ASP A CB     1 
ATOM   536  C CG     . ASP A 1 34 ? 1.082   0.847   -9.686  1    20.925 ? 32  ASP A CG     1 
ATOM   537  O OD1    . ASP A 1 34 ? 1.252   -0.259  -9.113  1    21.656 ? 32  ASP A OD1    1 
ATOM   538  O OD2    . ASP A 1 34 ? 1.931   1.781   -9.747  1    24.258 ? 32  ASP A OD2    1 
ATOM   539  H H      . ASP A 1 34 ? -0.659  2.184   -7.477  1    17.576 ? 32  ASP A H      1 
ATOM   540  H HA     . ASP A 1 34 ? -2.204  1.534   -9.651  1    17.267 ? 32  ASP A HA     1 
ATOM   541  H HB2    . ASP A 1 34 ? -0.536  0.376   -10.823 1    18.064 ? 32  ASP A HB2    1 
ATOM   542  H HB3    . ASP A 1 34 ? -0.238  1.932   -10.791 1    18.097 ? 32  ASP A HB3    1 
ATOM   543  N N      . LEU A 1 35 ? -2.245  -0.904  -9.016  1    17.18  ? 33  LEU A N      1 
ATOM   544  C CA     . LEU A 1 35 ? -2.787  -2.058  -8.318  1    16.762 ? 33  LEU A CA     1 
ATOM   545  C C      . LEU A 1 35 ? -2.766  -3.253  -9.223  1    17.643 ? 33  LEU A C      1 
ATOM   546  O O      . LEU A 1 35 ? -3.086  -3.162  -10.427 1    17.772 ? 33  LEU A O      1 
ATOM   547  C CB     . LEU A 1 35 ? -4.239  -1.710  -7.955  1    16.981 ? 33  LEU A CB     1 
ATOM   548  C CG     . LEU A 1 35 ? -5.041  -2.793  -7.249  1    17.381 ? 33  LEU A CG     1 
ATOM   549  C CD1    . LEU A 1 35 ? -4.421  -3.125  -5.908  1    17.039 ? 33  LEU A CD1    1 
ATOM   550  C CD2    . LEU A 1 35 ? -6.487  -2.381  -7.033  1    19.8   ? 33  LEU A CD2    1 
ATOM   551  H H      . LEU A 1 35 ? -2.368  -0.836  -9.920  1    16.994 ? 33  LEU A H      1 
ATOM   552  H HA     . LEU A 1 35 ? -2.257  -2.232  -7.498  1    17.029 ? 33  LEU A HA     1 
ATOM   553  H HB2    . LEU A 1 35 ? -4.229  -0.911  -7.381  1    17.022 ? 33  LEU A HB2    1 
ATOM   554  H HB3    . LEU A 1 35 ? -4.712  -1.469  -8.785  1    17.022 ? 33  LEU A HB3    1 
ATOM   555  H HG     . LEU A 1 35 ? -5.031  -3.610  -7.809  1    17.665 ? 33  LEU A HG     1 
ATOM   556  H HD11   . LEU A 1 35 ? -3.577  -3.582  -6.045  1    17.138 ? 33  LEU A HD11   1 
ATOM   557  H HD12   . LEU A 1 35 ? -5.022  -3.700  -5.405  1    17.153 ? 33  LEU A HD12   1 
ATOM   558  H HD13   . LEU A 1 35 ? -4.268  -2.304  -5.409  1    17.142 ? 33  LEU A HD13   1 
ATOM   559  H HD21   . LEU A 1 35 ? -6.861  -2.059  -7.870  1    19.159 ? 33  LEU A HD21   1 
ATOM   560  H HD22   . LEU A 1 35 ? -6.528  -1.675  -6.367  1    19.205 ? 33  LEU A HD22   1 
ATOM   561  H HD23   . LEU A 1 35 ? -7.000  -3.146  -6.723  1    19.102 ? 33  LEU A HD23   1 
ATOM   562  N N      . SER A 1 36 ? -2.474  -4.394  -8.617  1    16.358 ? 34  SER A N      1 
ATOM   563  C CA     . SER A 1 36 ? -2.719  -5.684  -9.250  1    16.756 ? 34  SER A CA     1 
ATOM   564  C C      . SER A 1 36 ? -3.443  -6.559  -8.237  1    16.905 ? 34  SER A C      1 
ATOM   565  O O      . SER A 1 36 ? -3.600  -6.192  -7.104  1    17.807 ? 34  SER A O      1 
ATOM   566  C CB     . SER A 1 36 ? -1.418  -6.338  -9.683  1    18.681 ? 34  SER A CB     1 
ATOM   567  O OG     . SER A 1 36 ? -0.654  -6.674  -8.521  1    18.067 ? 34  SER A OG     1 
ATOM   568  H H      . SER A 1 36 ? -2.104  -4.379  -7.781  1    16.749 ? 34  SER A H      1 
ATOM   569  H HA     . SER A 1 36 ? -3.302  -5.556  -10.041 1    17.049 ? 34  SER A HA     1 
ATOM   570  H HB2    . SER A 1 36 ? -1.609  -7.144  -10.198 1    18.095 ? 34  SER A HB2    1 
ATOM   571  H HB3    . SER A 1 36 ? -0.913  -5.722  -10.244 1    18.09  ? 34  SER A HB3    1 
ATOM   572  H HG     . SER A 1 36 ? 0.069   -7.037  -8.771  0    18.07  ? 34  SER A HG     1 
ATOM   573  N N      . ASP A 1 37 ? -3.724  -7.803  -8.604  1    18.907 ? 35  ASP A N      1 
ATOM   574  C CA     . ASP A 1 37 ? -4.363  -8.691  -7.652  1    20.136 ? 35  ASP A CA     1 
ATOM   575  C C      . ASP A 1 37 ? -3.461  -8.981  -6.452  1    20.589 ? 35  ASP A C      1 
ATOM   576  O O      . ASP A 1 37 ? -3.979  -9.404  -5.423  1    22.332 ? 35  ASP A O      1 
ATOM   577  C CB     . ASP A 1 37 ? -4.706  -9.995  -8.344  1    22.786 ? 35  ASP A CB     1 
ATOM   578  C CG     . ASP A 1 37 ? -5.910  -9.893  -9.271  1    34.033 ? 35  ASP A CG     1 
ATOM   579  O OD1    . ASP A 1 37 ? -6.427  -8.751  -9.483  1    31.268 ? 35  ASP A OD1    1 
ATOM   580  O OD2    . ASP A 1 37 ? -6.321  -10.966 -9.769  1    41.114 ? 35  ASP A OD2    1 
ATOM   581  H H      . ASP A 1 37 ? -3.531  -8.099  -9.448  1    18.717 ? 35  ASP A H      1 
ATOM   582  H HA     . ASP A 1 37 ? -5.192  -8.268  -7.333  1    20.501 ? 35  ASP A HA     1 
ATOM   583  H HB2    . ASP A 1 37 ? -3.934  -10.296 -8.865  1    24.296 ? 35  ASP A HB2    1 
ATOM   584  H HB3    . ASP A 1 37 ? -4.899  -10.677 -7.667  1    24.289 ? 35  ASP A HB3    1 
ATOM   585  N N      . THR A 1 38 ? -2.156  -8.840  -6.620  1    17.34  ? 36  THR A N      1 
ATOM   586  C CA     . THR A 1 38 ? -1.206  -9.213  -5.573  1    18.622 ? 36  THR A CA     1 
ATOM   587  C C      . THR A 1 38 ? -0.585  -8.037  -4.834  1    19.192 ? 36  THR A C      1 
ATOM   588  O O      . THR A 1 38 ? -0.019  -8.264  -3.768  1    17.866 ? 36  THR A O      1 
ATOM   589  C CB     . THR A 1 38 ? -0.114  -10.121 -6.124  1    19.916 ? 36  THR A CB     1 
ATOM   590  O OG1    . THR A 1 38 ? 0.531   -9.503  -7.232  1    20.944 ? 36  THR A OG1    1 
ATOM   591  C CG2    . THR A 1 38 ? -0.682  -11.486 -6.471  1    20.905 ? 36  THR A CG2    1 
ATOM   592  H H      . THR A 1 38 ? -1.832  -8.517  -7.411  1    18.364 ? 36  THR A H      1 
ATOM   593  H HA     . THR A 1 38 ? -1.703  -9.739  -4.909  1    18.756 ? 36  THR A HA     1 
ATOM   594  H HB     . THR A 1 38 ? 0.558   -10.261 -5.414  1    20.03  ? 36  THR A HB     1 
ATOM   595  H HG1    . THR A 1 38 ? -0.049  -9.350  -7.854  0    20.92  ? 36  THR A HG1    1 
ATOM   596  H HG21   . THR A 1 38 ? 0.016   -12.041 -6.855  1    20.674 ? 36  THR A HG21   1 
ATOM   597  H HG22   . THR A 1 38 ? -1.404  -11.382 -7.113  1    20.643 ? 36  THR A HG22   1 
ATOM   598  H HG23   . THR A 1 38 ? -1.024  -11.908 -5.666  1    20.615 ? 36  THR A HG23   1 
ATOM   599  N N      . GLY A 1 39 ? -0.638  -6.793  -5.370  1    17.808 ? 37  GLY A N      1 
ATOM   600  C CA     . GLY A 1 39 ? 0.019   -5.732  -4.640  1    18.909 ? 37  GLY A CA     1 
ATOM   601  C C      . GLY A 1 39 ? -0.441  -4.355  -5.112  1    17.671 ? 37  GLY A C      1 
ATOM   602  O O      . GLY A 1 39 ? -1.234  -4.242  -6.035  1    16.752 ? 37  GLY A O      1 
ATOM   603  H H      . GLY A 1 39 ? -1.064  -6.619  -6.159  1    18.362 ? 37  GLY A H      1 
ATOM   604  H HA2    . GLY A 1 39 ? -0.176  -5.829  -3.678  1    18.353 ? 37  GLY A HA2    1 
ATOM   605  H HA3    . GLY A 1 39 ? 0.991   -5.814  -4.763  1    18.346 ? 37  GLY A HA3    1 
ATOM   606  N N      . VAL A 1 40 ? 0.092   -3.363  -4.435  1    16.03  ? 38  VAL A N      1 
ATOM   607  C CA     . VAL A 1 40 ? -0.281  -1.982  -4.663  1    16.291 ? 38  VAL A CA     1 
ATOM   608  C C      . VAL A 1 40 ? 0.915   -1.117  -4.419  1    16.117 ? 38  VAL A C      1 
ATOM   609  O O      . VAL A 1 40 ? 1.724   -1.402  -3.532  1    17.534 ? 38  VAL A O      1 
ATOM   610  C CB     . VAL A 1 40 ? -1.482  -1.614  -3.777  1    16.437 ? 38  VAL A CB     1 
ATOM   611  C CG1    . VAL A 1 40 ? -1.138  -1.695  -2.297  1    18.504 ? 38  VAL A CG1    1 
ATOM   612  C CG2    . VAL A 1 40 ? -2.068  -0.249  -4.101  1    17.691 ? 38  VAL A CG2    1 
ATOM   613  H H      . VAL A 1 40 ? 0.718   -3.548  -3.794  1    16.481 ? 38  VAL A H      1 
ATOM   614  H HA     . VAL A 1 40 ? -0.545  -1.886  -5.598  1    16.247 ? 38  VAL A HA     1 
ATOM   615  H HB     . VAL A 1 40 ? -2.183  -2.284  -3.953  1    17.013 ? 38  VAL A HB     1 
ATOM   616  H HG11   . VAL A 1 40 ? -0.528  -0.976  -2.064  1    17.855 ? 38  VAL A HG11   1 
ATOM   617  H HG12   . VAL A 1 40 ? -0.716  -2.550  -2.106  1    17.855 ? 38  VAL A HG12   1 
ATOM   618  H HG13   . VAL A 1 40 ? -1.950  -1.612  -1.770  1    17.863 ? 38  VAL A HG13   1 
ATOM   619  H HG21   . VAL A 1 40 ? -2.762  -0.032  -3.455  1    17.307 ? 38  VAL A HG21   1 
ATOM   620  H HG22   . VAL A 1 40 ? -2.453  -0.264  -4.993  1    17.303 ? 38  VAL A HG22   1 
ATOM   621  H HG23   . VAL A 1 40 ? -1.369  0.426   -4.062  1    17.298 ? 38  VAL A HG23   1 
ATOM   622  N N      . TYR A 1 41 ? 1.042   -0.028  -5.192  1    16.389 ? 39  TYR A N      1 
ATOM   623  C CA     . TYR A 1 41 ? 2.025   0.997   -4.880  1    16.56  ? 39  TYR A CA     1 
ATOM   624  C C      . TYR A 1 41 ? 1.286   2.118   -4.177  1    17.024 ? 39  TYR A C      1 
ATOM   625  O O      . TYR A 1 41 ? 0.208   2.553   -4.619  1    17.189 ? 39  TYR A O      1 
ATOM   626  C CB     . TYR A 1 41 ? 2.676   1.478   -6.171  1    16.83  ? 39  TYR A CB     1 
ATOM   627  C CG     . TYR A 1 41 ? 3.719   2.550   -5.899  1    18.802 ? 39  TYR A CG     1 
ATOM   628  C CD1    . TYR A 1 41 ? 3.352   3.868   -5.649  1    21.743 ? 39  TYR A CD1    1 
ATOM   629  C CD2    . TYR A 1 41 ? 5.034   2.182   -5.719  1    19.672 ? 39  TYR A CD2    1 
ATOM   630  C CE1    . TYR A 1 41 ? 4.317   4.827   -5.365  1    22.129 ? 39  TYR A CE1    1 
ATOM   631  C CE2    . TYR A 1 41 ? 6.013   3.120   -5.447  1    20.832 ? 39  TYR A CE2    1 
ATOM   632  C CZ     . TYR A 1 41 ? 5.643   4.445   -5.298  1    21.367 ? 39  TYR A CZ     1 
ATOM   633  O OH     . TYR A 1 41 ? 6.602   5.375   -5.029  1    24.034 ? 39  TYR A OH     1 
ATOM   634  H H      . TYR A 1 41 ? 0.507   0.079   -5.926  1    16.363 ? 39  TYR A H      1 
ATOM   635  H HA     . TYR A 1 41 ? 2.720   0.621   -4.279  1    16.671 ? 39  TYR A HA     1 
ATOM   636  H HB2    . TYR A 1 41 ? 3.102   0.714   -6.619  1    17.236 ? 39  TYR A HB2    1 
ATOM   637  H HB3    . TYR A 1 41 ? 1.981   1.844   -6.762  1    17.204 ? 39  TYR A HB3    1 
ATOM   638  H HD1    . TYR A 1 41 ? 2.450   4.128   -5.740  1    21.051 ? 39  TYR A HD1    1 
ATOM   639  H HD2    . TYR A 1 41 ? 5.287   1.285   -5.868  1    19.732 ? 39  TYR A HD2    1 
ATOM   640  H HE1    . TYR A 1 41 ? 4.076   5.732   -5.263  1    21.824 ? 39  TYR A HE1    1 
ATOM   641  H HE2    . TYR A 1 41 ? 6.919   2.868   -5.394  1    20.742 ? 39  TYR A HE2    1 
ATOM   642  H HH     . TYR A 1 41 ? 6.726   5.432   -4.180  0    24.03  ? 39  TYR A HH     1 
ATOM   643  N N      . VAL A 1 42 ? 1.859   2.591   -3.071  1    16.67  ? 40  VAL A N      1 
ATOM   644  C CA     . VAL A 1 42 ? 1.275   3.631   -2.279  1    18.999 ? 40  VAL A CA     1 
ATOM   645  C C      . VAL A 1 42 ? 2.306   4.753   -2.146  1    20.779 ? 40  VAL A C      1 
ATOM   646  O O      . VAL A 1 42 ? 3.462   4.545   -1.785  1    18.751 ? 40  VAL A O      1 
ATOM   647  C CB     . VAL A 1 42 ? 0.820   3.120   -0.900  1    18.65  ? 40  VAL A CB     1 
ATOM   648  C CG1    . VAL A 1 42 ? 0.313   4.273   -0.064  1    19.584 ? 40  VAL A CG1    1 
ATOM   649  C CG2    . VAL A 1 42 ? -0.190  1.983   -1.030  1    18.25  ? 40  VAL A CG2    1 
ATOM   650  H H      . VAL A 1 42 ? 2.660   2.239   -2.803  1    17.275 ? 40  VAL A H      1 
ATOM   651  H HA     . VAL A 1 42 ? 0.495   3.978   -2.751  1    18.762 ? 40  VAL A HA     1 
ATOM   652  H HB     . VAL A 1 42 ? 1.619   2.757   -0.450  1    18.811 ? 40  VAL A HB     1 
ATOM   653  H HG11   . VAL A 1 42 ? -0.342  4.779   -0.573  1    19.309 ? 40  VAL A HG11   1 
ATOM   654  H HG12   . VAL A 1 42 ? 1.053   4.853   0.177   1    19.329 ? 40  VAL A HG12   1 
ATOM   655  H HG13   . VAL A 1 42 ? -0.104  3.929   0.744   1    19.309 ? 40  VAL A HG13   1 
ATOM   656  H HG21   . VAL A 1 42 ? -0.495  1.717   -0.147  1    18.371 ? 40  VAL A HG21   1 
ATOM   657  H HG22   . VAL A 1 42 ? 0.228   1.224   -1.470  1    18.384 ? 40  VAL A HG22   1 
ATOM   658  H HG23   . VAL A 1 42 ? -0.950  2.283   -1.558  1    18.371 ? 40  VAL A HG23   1 
ATOM   659  N N      . LYS A 1 43 ? 1.858   5.947   -2.539  1    19.626 ? 41  LYS A N      1 
ATOM   660  C CA     . LYS A 1 43 ? 2.688   7.129   -2.666  1    21.754 ? 41  LYS A CA     1 
ATOM   661  C C      . LYS A 1 43 ? 2.518   7.980   -1.419  1    21.076 ? 41  LYS A C      1 
ATOM   662  O O      . LYS A 1 43 ? 1.409   8.381   -1.063  1    21.843 ? 41  LYS A O      1 
ATOM   663  C CB     . LYS A 1 43 ? 2.225   7.949   -3.882  1    22.184 ? 41  LYS A CB     1 
ATOM   664  C CG     . LYS A 1 43 ? 3.004   9.273   -4.018  1    27.443 ? 41  LYS A CG     1 
ATOM   665  C CD     . LYS A 1 43 ? 2.645   10.068  -5.269  1    30.028 ? 41  LYS A CD     1 
ATOM   666  C CE     . LYS A 1 43 ? 3.644   11.173  -5.547  1    37.527 ? 41  LYS A CE     1 
ATOM   667  N NZ     . LYS A 1 43 ? 3.876   11.919  -4.321  1    40.326 ? 41  LYS A NZ     1 
ATOM   668  H H      . LYS A 1 43 ? 0.970   6.030   -2.736  1    20.371 ? 41  LYS A H      1 
ATOM   669  H HA     . LYS A 1 43 ? 3.636   6.858   -2.768  1    21.274 ? 41  LYS A HA     1 
ATOM   670  H HB2    . LYS A 1 43 ? 2.351   7.421   -4.699  1    23.173 ? 41  LYS A HB2    1 
ATOM   671  H HB3    . LYS A 1 43 ? 1.268   8.151   -3.793  1    23.157 ? 41  LYS A HB3    1 
ATOM   672  H HG2    . LYS A 1 43 ? 2.823   9.825   -3.227  1    26.86  ? 41  LYS A HG2    1 
ATOM   673  H HG3    . LYS A 1 43 ? 3.965   9.071   -4.031  1    26.727 ? 41  LYS A HG3    1 
ATOM   674  H HD2    . LYS A 1 43 ? 2.615   9.460   -6.039  1    30.966 ? 41  LYS A HD2    1 
ATOM   675  H HD3    . LYS A 1 43 ? 1.753   10.462  -5.154  1    30.966 ? 41  LYS A HD3    1 
ATOM   676  H HE2    . LYS A 1 43 ? 4.486   10.792  -5.858  1    36.309 ? 41  LYS A HE2    1 
ATOM   677  H HE3    . LYS A 1 43 ? 3.299   11.773  -6.231  1    36.309 ? 41  LYS A HE3    1 
ATOM   678  H HZ1    . LYS A 1 43 ? 4.454   11.471  -3.787  1    39.204 ? 41  LYS A HZ1    1 
ATOM   679  H HZ2    . LYS A 1 43 ? 3.095   12.051  -3.879  1    39.156 ? 41  LYS A HZ2    1 
ATOM   680  H HZ3    . LYS A 1 43 ? 4.234   12.725  -4.526  1    39.343 ? 41  LYS A HZ3    1 
ATOM   681  N N      . HIS A 1 44 ? 3.630   8.226   -0.727  1    23.01  ? 42  HIS A N      1 
ATOM   682  C CA     . HIS A 1 44 ? 3.669   9.225   0.328   1    23.566 ? 42  HIS A CA     1 
ATOM   683  C C      . HIS A 1 44 ? 5.113   9.337   0.743   1    26.239 ? 42  HIS A C      1 
ATOM   684  O O      . HIS A 1 44 ? 5.762   8.297   0.950   1    26.938 ? 42  HIS A O      1 
ATOM   685  C CB     . HIS A 1 44 ? 2.893   8.851   1.579   1    23.838 ? 42  HIS A CB     1 
ATOM   686  C CG     . HIS A 1 44 ? 2.559   9.968   2.510   1    28.175 ? 42  HIS A CG     1 
ATOM   687  N ND1    . HIS A 1 44 ? 3.517   10.498  3.351   1    27.897 ? 42  HIS A ND1    1 
ATOM   688  C CD2    . HIS A 1 44 ? 1.420   10.617  2.780   1    30.175 ? 42  HIS A CD2    1 
ATOM   689  C CE1    . HIS A 1 44 ? 2.958   11.474  4.081   1    36.334 ? 42  HIS A CE1    1 
ATOM   690  N NE2    . HIS A 1 44 ? 1.676   11.558  3.777   1    31.236 ? 42  HIS A NE2    1 
ATOM   691  H H      . HIS A 1 44 ? 4.389   7.753   -0.915  1    22.661 ? 42  HIS A H      1 
ATOM   692  H HA     . HIS A 1 44 ? 3.362   10.091  -0.032  1    24.074 ? 42  HIS A HA     1 
ATOM   693  H HB2    . HIS A 1 44 ? 2.058   8.414   1.308   1    24.65  ? 42  HIS A HB2    1 
ATOM   694  H HB3    . HIS A 1 44 ? 3.407   8.177   2.072   1    24.701 ? 42  HIS A HB3    1 
ATOM   695  H HD1    . HIS A 1 44 ? 4.358   10.238  3.401   0    27.89  ? 42  HIS A HD1    1 
ATOM   696  H HD2    . HIS A 1 44 ? 0.589   10.468  2.373   1    29.857 ? 42  HIS A HD2    1 
ATOM   697  H HE1    . HIS A 1 44 ? 3.403   11.990  4.728   1    32.983 ? 42  HIS A HE1    1 
ATOM   698  H HE2    . HIS A 1 44 ? 1.093   12.103  4.138   0    31.22  ? 42  HIS A HE2    1 
ATOM   699  N N      . PRO A 1 45 ? 5.677   10.560  0.840   1    27.038 ? 43  PRO A N      1 
ATOM   700  C CA     . PRO A 1 45 ? 7.090   10.690  1.191   1    29.956 ? 43  PRO A CA     1 
ATOM   701  C C      . PRO A 1 45 ? 7.446   10.029  2.520   1    26.724 ? 43  PRO A C      1 
ATOM   702  O O      . PRO A 1 45 ? 8.558   9.550   2.673   1    33.283 ? 43  PRO A O      1 
ATOM   703  C CB     . PRO A 1 45 ? 7.284   12.234  1.235   1    31.891 ? 43  PRO A CB     1 
ATOM   704  C CG     . PRO A 1 45 ? 5.914   12.729  1.573   1    32.906 ? 43  PRO A CG     1 
ATOM   705  C CD     . PRO A 1 45 ? 5.027   11.868  0.640   1    31.363 ? 43  PRO A CD     1 
ATOM   706  H HA     . PRO A 1 45 ? 7.641   10.306  0.464   1    29.082 ? 43  PRO A HA     1 
ATOM   707  H HB2    . PRO A 1 45 ? 7.937   12.491  1.929   1    31.662 ? 43  PRO A HB2    1 
ATOM   708  H HB3    . PRO A 1 45 ? 7.582   12.579  0.362   1    31.709 ? 43  PRO A HB3    1 
ATOM   709  H HG2    . PRO A 1 45 ? 5.699   12.570  2.516   1    32.289 ? 43  PRO A HG2    1 
ATOM   710  H HG3    . PRO A 1 45 ? 5.821   13.683  1.374   1    32.32  ? 43  PRO A HG3    1 
ATOM   711  H HD2    . PRO A 1 45 ? 4.091   11.864  0.939   1    30.511 ? 43  PRO A HD2    1 
ATOM   712  H HD3    . PRO A 1 45 ? 5.086   12.166  -0.294  1    30.597 ? 43  PRO A HD3    1 
ATOM   713  N N      . ASP A 1 46 ? 6.493   10.009  3.469   1    26.277 ? 44  ASP A N      1 
ATOM   714  C CA     . ASP A 1 46 ? 6.752   9.526   4.808   1    28.38  ? 44  ASP A CA     1 
ATOM   715  C C      . ASP A 1 46 ? 6.677   8.006   4.890   1    26.787 ? 44  ASP A C      1 
ATOM   716  O O      . ASP A 1 46 ? 6.948   7.458   5.945   1    28.706 ? 44  ASP A O      1 
ATOM   717  C CB     . ASP A 1 46 ? 5.870   10.239  5.807   1    32.478 ? 44  ASP A CB     1 
ATOM   718  C CG     . ASP A 1 46 ? 6.180   11.732  5.875   1    32.575 ? 44  ASP A CG     1 
ATOM   719  O OD1    . ASP A 1 46 ? 7.310   12.128  5.444   1    36.668 ? 44  ASP A OD1    1 
ATOM   720  O OD2    . ASP A 1 46 ? 5.293   12.476  6.283   1    41.865 ? 44  ASP A OD2    1 
ATOM   721  H H      . ASP A 1 46 ? 5.660   10.328  3.274   1    26.945 ? 44  ASP A H      1 
ATOM   722  H HA     . ASP A 1 46 ? 7.672   9.782   5.042   1    28.466 ? 44  ASP A HA     1 
ATOM   723  H HB2    . ASP A 1 46 ? 4.930   10.118  5.564   1    31.511 ? 44  ASP A HB2    1 
ATOM   724  H HB3    . ASP A 1 46 ? 6.009   9.851   6.696   1    31.497 ? 44  ASP A HB3    1 
ATOM   725  N N      . LEU A 1 47 ? 6.327   7.330   3.778   1    24.676 ? 45  LEU A N      1 
ATOM   726  C CA     . LEU A 1 47 ? 6.382   5.882   3.757   1    22.394 ? 45  LEU A CA     1 
ATOM   727  C C      . LEU A 1 47 ? 7.749   5.361   3.327   1    25.47  ? 45  LEU A C      1 
ATOM   728  O O      . LEU A 1 47 ? 8.005   4.172   3.497   1    28.65  ? 45  LEU A O      1 
ATOM   729  C CB     . LEU A 1 47 ? 5.310   5.372   2.806   1    21.193 ? 45  LEU A CB     1 
ATOM   730  C CG     . LEU A 1 47 ? 3.872   5.576   3.265   1    21.986 ? 45  LEU A CG     1 
ATOM   731  C CD1    . LEU A 1 47 ? 2.878   5.239   2.166   1    23.262 ? 45  LEU A CD1    1 
ATOM   732  C CD2    . LEU A 1 47 ? 3.540   4.779   4.512   1    25.872 ? 45  LEU A CD2    1 
ATOM   733  H H      . LEU A 1 47 ? 6.039   7.777   3.034   1    24.625 ? 45  LEU A H      1 
ATOM   734  H HA     . LEU A 1 47 ? 6.192   5.546   4.669   1    23.204 ? 45  LEU A HA     1 
ATOM   735  H HB2    . LEU A 1 47 ? 5.427   5.823   1.938   1    21.7   ? 45  LEU A HB2    1 
ATOM   736  H HB3    . LEU A 1 47 ? 5.456   4.407   2.665   1    21.725 ? 45  LEU A HB3    1 
ATOM   737  H HG     . LEU A 1 47 ? 3.757   6.535   3.488   1    22.775 ? 45  LEU A HG     1 
ATOM   738  H HD11   . LEU A 1 47 ? 3.048   5.802   1.392   1    22.88  ? 45  LEU A HD11   1 
ATOM   739  H HD12   . LEU A 1 47 ? 1.974   5.395   2.486   1    22.889 ? 45  LEU A HD12   1 
ATOM   740  H HD13   . LEU A 1 47 ? 2.977   4.306   1.915   1    22.88  ? 45  LEU A HD13   1 
ATOM   741  H HD21   . LEU A 1 47 ? 4.054   5.118   5.263   1    24.635 ? 45  LEU A HD21   1 
ATOM   742  H HD22   . LEU A 1 47 ? 3.758   3.843   4.367   1    24.673 ? 45  LEU A HD22   1 
ATOM   743  H HD23   . LEU A 1 47 ? 2.592   4.861   4.708   1    24.635 ? 45  LEU A HD23   1 
ATOM   744  N N      . THR A 1 48 ? 8.611   6.229   2.784   1    27.917 ? 46  THR A N      1 
ATOM   745  C CA     . THR A 1 48 ? 9.773   5.783   2.027   1    29.289 ? 46  THR A CA     1 
ATOM   746  C C      . THR A 1 48 ? 10.888  5.265   2.930   1    36.848 ? 46  THR A C      1 
ATOM   747  O O      . THR A 1 48 ? 11.949  4.927   2.409   1    38.245 ? 46  THR A O      1 
ATOM   748  C CB     . THR A 1 48 ? 10.352  6.898   1.162   1    32.18  ? 46  THR A CB     1 
ATOM   749  O OG1    . THR A 1 48 ? 10.786  7.933   2.039   1    32.668 ? 46  THR A OG1    1 
ATOM   750  C CG2    . THR A 1 48 ? 9.371   7.414   0.133   1    31.365 ? 46  THR A CG2    1 
ATOM   751  H H      . THR A 1 48 ? 8.476   7.125   2.890   1    27.572 ? 46  THR A H      1 
ATOM   752  H HA     . THR A 1 48 ? 9.488   5.052   1.435   1    30.758 ? 46  THR A HA     1 
ATOM   753  H HB     . THR A 1 48 ? 11.136  6.549   0.673   1    31.634 ? 46  THR A HB     1 
ATOM   754  H HG1    . THR A 1 48 ? 10.113  8.224   2.498   0    32.65  ? 46  THR A HG1    1 
ATOM   755  H HG21   . THR A 1 48 ? 9.817   8.051   -0.450  1    31.553 ? 46  THR A HG21   1 
ATOM   756  H HG22   . THR A 1 48 ? 8.630   7.853   0.582   1    31.552 ? 46  THR A HG22   1 
ATOM   757  H HG23   . THR A 1 48 ? 9.036   6.672   -0.395  1    31.435 ? 46  THR A HG23   1 
ATOM   758  N N      . GLN A 1 49 ? 10.720  5.325   4.237   1    29.734 ? 47  GLN A N      1 
ATOM   759  C CA     . GLN A 1 49 ? 11.740  4.796   5.121   1    39.725 ? 47  GLN A CA     1 
ATOM   760  C C      . GLN A 1 49 ? 11.233  3.582   5.900   1    37.002 ? 47  GLN A C      1 
ATOM   761  O O      . GLN A 1 49 ? 11.947  3.069   6.750   1    33.79  ? 47  GLN A O      1 
ATOM   762  C CB     . GLN A 1 49 ? 12.225  5.898   6.061   1    46.521 ? 47  GLN A CB     1 
ATOM   763  C CG     . GLN A 1 49 ? 12.521  7.188   5.303   1    52.35  ? 47  GLN A CG     1 
ATOM   764  C CD     . GLN A 1 49 ? 13.677  7.964   5.872   1    63.737 ? 47  GLN A CD     1 
ATOM   765  O OE1    . GLN A 1 49 ? 14.492  7.443   6.640   1    70.642 ? 47  GLN A OE1    1 
ATOM   766  N NE2    . GLN A 1 49 ? 13.765  9.221   5.469   1    69.182 ? 47  GLN A NE2    1 
ATOM   767  H H      . GLN A 1 49 ? 9.980   5.722   4.596   1    33.26  ? 47  GLN A H      1 
ATOM   768  H HA     . GLN A 1 49 ? 12.512  4.507   4.572   1    38.136 ? 47  GLN A HA     1 
ATOM   769  H HB2    . GLN A 1 49 ? 11.538  6.070   6.737   1    46.087 ? 47  GLN A HB2    1 
ATOM   770  H HB3    . GLN A 1 49 ? 13.035  5.593   6.519   1    46.303 ? 47  GLN A HB3    1 
ATOM   771  H HG2    . GLN A 1 49 ? 12.722  6.976   4.366   1    53.018 ? 47  GLN A HG2    1 
ATOM   772  H HG3    . GLN A 1 49 ? 11.723  7.758   5.314   1    53.366 ? 47  GLN A HG3    1 
ATOM   773  H HE21   . GLN A 1 49 ? 14.390  9.751   5.810   1    67.422 ? 47  GLN A HE21   1 
ATOM   774  H HE22   . GLN A 1 49 ? 13.204  9.535   4.857   1    67.209 ? 47  GLN A HE22   1 
ATOM   775  N N      . LEU A 1 50 ? 10.020  3.114   5.618   1    31.288 ? 48  LEU A N      1 
ATOM   776  C CA     . LEU A 1 50 ? 9.562   1.847   6.188   1    27.243 ? 48  LEU A CA     1 
ATOM   777  C C      . LEU A 1 50 ? 10.591  0.784   5.829   1    24.511 ? 48  LEU A C      1 
ATOM   778  O O      . LEU A 1 50 ? 10.919  0.599   4.668   1    24.491 ? 48  LEU A O      1 
ATOM   779  C CB     . LEU A 1 50 ? 8.233   1.506   5.513   1    27.88  ? 48  LEU A CB     1 
ATOM   780  C CG     . LEU A 1 50 ? 6.992   2.179   6.082   1    30.383 ? 48  LEU A CG     1 
ATOM   781  C CD1    . LEU A 1 50 ? 5.854   1.872   5.150   1    28.352 ? 48  LEU A CD1    1 
ATOM   782  C CD2    . LEU A 1 50 ? 6.625   1.673   7.447   1    36.082 ? 48  LEU A CD2    1 
ATOM   783  H H      . LEU A 1 50 ? 9.460   3.586   5.072   1    31.566 ? 48  LEU A H      1 
ATOM   784  H HA     . LEU A 1 50 ? 9.450   1.934   7.166   1    27.613 ? 48  LEU A HA     1 
ATOM   785  H HB2    . LEU A 1 50 ? 8.304   1.738   4.558   1    28.326 ? 48  LEU A HB2    1 
ATOM   786  H HB3    . LEU A 1 50 ? 8.104   0.531   5.565   1    28.27  ? 48  LEU A HB3    1 
ATOM   787  H HG     . LEU A 1 50 ? 7.138   3.160   6.117   1    30.488 ? 48  LEU A HG     1 
ATOM   788  H HD11   . LEU A 1 50 ? 6.045   2.240   4.270   1    28.927 ? 48  LEU A HD11   1 
ATOM   789  H HD12   . LEU A 1 50 ? 5.036   2.268   5.494   1    28.959 ? 48  LEU A HD12   1 
ATOM   790  H HD13   . LEU A 1 50 ? 5.741   0.911   5.080   1    28.865 ? 48  LEU A HD13   1 
ATOM   791  H HD21   . LEU A 1 50 ? 7.351   1.858   8.064   1    34.09  ? 48  LEU A HD21   1 
ATOM   792  H HD22   . LEU A 1 50 ? 6.469   0.714   7.407   1    34.241 ? 48  LEU A HD22   1 
ATOM   793  H HD23   . LEU A 1 50 ? 5.818   2.119   7.753   1    34.287 ? 48  LEU A HD23   1 
ATOM   794  N N      . PRO A 1 51 ? 11.077  -0.042  6.779   1    23.651 ? 49  PRO A N      1 
ATOM   795  C CA     . PRO A 1 51 ? 11.892  -1.175  6.395   1    22.244 ? 49  PRO A CA     1 
ATOM   796  C C      . PRO A 1 51 ? 11.143  -2.129  5.483   1    21.674 ? 49  PRO A C      1 
ATOM   797  O O      . PRO A 1 51 ? 9.969   -2.436  5.727   1    22.483 ? 49  PRO A O      1 
ATOM   798  C CB     . PRO A 1 51 ? 12.218  -1.850  7.752   1    26.286 ? 49  PRO A CB     1 
ATOM   799  C CG     . PRO A 1 51 ? 12.012  -0.758  8.760   1    27.513 ? 49  PRO A CG     1 
ATOM   800  C CD     . PRO A 1 51 ? 10.850  0.041   8.227   1    25.409 ? 49  PRO A CD     1 
ATOM   801  H HA     . PRO A 1 51 ? 12.725  -0.861  5.963   1    23.144 ? 49  PRO A HA     1 
ATOM   802  H HB2    . PRO A 1 51 ? 11.610  -2.608  7.926   1    25.58  ? 49  PRO A HB2    1 
ATOM   803  H HB3    . PRO A 1 51 ? 13.148  -2.175  7.770   1    25.6   ? 49  PRO A HB3    1 
ATOM   804  H HG2    . PRO A 1 51 ? 11.801  -1.131  9.642   1    26.742 ? 49  PRO A HG2    1 
ATOM   805  H HG3    . PRO A 1 51 ? 12.812  -0.198  8.836   1    26.742 ? 49  PRO A HG3    1 
ATOM   806  H HD2    . PRO A 1 51 ? 9.992   -0.362  8.482   1    25.437 ? 49  PRO A HD2    1 
ATOM   807  H HD3    . PRO A 1 51 ? 10.885  0.970   8.544   1    25.464 ? 49  PRO A HD3    1 
ATOM   808  N N      . THR A 1 52 ? 11.865  -2.735  4.540   1    23.073 ? 50  THR A N      1 
ATOM   809  C CA     . THR A 1 52 ? 11.270  -3.820  3.779   1    22.487 ? 50  THR A CA     1 
ATOM   810  C C      . THR A 1 52 ? 10.979  -4.965  4.748   1    23.342 ? 50  THR A C      1 
ATOM   811  O O      . THR A 1 52 ? 11.688  -5.191  5.737   1    25.946 ? 50  THR A O      1 
ATOM   812  C CB     . THR A 1 52 ? 12.096  -4.256  2.567   1    27.226 ? 50  THR A CB     1 
ATOM   813  O OG1    . THR A 1 52 ? 13.376  -4.684  3.001   1    29.23  ? 50  THR A OG1    1 
ATOM   814  C CG2    . THR A 1 52 ? 12.349  -3.081  1.647   1    28.806 ? 50  THR A CG2    1 
ATOM   815  H H      . THR A 1 52 ? 12.728  -2.483  4.373   1    22.673 ? 50  THR A H      1 
ATOM   816  H HA     . THR A 1 52 ? 10.409  -3.493  3.437   1    23.52  ? 50  THR A HA     1 
ATOM   817  H HB     . THR A 1 52 ? 11.644  -4.986  2.080   1    26.95  ? 50  THR A HB     1 
ATOM   818  H HG1    . THR A 1 52 ? 13.777  -4.033  3.404   0    29.22  ? 50  THR A HG1    1 
ATOM   819  H HG21   . THR A 1 52 ? 12.766  -3.396  0.827   1    28.324 ? 50  THR A HG21   1 
ATOM   820  H HG22   . THR A 1 52 ? 12.940  -2.446  2.085   1    28.312 ? 50  THR A HG22   1 
ATOM   821  H HG23   . THR A 1 52 ? 11.506  -2.647  1.435   1    28.324 ? 50  THR A HG23   1 
ATOM   822  N N      . GLY A 1 53 ? 9.849   -5.612  4.543   1    20.851 ? 51  GLY A N      1 
ATOM   823  C CA     . GLY A 1 53 ? 9.377   -6.630  5.467   1    20.383 ? 51  GLY A CA     1 
ATOM   824  C C      . GLY A 1 53 ? 8.427   -6.122  6.541   1    19.245 ? 51  GLY A C      1 
ATOM   825  O O      . GLY A 1 53 ? 7.787   -6.946  7.199   1    21.016 ? 51  GLY A O      1 
ATOM   826  H H      . GLY A 1 53 ? 9.349   -5.422  3.803   1    21.337 ? 51  GLY A H      1 
ATOM   827  H HA2    . GLY A 1 53 ? 8.921   -7.332  4.946   1    20.241 ? 51  GLY A HA2    1 
ATOM   828  H HA3    . GLY A 1 53 ? 10.156  -7.049  5.902   1    20.28  ? 51  GLY A HA3    1 
ATOM   829  N N      . SER A 1 54 ? 8.307   -4.792  6.653   1    20.809 ? 52  SER A N      1 
ATOM   830  C CA     . SER A 1 54 ? 7.275   -4.193  7.475   1    18.985 ? 52  SER A CA     1 
ATOM   831  C C      . SER A 1 54 ? 5.952   -4.746  7.024   1    19.927 ? 52  SER A C      1 
ATOM   832  O O      . SER A 1 54 ? 5.715   -4.898  5.814   1    21.042 ? 52  SER A O      1 
ATOM   833  C CB     . SER A 1 54 ? 7.254   -2.675  7.339   1    20.961 ? 52  SER A CB     1 
ATOM   834  O OG     . SER A 1 54 ? 8.430   -2.111  7.845   1    24.121 ? 52  SER A OG     1 
ATOM   835  H H      . SER A 1 54 ? 8.888   -4.245  6.212   1    20.039 ? 52  SER A H      1 
ATOM   836  H HA     . SER A 1 54 ? 7.430   -4.440  8.422   1    19.843 ? 52  SER A HA     1 
ATOM   837  H HB2    . SER A 1 54 ? 7.160   -2.437  6.398   1    21.19  ? 52  SER A HB2    1 
ATOM   838  H HB3    . SER A 1 54 ? 6.487   -2.316  7.824   1    21.192 ? 52  SER A HB3    1 
ATOM   839  H HG     . SER A 1 54 ? 8.387   -1.271  7.755   0    24.11  ? 52  SER A HG     1 
ATOM   840  N N      . VAL A 1 55 ? 5.047   -4.921  7.982   1    18.701 ? 53  VAL A N      1 
ATOM   841  C CA     . VAL A 1 55 ? 3.697   -5.280  7.667   1    17.828 ? 53  VAL A CA     1 
ATOM   842  C C      . VAL A 1 55 ? 2.797   -4.143  8.119   1    19.933 ? 53  VAL A C      1 
ATOM   843  O O      . VAL A 1 55 ? 2.763   -3.795  9.307   1    20.73  ? 53  VAL A O      1 
ATOM   844  C CB     . VAL A 1 55 ? 3.316   -6.612  8.287   1    20.58  ? 53  VAL A CB     1 
ATOM   845  C CG1    . VAL A 1 55 ? 1.847   -6.854  8.082   1    22.006 ? 53  VAL A CG1    1 
ATOM   846  C CG2    . VAL A 1 55 ? 4.141   -7.772  7.712   1    22.423 ? 53  VAL A CG2    1 
ATOM   847  H H      . VAL A 1 55 ? 5.284   -4.811  8.858   1    18.789 ? 53  VAL A H      1 
ATOM   848  H HA     . VAL A 1 55 ? 3.622   -5.367  6.701   1    18.903 ? 53  VAL A HA     1 
ATOM   849  H HB     . VAL A 1 55 ? 3.493   -6.551  9.255   1    20.605 ? 53  VAL A HB     1 
ATOM   850  H HG11   . VAL A 1 55 ? 1.602   -6.622  7.171   1    21.538 ? 53  VAL A HG11   1 
ATOM   851  H HG12   . VAL A 1 55 ? 1.336   -6.308  8.704   1    21.555 ? 53  VAL A HG12   1 
ATOM   852  H HG13   . VAL A 1 55 ? 1.647   -7.792  8.241   1    21.567 ? 53  VAL A HG13   1 
ATOM   853  H HG21   . VAL A 1 55 ? 3.840   -8.610  8.102   1    21.86  ? 53  VAL A HG21   1 
ATOM   854  H HG22   . VAL A 1 55 ? 5.080   -7.637  7.921   1    21.848 ? 53  VAL A HG22   1 
ATOM   855  H HG23   . VAL A 1 55 ? 4.026   -7.805  6.747   1    21.862 ? 53  VAL A HG23   1 
ATOM   856  N N      . VAL A 1 56 ? 2.090   -3.565  7.165   1    18.484 ? 54  VAL A N      1 
ATOM   857  C CA     . VAL A 1 56 ? 1.200   -2.455  7.448   1    20.289 ? 54  VAL A CA     1 
ATOM   858  C C      . VAL A 1 56 ? -0.212  -2.900  7.165   1    22.841 ? 54  VAL A C      1 
ATOM   859  O O      . VAL A 1 56 ? -0.413  -3.897  6.449   1    21.271 ? 54  VAL A O      1 
ATOM   860  C CB     . VAL A 1 56 ? 1.574   -1.218  6.633   1    20.683 ? 54  VAL A CB     1 
ATOM   861  C CG1    . VAL A 1 56 ? 2.978   -0.768  6.985   1    22.191 ? 54  VAL A CG1    1 
ATOM   862  C CG2    . VAL A 1 56 ? 1.430   -1.454  5.126   1    22.051 ? 54  VAL A CG2    1 
ATOM   863  H H      . VAL A 1 56 ? 2.150   -3.874  6.307   1    19.241 ? 54  VAL A H      1 
ATOM   864  H HA     . VAL A 1 56 ? 1.269   -2.231  8.396   1    20.446 ? 54  VAL A HA     1 
ATOM   865  H HB     . VAL A 1 56 ? 0.950   -0.499  6.890   1    21.13  ? 54  VAL A HB     1 
ATOM   866  H HG11   . VAL A 1 56 ? 3.617   -1.446  6.706   1    21.714 ? 54  VAL A HG11   1 
ATOM   867  H HG12   . VAL A 1 56 ? 3.047   -0.635  7.945   1    21.729 ? 54  VAL A HG12   1 
ATOM   868  H HG13   . VAL A 1 56 ? 3.175   0.067   6.528   1    21.729 ? 54  VAL A HG13   1 
ATOM   869  H HG21   . VAL A 1 56 ? 1.706   -0.655  4.646   1    21.633 ? 54  VAL A HG21   1 
ATOM   870  H HG22   . VAL A 1 56 ? 0.502   -1.651  4.912   1    21.639 ? 54  VAL A HG22   1 
ATOM   871  H HG23   . VAL A 1 56 ? 1.989   -2.201  4.857   1    21.605 ? 54  VAL A HG23   1 
ATOM   872  N N      . THR A 1 57 ? -1.189  -2.169  7.705   1    20.245 ? 55  THR A N      1 
ATOM   873  C CA     . THR A 1 57 ? -2.545  -2.395  7.266   1    22.366 ? 55  THR A CA     1 
ATOM   874  C C      . THR A 1 57 ? -2.903  -1.207  6.411   1    23.61  ? 55  THR A C      1 
ATOM   875  O O      . THR A 1 57 ? -2.426  -0.097  6.618   1    24.33  ? 55  THR A O      1 
ATOM   876  C CB     . THR A 1 57 ? -3.528  -2.652  8.411   1    30.615 ? 55  THR A CB     1 
ATOM   877  O OG1    . THR A 1 57 ? -3.451  -1.429  9.080   1    33.52  ? 55  THR A OG1    1 
ATOM   878  C CG2    . THR A 1 57 ? -3.007  -3.642  9.437   1    35.536 ? 55  THR A CG2    1 
ATOM   879  H H      . THR A 1 57 ? -1.012  -1.537  8.340   1    21.295 ? 55  THR A H      1 
ATOM   880  H HA     . THR A 1 57 ? -2.544  -3.189  6.696   1    23.438 ? 55  THR A HA     1 
ATOM   881  H HB     . THR A 1 57 ? -4.448  -2.837  8.107   1    30.266 ? 55  THR A HB     1 
ATOM   882  H HG1    . THR A 1 57 ? -2.638  -1.291  9.340   0    33.52  ? 55  THR A HG1    1 
ATOM   883  H HG21   . THR A 1 57 ? -3.690  -3.807  10.109  1    34.025 ? 55  THR A HG21   1 
ATOM   884  H HG22   . THR A 1 57 ? -2.214  -3.283  9.863   1    33.994 ? 55  THR A HG22   1 
ATOM   885  H HG23   . THR A 1 57 ? -2.782  -4.474  8.993   1    34.125 ? 55  THR A HG23   1 
ATOM   886  N N      . GLY A 1 58 ? -3.734  -1.457  5.417   1    21.234 ? 56  GLY A N      1 
ATOM   887  C CA     . GLY A 1 58 ? -4.244  -0.376  4.607   1    21.04  ? 56  GLY A CA     1 
ATOM   888  C C      . GLY A 1 58 ? -5.752  -0.522  4.466   1    22.87  ? 56  GLY A C      1 
ATOM   889  O O      . GLY A 1 58 ? -6.294  -1.625  4.478   1    24.008 ? 56  GLY A O      1 
ATOM   890  H H      . GLY A 1 58 ? -3.994  -2.314  5.236   1    21.758 ? 56  GLY A H      1 
ATOM   891  H HA2    . GLY A 1 58 ? -4.027  0.483   5.028   1    21.537 ? 56  GLY A HA2    1 
ATOM   892  H HA3    . GLY A 1 58 ? -3.823  -0.399  3.720   1    21.611 ? 56  GLY A HA3    1 
ATOM   893  N N      . GLN A 1 59 ? -6.417  0.620   4.408   1    21.389 ? 57  GLN A N      1 
ATOM   894  C CA     . GLN A 1 59 ? -7.849  0.604   4.187   1    22.047 ? 57  GLN A CA     1 
ATOM   895  C C      . GLN A 1 59 ? -8.175  1.821   3.354   1    23.715 ? 57  GLN A C      1 
ATOM   896  O O      . GLN A 1 59 ? -7.882  2.917   3.737   1    21.048 ? 57  GLN A O      1 
ATOM   897  C CB     . GLN A 1 59 ? -8.617  0.662   5.485   1    22.853 ? 57  GLN A CB     1 
ATOM   898  C CG     . GLN A 1 59 ? -10.122 0.546   5.297   1    24.64  ? 57  GLN A CG     1 
ATOM   899  C CD     . GLN A 1 59 ? -10.848 0.730   6.598   1    32.57  ? 57  GLN A CD     1 
ATOM   900  O OE1    . GLN A 1 59 ? -10.371 1.459   7.472   1    37.243 ? 57  GLN A OE1    1 
ATOM   901  N NE2    . GLN A 1 59 ? -11.954 0.021   6.742   1    33.122 ? 57  GLN A NE2    1 
ATOM   902  H H      . GLN A 1 59 ? -5.984  1.419   4.507   1    21.885 ? 57  GLN A H      1 
ATOM   903  H HA     . GLN A 1 59 ? -8.091  -0.214  3.685   1    22.369 ? 57  GLN A HA     1 
ATOM   904  H HB2    . GLN A 1 59 ? -8.310  -0.065  6.067   1    23.076 ? 57  GLN A HB2    1 
ATOM   905  H HB3    . GLN A 1 59 ? -8.414  1.509   5.934   1    23.158 ? 57  GLN A HB3    1 
ATOM   906  H HG2    . GLN A 1 59 ? -10.429 1.225   4.661   1    25.848 ? 57  GLN A HG2    1 
ATOM   907  H HG3    . GLN A 1 59 ? -10.339 -0.336  4.928   1    25.913 ? 57  GLN A HG3    1 
ATOM   908  H HE21   . GLN A 1 59 ? -12.211 -0.236  7.552   1    32.92  ? 57  GLN A HE21   1 
ATOM   909  H HE22   . GLN A 1 59 ? -12.438 -0.197  6.031   1    32.818 ? 57  GLN A HE22   1 
ATOM   910  N N      . VAL A 1 60 ? -8.801  1.595   2.203   1    21.968 ? 58  VAL A N      1 
ATOM   911  C CA     . VAL A 1 60 ? -9.226  2.711   1.400   1    21.713 ? 58  VAL A CA     1 
ATOM   912  C C      . VAL A 1 60 ? -10.278 3.520   2.144   1    22.614 ? 58  VAL A C      1 
ATOM   913  O O      . VAL A 1 60 ? -11.128 2.965   2.841   1    25.132 ? 58  VAL A O      1 
ATOM   914  C CB     . VAL A 1 60 ? -9.708  2.200   0.022   1    24.152 ? 58  VAL A CB     1 
ATOM   915  C CG1    . VAL A 1 60 ? -10.334 3.312   -0.795  1    23.984 ? 58  VAL A CG1    1 
ATOM   916  C CG2    . VAL A 1 60 ? -8.543  1.598   -0.746  1    25.334 ? 58  VAL A CG2    1 
ATOM   917  H H      . VAL A 1 60 ? -8.969  0.742   1.921   1    22.368 ? 58  VAL A H      1 
ATOM   918  H HA     . VAL A 1 60 ? -8.450  3.284   1.252   1    22.394 ? 58  VAL A HA     1 
ATOM   919  H HB     . VAL A 1 60 ? -10.384 1.500   0.181   1    23.853 ? 58  VAL A HB     1 
ATOM   920  H HG11   . VAL A 1 60 ? -9.729  4.072   -0.829  1    24.061 ? 58  VAL A HG11   1 
ATOM   921  H HG12   . VAL A 1 60 ? -11.173 3.585   -0.387  1    24.148 ? 58  VAL A HG12   1 
ATOM   922  H HG13   . VAL A 1 60 ? -10.505 2.995   -1.698  1    24.073 ? 58  VAL A HG13   1 
ATOM   923  H HG21   . VAL A 1 60 ? -8.805  1.447   -1.670  1    24.952 ? 58  VAL A HG21   1 
ATOM   924  H HG22   . VAL A 1 60 ? -8.290  0.751   -0.341  1    24.935 ? 58  VAL A HG22   1 
ATOM   925  H HG23   . VAL A 1 60 ? -7.786  2.206   -0.719  1    24.947 ? 58  VAL A HG23   1 
ATOM   926  N N      . GLN A 1 61 ? -10.261 4.824   1.898   1    24.995 ? 59  GLN A N      1 
ATOM   927  C CA     . GLN A 1 61 ? -11.133 5.768   2.566   1    28.634 ? 59  GLN A CA     1 
ATOM   928  C C      . GLN A 1 61 ? -12.184 6.271   1.580   1    30.166 ? 59  GLN A C      1 
ATOM   929  O O      . GLN A 1 61 ? -11.973 6.193   0.376   1    29.815 ? 59  GLN A O      1 
ATOM   930  C CB     . GLN A 1 61 ? -10.317 6.935   3.103   1    29.293 ? 59  GLN A CB     1 
ATOM   931  C CG     . GLN A 1 61 ? -9.209  6.500   4.054   1    29.31  ? 59  GLN A CG     1 
ATOM   932  C CD     . GLN A 1 61 ? -9.776  5.885   5.306   1    31.585 ? 59  GLN A CD     1 
ATOM   933  O OE1    . GLN A 1 61 ? -10.366 6.605   6.123   1    38.477 ? 59  GLN A OE1    1 
ATOM   934  N NE2    . GLN A 1 61 ? -9.607  4.586   5.509   1    26.77  ? 59  GLN A NE2    1 
ATOM   935  H H      . GLN A 1 61 ? -9.671  5.147   1.279   1    25.109 ? 59  GLN A H      1 
ATOM   936  H HA     . GLN A 1 61 ? -11.588 5.309   3.316   1    28.259 ? 59  GLN A HA     1 
ATOM   937  H HB2    . GLN A 1 61 ? -9.922  7.417   2.348   1    29.163 ? 59  GLN A HB2    1 
ATOM   938  H HB3    . GLN A 1 61 ? -10.917 7.552   3.572   1    29.149 ? 59  GLN A HB3    1 
ATOM   939  H HG2    . GLN A 1 61 ? -8.624  5.851   3.606   1    29.757 ? 59  GLN A HG2    1 
ATOM   940  H HG3    . GLN A 1 61 ? -8.665  7.278   4.297   1    29.818 ? 59  GLN A HG3    1 
ATOM   941  H HE21   . GLN A 1 61 ? -9.878  4.219   6.270   1    28.236 ? 59  GLN A HE21   1 
ATOM   942  H HE22   . GLN A 1 61 ? -9.224  4.082   4.887   1    28.18  ? 59  GLN A HE22   1 
ATOM   943  N N      . ASP A 1 62 ? -13.289 6.763   2.139   1    35.12  ? 60  ASP A N      1 
ATOM   944  C CA     . ASP A 1 62 ? -14.259 7.568   1.407   1    35.102 ? 60  ASP A CA     1 
ATOM   945  C C      . ASP A 1 62 ? -15.041 6.712   0.420   1    39.179 ? 60  ASP A C      1 
ATOM   946  O O      . ASP A 1 62 ? -15.489 7.220   -0.593  1    45.345 ? 60  ASP A O      1 
ATOM   947  C CB     . ASP A 1 62 ? -13.574 8.742   0.724   1    38.778 ? 60  ASP A CB     1 
ATOM   948  C CG     . ASP A 1 62 ? -12.834 9.674   1.670   1    38.88  ? 60  ASP A CG     1 
ATOM   949  O OD1    . ASP A 1 62 ? -13.242 9.738   2.847   1    51.523 ? 60  ASP A OD1    1 
ATOM   950  O OD2    . ASP A 1 62 ? -11.801 10.228  1.243   1    44.409 ? 60  ASP A OD2    1 
ATOM   951  H H      . ASP A 1 62 ? -13.450 6.590   3.022   1    33.775 ? 60  ASP A H      1 
ATOM   952  H HA     . ASP A 1 62 ? -14.896 7.940   2.058   1    36.562 ? 60  ASP A HA     1 
ATOM   953  H HB2    . ASP A 1 62 ? -12.947 8.420   0.044   1    37.883 ? 60  ASP A HB2    1 
ATOM   954  H HB3    . ASP A 1 62 ? -14.258 9.276   0.266   1    37.958 ? 60  ASP A HB3    1 
ATOM   955  N N      . LEU A 1 63 ? -15.192 5.418   0.698   1    40.024 ? 61  LEU A N      1 
ATOM   956  C CA     . LEU A 1 63 ? -16.020 4.555   -0.124  1    40.98  ? 61  LEU A CA     1 
ATOM   957  C C      . LEU A 1 63 ? -17.420 4.586   0.455   1    45.024 ? 61  LEU A C      1 
ATOM   958  O O      . LEU A 1 63 ? -17.568 4.832   1.647   1    42.622 ? 61  LEU A O      1 
ATOM   959  C CB     . LEU A 1 63 ? -15.506 3.121   -0.113  1    43.646 ? 61  LEU A CB     1 
ATOM   960  C CG     . LEU A 1 63 ? -14.087 2.937   -0.640  1    44.358 ? 61  LEU A CG     1 
ATOM   961  C CD1    . LEU A 1 63 ? -13.822 1.443   -0.756  1    48.019 ? 61  LEU A CD1    1 
ATOM   962  C CD2    . LEU A 1 63 ? -13.927 3.654   -1.984  1    52.646 ? 61  LEU A CD2    1 
ATOM   963  H H      . LEU A 1 63 ? -14.774 5.059   1.428   1    39.923 ? 61  LEU A H      1 
ATOM   964  H HA     . LEU A 1 63 ? -16.031 4.901   -1.050  1    42.174 ? 61  LEU A HA     1 
ATOM   965  H HB2    . LEU A 1 63 ? -15.538 2.790   0.813   1    43.341 ? 61  LEU A HB2    1 
ATOM   966  H HB3    . LEU A 1 63 ? -16.116 2.571   -0.658  1    43.368 ? 61  LEU A HB3    1 
ATOM   967  H HG     . LEU A 1 63 ? -13.451 3.328   0.013   1    46.102 ? 61  LEU A HG     1 
ATOM   968  H HD11   . LEU A 1 63 ? -14.182 0.988   0.023   1    46.737 ? 61  LEU A HD11   1 
ATOM   969  H HD12   . LEU A 1 63 ? -12.864 1.286   -0.808  1    46.867 ? 61  LEU A HD12   1 
ATOM   970  H HD13   . LEU A 1 63 ? -14.250 1.100   -1.558  1    46.867 ? 61  LEU A HD13   1 
ATOM   971  H HD21   . LEU A 1 63 ? -13.812 4.608   -1.832  1    49.945 ? 61  LEU A HD21   1 
ATOM   972  H HD22   . LEU A 1 63 ? -14.718 3.505   -2.528  1    49.997 ? 61  LEU A HD22   1 
ATOM   973  H HD23   . LEU A 1 63 ? -13.146 3.305   -2.446  1    50.027 ? 61  LEU A HD23   1 
ATOM   974  N N      . PRO A 1 64 ? -18.472 4.338   -0.359  1    47.774 ? 62  PRO A N      1 
ATOM   975  C CA     . PRO A 1 64 ? -19.825 4.171   0.178   1    49.883 ? 62  PRO A CA     1 
ATOM   976  C C      . PRO A 1 64 ? -19.898 3.108   1.270   1    55.067 ? 62  PRO A C      1 
ATOM   977  O O      . PRO A 1 64 ? -20.466 3.354   2.332   1    63.442 ? 62  PRO A O      1 
ATOM   978  C CB     . PRO A 1 64 ? -20.665 3.814   -1.060  1    48.115 ? 62  PRO A CB     1 
ATOM   979  C CG     . PRO A 1 64 ? -19.898 4.431   -2.207  1    54.37  ? 62  PRO A CG     1 
ATOM   980  C CD     . PRO A 1 64 ? -18.426 4.297   -1.833  1    50.77  ? 62  PRO A CD     1 
ATOM   981  H HA     . PRO A 1 64 ? -20.132 5.039   0.540   1    50.04  ? 62  PRO A HA     1 
ATOM   982  H HB2    . PRO A 1 64 ? -20.737 2.837   -1.168  1    49.893 ? 62  PRO A HB2    1 
ATOM   983  H HB3    . PRO A 1 64 ? -21.571 4.198   -0.993  1    49.87  ? 62  PRO A HB3    1 
ATOM   984  H HG2    . PRO A 1 64 ? -20.086 3.958   -3.045  1    52.075 ? 62  PRO A HG2    1 
ATOM   985  H HG3    . PRO A 1 64 ? -20.141 5.374   -2.319  1    52.075 ? 62  PRO A HG3    1 
ATOM   986  H HD2    . PRO A 1 64 ? -18.053 3.446   -2.156  1    50.804 ? 62  PRO A HD2    1 
ATOM   987  H HD3    . PRO A 1 64 ? -17.900 5.043   -2.197  1    50.707 ? 62  PRO A HD3    1 
ATOM   988  N N      . ILE A 1 65 ? -19.295 1.940   1.014   1    56.792 ? 63  ILE A N      1 
ATOM   989  C CA     . ILE A 1 65 ? -19.250 0.868   1.999   1    59.095 ? 63  ILE A CA     1 
ATOM   990  C C      . ILE A 1 65 ? -17.929 0.973   2.765   1    59.602 ? 63  ILE A C      1 
ATOM   991  O O      . ILE A 1 65 ? -17.001 1.642   2.316   1    61.14  ? 63  ILE A O      1 
ATOM   992  C CB     . ILE A 1 65 ? -19.421 -0.518  1.333   1    67.971 ? 63  ILE A CB     1 
ATOM   993  C CG1    . ILE A 1 65 ? -18.094 -1.070  0.766   1    66.265 ? 63  ILE A CG1    1 
ATOM   994  C CG2    . ILE A 1 65 ? -20.542 -0.526  0.282   1    63.865 ? 63  ILE A CG2    1 
ATOM   995  C CD1    . ILE A 1 65 ? -17.400 -0.174  -0.243  1    67.527 ? 63  ILE A CD1    1 
ATOM   996  H H      . ILE A 1 65 ? -18.903 1.811   0.199   1    57.085 ? 63  ILE A H      1 
ATOM   997  H HA     . ILE A 1 65 ? -19.985 0.994   2.631   1    60.238 ? 63  ILE A HA     1 
ATOM   998  H HB     . ILE A 1 65 ? -19.696 -1.134  2.042   1    65.145 ? 63  ILE A HB     1 
ATOM   999  H HG12   . ILE A 1 65 ? -17.480 -1.238  1.509   1    66.708 ? 63  ILE A HG12   1 
ATOM   1000 H HG13   . ILE A 1 65 ? -18.278 -1.931  0.337   1    66.892 ? 63  ILE A HG13   1 
ATOM   1001 H HG21   . ILE A 1 65 ? -20.691 -1.435  -0.028  1    65.015 ? 63  ILE A HG21   1 
ATOM   1002 H HG22   . ILE A 1 65 ? -20.291 0.034   -0.470  1    64.942 ? 63  ILE A HG22   1 
ATOM   1003 H HG23   . ILE A 1 65 ? -21.362 -0.184  0.678   1    65.015 ? 63  ILE A HG23   1 
ATOM   1004 H HD11   . ILE A 1 65 ? -18.062 0.247   -0.821  1    66.938 ? 63  ILE A HD11   1 
ATOM   1005 H HD12   . ILE A 1 65 ? -16.795 -0.714  -0.785  1    67.035 ? 63  ILE A HD12   1 
ATOM   1006 H HD13   . ILE A 1 65 ? -16.887 0.517   0.216   1    66.762 ? 63  ILE A HD13   1 
ATOM   1007 N N      . ASP A 1 66 ? -17.836 0.302   3.919   1    59.905 ? 64  ASP A N      1 
ATOM   1008 C CA     . ASP A 1 66 ? -16.563 0.183   4.619   1    63.856 ? 64  ASP A CA     1 
ATOM   1009 C C      . ASP A 1 66 ? -15.641 -0.743  3.827   1    44.463 ? 64  ASP A C      1 
ATOM   1010 O O      . ASP A 1 66 ? -16.003 -1.861  3.472   1    42.141 ? 64  ASP A O      1 
ATOM   1011 C CB     . ASP A 1 66 ? -16.730 -0.240  6.072   1    68.151 ? 64  ASP A CB     1 
ATOM   1012 C CG     . ASP A 1 66 ? -17.114 0.875   7.033   1    73.141 ? 64  ASP A CG     1 
ATOM   1013 O OD1    . ASP A 1 66 ? -17.137 2.051   6.605   1    68.801 ? 64  ASP A OD1    1 
ATOM   1014 O OD2    . ASP A 1 66 ? -17.399 0.555   8.203   1    80.955 ? 64  ASP A OD2    1 
ATOM   1015 H H      . ASP A 1 66 ? -18.581 -0.089  4.277   1    60.786 ? 64  ASP A H      1 
ATOM   1016 H HA     . ASP A 1 66 ? -16.149 1.075   4.640   1    59.506 ? 64  ASP A HA     1 
ATOM   1017 H HB2    . ASP A 1 66 ? -17.417 -0.937  6.121   1    68.161 ? 64  ASP A HB2    1 
ATOM   1018 H HB3    . ASP A 1 66 ? -15.886 -0.630  6.384   1    68.07  ? 64  ASP A HB3    1 
ATOM   1019 N N      . ALA A 1 67 ? -14.464 -0.220  3.483   1    40.135 ? 65  ALA A N      1 
ATOM   1020 C CA     . ALA A 1 67 ? -13.505 -0.976  2.708   1    35.073 ? 65  ALA A CA     1 
ATOM   1021 C C      . ALA A 1 67 ? -12.892 -2.087  3.550   1    28.463 ? 65  ALA A C      1 
ATOM   1022 O O      . ALA A 1 67 ? -12.708 -1.916  4.746   1    30.223 ? 65  ALA A O      1 
ATOM   1023 C CB     . ALA A 1 67 ? -12.454 -0.028  2.190   1    31.959 ? 65  ALA A CB     1 
ATOM   1024 H H      . ALA A 1 67 ? -14.251 0.630   3.743   1    40.05  ? 65  ALA A H      1 
ATOM   1025 H HA     . ALA A 1 67 ? -13.983 -1.389  1.936   1    34.074 ? 65  ALA A HA     1 
ATOM   1026 H HB1    . ALA A 1 67 ? -12.877 0.783   1.862   1    33.083 ? 65  ALA A HB1    1 
ATOM   1027 H HB2    . ALA A 1 67 ? -11.838 0.200   2.906   1    32.883 ? 65  ALA A HB2    1 
ATOM   1028 H HB3    . ALA A 1 67 ? -11.962 -0.449  1.465   1    32.904 ? 65  ALA A HB3    1 
ATOM   1029 N N      . PRO A 1 68 ? -12.432 -3.204  2.961   1    26.513 ? 66  PRO A N      1 
ATOM   1030 C CA     . PRO A 1 68 ? -11.607 -4.176  3.680   1    25.782 ? 66  PRO A CA     1 
ATOM   1031 C C      . PRO A 1 68 ? -10.337 -3.555  4.254   1    25.009 ? 66  PRO A C      1 
ATOM   1032 O O      . PRO A 1 68 ? -9.836  -2.537  3.760   1    24.038 ? 66  PRO A O      1 
ATOM   1033 C CB     . PRO A 1 68 ? -11.240 -5.227  2.691   1    28.669 ? 66  PRO A CB     1 
ATOM   1034 C CG     . PRO A 1 68 ? -11.445 -4.537  1.386   1    29.043 ? 66  PRO A CG     1 
ATOM   1035 C CD     . PRO A 1 68 ? -12.587 -3.589  1.549   1    27.298 ? 66  PRO A CD     1 
ATOM   1036 H HA     . PRO A 1 68 ? -12.146 -4.578  4.406   1    26.32  ? 66  PRO A HA     1 
ATOM   1037 H HB2    . PRO A 1 68 ? -10.302 -5.509  2.800   1    28.047 ? 66  PRO A HB2    1 
ATOM   1038 H HB3    . PRO A 1 68 ? -11.830 -6.012  2.773   1    28.062 ? 66  PRO A HB3    1 
ATOM   1039 H HG2    . PRO A 1 68 ? -10.635 -4.049  1.129   1    28.549 ? 66  PRO A HG2    1 
ATOM   1040 H HG3    . PRO A 1 68 ? -11.646 -5.190  0.684   1    28.549 ? 66  PRO A HG3    1 
ATOM   1041 H HD2    . PRO A 1 68 ? -12.495 -2.815  0.950   1    27.574 ? 66  PRO A HD2    1 
ATOM   1042 H HD3    . PRO A 1 68 ? -13.449 -4.034  1.389   1    27.513 ? 66  PRO A HD3    1 
ATOM   1043 N N      . ILE A 1 69 ? -9.899  -4.134  5.373   1    23.553 ? 67  ILE A N      1 
ATOM   1044 C CA     . ILE A 1 69 ? -8.632  -3.774  5.982   1    24.287 ? 67  ILE A CA     1 
ATOM   1045 C C      . ILE A 1 69 ? -7.647  -4.847  5.592   1    24.641 ? 67  ILE A C      1 
ATOM   1046 O O      . ILE A 1 69 ? -7.830  -6.037  5.874   1    25.474 ? 67  ILE A O      1 
ATOM   1047 C CB     . ILE A 1 69 ? -8.761  -3.628  7.519   1    27.578 ? 67  ILE A CB     1 
ATOM   1048 C CG1    . ILE A 1 69 ? -9.754  -2.548  7.891   1    30.368 ? 67  ILE A CG1    1 
ATOM   1049 C CG2    . ILE A 1 69 ? -7.388  -3.368  8.135   1    30.299 ? 67  ILE A CG2    1 
ATOM   1050 C CD1    . ILE A 1 69 ? -10.174 -2.589  9.353   1    33.592 ? 67  ILE A CD1    1 
ATOM   1051 H H      . ILE A 1 69 ? -10.409 -4.780  5.772   1    24.089 ? 67  ILE A H      1 
ATOM   1052 H HA     . ILE A 1 69 ? -8.336  -2.920  5.614   1    24.745 ? 67  ILE A HA     1 
ATOM   1053 H HB     . ILE A 1 69 ? -9.096  -4.477  7.873   1    27.922 ? 67  ILE A HB     1 
ATOM   1054 H HG12   . ILE A 1 69 ? -9.355  -1.674  7.702   1    30.386 ? 67  ILE A HG12   1 
ATOM   1055 H HG13   . ILE A 1 69 ? -10.551 -2.642  7.332   1    30.352 ? 67  ILE A HG13   1 
ATOM   1056 H HG21   . ILE A 1 69 ? -7.485  -3.164  9.080   1    29.508 ? 67  ILE A HG21   1 
ATOM   1057 H HG22   . ILE A 1 69 ? -6.966  -2.616  7.685   1    29.476 ? 67  ILE A HG22   1 
ATOM   1058 H HG23   . ILE A 1 69 ? -6.829  -4.158  8.035   1    29.454 ? 67  ILE A HG23   1 
ATOM   1059 H HD11   . ILE A 1 69 ? -10.479 -3.487  9.581   1    32.6   ? 67  ILE A HD11   1 
ATOM   1060 H HD12   . ILE A 1 69 ? -10.902 -1.955  9.498   1    32.6   ? 67  ILE A HD12   1 
ATOM   1061 H HD13   . ILE A 1 69 ? -9.419  -2.348  9.923   1    32.574 ? 67  ILE A HD13   1 
ATOM   1062 N N      . LEU A 1 70 ? -6.620  -4.435  4.858   1    23.062 ? 68  LEU A N      1 
ATOM   1063 C CA     . LEU A 1 70 ? -5.735  -5.388  4.216   1    23.746 ? 68  LEU A CA     1 
ATOM   1064 C C      . LEU A 1 70 ? -4.383  -5.362  4.902   1    22.073 ? 68  LEU A C      1 
ATOM   1065 O O      . LEU A 1 70 ? -3.896  -4.293  5.226   1    22.017 ? 68  LEU A O      1 
ATOM   1066 C CB     . LEU A 1 70 ? -5.574  -4.946  2.780   1    29.493 ? 68  LEU A CB     1 
ATOM   1067 C CG     . LEU A 1 70 ? -6.872  -5.005  1.963   1    36.742 ? 68  LEU A CG     1 
ATOM   1068 C CD1    . LEU A 1 70 ? -6.618  -4.392  0.644   1    40.45  ? 68  LEU A CD1    1 
ATOM   1069 C CD2    . LEU A 1 70 ? -7.353  -6.433  1.879   1    40.891 ? 68  LEU A CD2    1 
ATOM   1070 H H      . LEU A 1 70 ? -6.458  -3.541  4.757   1    23.673 ? 68  LEU A H      1 
ATOM   1071 H HA     . LEU A 1 70 ? -6.127  -6.295  4.257   1    24.356 ? 68  LEU A HA     1 
ATOM   1072 H HB2    . LEU A 1 70 ? -5.239  -4.020  2.775   1    29.548 ? 68  LEU A HB2    1 
ATOM   1073 H HB3    . LEU A 1 70 ? -4.904  -5.524  2.348   1    29.504 ? 68  LEU A HB3    1 
ATOM   1074 H HG     . LEU A 1 70 ? -7.562  -4.467  2.430   1    36.58  ? 68  LEU A HG     1 
ATOM   1075 H HD11   . LEU A 1 70 ? -6.290  -3.485  0.762   1    39.143 ? 68  LEU A HD11   1 
ATOM   1076 H HD12   . LEU A 1 70 ? -7.443  -4.372  0.131   1    39.249 ? 68  LEU A HD12   1 
ATOM   1077 H HD13   . LEU A 1 70 ? -5.953  -4.915  0.164   1    39.253 ? 68  LEU A HD13   1 
ATOM   1078 H HD21   . LEU A 1 70 ? -7.761  -6.689  2.723   1    39.326 ? 68  LEU A HD21   1 
ATOM   1079 H HD22   . LEU A 1 70 ? -6.600  -7.020  1.692   1    39.403 ? 68  LEU A HD22   1 
ATOM   1080 H HD23   . LEU A 1 70 ? -8.008  -6.513  1.166   1    39.52  ? 68  LEU A HD23   1 
ATOM   1081 N N      . GLN A 1 71 ? -3.825  -6.552  5.124   1    20.76  ? 69  GLN A N      1 
ATOM   1082 C CA     . GLN A 1 71 ? -2.487  -6.670  5.627   1    20.059 ? 69  GLN A CA     1 
ATOM   1083 C C      . GLN A 1 71 ? -1.579  -6.707  4.412   1    19.24  ? 69  GLN A C      1 
ATOM   1084 O O      . GLN A 1 71 ? -1.865  -7.446  3.471   1    22.177 ? 69  GLN A O      1 
ATOM   1085 C CB     . GLN A 1 71 ? -2.348  -8.001  6.357   1    26.192 ? 69  GLN A CB     1 
ATOM   1086 C CG     . GLN A 1 71 ? -3.343  -8.180  7.486   1    30.436 ? 69  GLN A CG     1 
ATOM   1087 C CD     . GLN A 1 71 ? -3.119  -7.187  8.579   1    36.525 ? 69  GLN A CD     1 
ATOM   1088 O OE1    . GLN A 1 71 ? -4.066  -6.510  9.001   1    49.859 ? 69  GLN A OE1    1 
ATOM   1089 N NE2    . GLN A 1 71 ? -1.870  -7.063  9.004   1    36.958 ? 69  GLN A NE2    1 
ATOM   1090 H H      . GLN A 1 71 ? -4.298  -7.314  4.944   1    21.084 ? 69  GLN A H      1 
ATOM   1091 H HA     . GLN A 1 71 ? -2.271  -5.896  6.207   1    21.055 ? 69  GLN A HA     1 
ATOM   1092 H HB2    . GLN A 1 71 ? -2.469  -8.728  5.712   1    25.462 ? 69  GLN A HB2    1 
ATOM   1093 H HB3    . GLN A 1 71 ? -1.439  -8.070  6.717   1    25.606 ? 69  GLN A HB3    1 
ATOM   1094 H HG2    . GLN A 1 71 ? -4.255  -8.081  7.140   1    30.637 ? 69  GLN A HG2    1 
ATOM   1095 H HG3    . GLN A 1 71 ? -3.258  -9.086  7.854   1    30.678 ? 69  GLN A HG3    1 
ATOM   1096 H HE21   . GLN A 1 71 ? -1.551  -6.268  9.231   1    36.745 ? 69  GLN A HE21   1 
ATOM   1097 H HE22   . GLN A 1 71 ? -1.352  -7.781  9.065   1    36.591 ? 69  GLN A HE22   1 
ATOM   1098 N N      . MET A 1 72 ? -0.529  -5.890  4.447   1    18.722 ? 70  MET A N      1 
ATOM   1099 C CA     . MET A 1 72 ? 0.397   -5.759  3.345   1    19.054 ? 70  MET A CA     1 
ATOM   1100 C C      . MET A 1 72 ? 1.819   -5.771  3.859   1    20.285 ? 70  MET A C      1 
ATOM   1101 O O      . MET A 1 72 ? 2.168   -5.060  4.830   1    21.786 ? 70  MET A O      1 
ATOM   1102 C CB     . MET A 1 72 ? 0.053   -4.457  2.649   1    20.189 ? 70  MET A CB     1 
ATOM   1103 C CG     . MET A 1 72 ? -1.330  -4.482  2.124   1    23.981 ? 70  MET A CG     1 
ATOM   1104 S SD     . MET A 1 72 ? -1.738  -2.943  1.262   1    25.982 ? 70  MET A SD     1 
ATOM   1105 C CE     . MET A 1 72 ? -1.867  -1.778  2.597   1    29.481 ? 70  MET A CE     1 
ATOM   1106 H H      . MET A 1 72 ? -0.383  -5.390  5.198   1    18.953 ? 70  MET A H      1 
ATOM   1107 H HA     . MET A 1 72 ? 0.265   -6.518  2.725   1    19.411 ? 70  MET A HA     1 
ATOM   1108 H HB2    . MET A 1 72 ? 0.149   -3.716  3.284   1    20.814 ? 70  MET A HB2    1 
ATOM   1109 H HB3    . MET A 1 72 ? 0.680   -4.313  1.910   1    20.733 ? 70  MET A HB3    1 
ATOM   1110 H HG2    . MET A 1 72 ? -1.431  -5.231  1.506   1    23.311 ? 70  MET A HG2    1 
ATOM   1111 H HG3    . MET A 1 72 ? -1.960  -4.606  2.858   1    23.28  ? 70  MET A HG3    1 
ATOM   1112 H HE1    . MET A 1 72 ? -2.232  -0.938  2.260   1    28.434 ? 70  MET A HE1    1 
ATOM   1113 H HE2    . MET A 1 72 ? -2.454  -2.141  3.285   1    28.364 ? 70  MET A HE2    1 
ATOM   1114 H HE3    . MET A 1 72 ? -0.983  -1.619  2.976   1    28.435 ? 70  MET A HE3    1 
ATOM   1115 N N      . GLU A 1 73 ? 2.679   -6.402  3.077   1    18.463 ? 71  GLU A N      1 
ATOM   1116 C CA     . GLU A 1 73 ? 4.106   -6.352  3.318   1    17.915 ? 71  GLU A CA     1 
ATOM   1117 C C      . GLU A 1 73 ? 4.774   -5.306  2.452   1    18.643 ? 71  GLU A C      1 
ATOM   1118 O O      . GLU A 1 73 ? 4.513   -5.274  1.261   1    18.571 ? 71  GLU A O      1 
ATOM   1119 C CB     . GLU A 1 73 ? 4.613   -7.752  2.936   1    23.453 ? 71  GLU A CB     1 
ATOM   1120 C CG     . GLU A 1 73 ? 6.072   -7.950  3.280   1    28.664 ? 71  GLU A CG     1 
ATOM   1121 C CD     . GLU A 1 73 ? 6.654   -9.257  2.771   1    35.148 ? 71  GLU A CD     1 
ATOM   1122 O OE1    . GLU A 1 73 ? 6.097   -9.883  1.855   1    35.666 ? 71  GLU A OE1    1 
ATOM   1123 O OE2    . GLU A 1 73 ? 7.745   -9.557  3.307   1    50.686 ? 71  GLU A OE2    1 
ATOM   1124 H H      . GLU A 1 73 ? 2.371   -6.880  2.361   1    18.82  ? 71  GLU A H      1 
ATOM   1125 H HA     . GLU A 1 73 ? 4.272   -6.167  4.276   1    19.056 ? 71  GLU A HA     1 
ATOM   1126 H HB2    . GLU A 1 73 ? 4.076   -8.424  3.407   1    23.068 ? 71  GLU A HB2    1 
ATOM   1127 H HB3    . GLU A 1 73 ? 4.483   -7.883  1.975   1    23.07  ? 71  GLU A HB3    1 
ATOM   1128 H HG2    . GLU A 1 73 ? 6.596   -7.211  2.902   1    28.645 ? 71  GLU A HG2    1 
ATOM   1129 H HG3    . GLU A 1 73 ? 6.178   -7.920  4.254   1    28.779 ? 71  GLU A HG3    1 
ATOM   1130 N N      . VAL A 1 74 ? 5.660   -4.498  3.046   1    16.705 ? 72  VAL A N      1 
ATOM   1131 C CA     . VAL A 1 74 ? 6.509   -3.593  2.306   1    17.302 ? 72  VAL A CA     1 
ATOM   1132 C C      . VAL A 1 74 ? 7.565   -4.422  1.606   1    18.49  ? 72  VAL A C      1 
ATOM   1133 O O      . VAL A 1 74 ? 8.406   -5.016  2.246   1    20.526 ? 72  VAL A O      1 
ATOM   1134 C CB     . VAL A 1 74 ? 7.139   -2.548  3.241   1    20.157 ? 72  VAL A CB     1 
ATOM   1135 C CG1    . VAL A 1 74 ? 8.105   -1.654  2.451   1    23.177 ? 72  VAL A CG1    1 
ATOM   1136 C CG2    . VAL A 1 74 ? 6.073   -1.766  3.972   1    20.458 ? 72  VAL A CG2    1 
ATOM   1137 H H      . VAL A 1 74 ? 5.744   -4.528  3.956   1    17.36  ? 72  VAL A H      1 
ATOM   1138 H HA     . VAL A 1 74 ? 5.970   -3.133  1.637   1    17.953 ? 72  VAL A HA     1 
ATOM   1139 H HB     . VAL A 1 74 ? 7.666   -3.039  3.914   1    20.163 ? 72  VAL A HB     1 
ATOM   1140 H HG11   . VAL A 1 74 ? 7.681   -1.371  1.623   1    22.245 ? 72  VAL A HG11   1 
ATOM   1141 H HG12   . VAL A 1 74 ? 8.916   -2.150  2.246   1    22.236 ? 72  VAL A HG12   1 
ATOM   1142 H HG13   . VAL A 1 74 ? 8.330   -0.872  2.983   1    22.245 ? 72  VAL A HG13   1 
ATOM   1143 H HG21   . VAL A 1 74 ? 6.496   -1.109  4.549   1    20.424 ? 72  VAL A HG21   1 
ATOM   1144 H HG22   . VAL A 1 74 ? 5.535   -2.369  4.510   1    20.34  ? 72  VAL A HG22   1 
ATOM   1145 H HG23   . VAL A 1 74 ? 5.505   -1.312  3.329   1    20.396 ? 72  VAL A HG23   1 
ATOM   1146 N N      . VAL A 1 75 ? 7.525   -4.501  0.283   1    18.484 ? 73  VAL A N      1 
ATOM   1147 C CA     . VAL A 1 75 ? 8.540   -5.251  -0.409  1    18.48  ? 73  VAL A CA     1 
ATOM   1148 C C      . VAL A 1 75 ? 9.626   -4.359  -0.939  1    20.151 ? 73  VAL A C      1 
ATOM   1149 O O      . VAL A 1 75 ? 10.718  -4.859  -1.212  1    22.185 ? 73  VAL A O      1 
ATOM   1150 C CB     . VAL A 1 75 ? 7.953   -6.139  -1.523  1    23.208 ? 73  VAL A CB     1 
ATOM   1151 C CG1    . VAL A 1 75 ? 6.918   -7.121  -0.991  1    24.05  ? 73  VAL A CG1    1 
ATOM   1152 C CG2    . VAL A 1 75 ? 7.413   -5.325  -2.676  1    24.712 ? 73  VAL A CG2    1 
ATOM   1153 H H      . VAL A 1 75 ? 6.858   -4.094  -0.190  1    18.552 ? 73  VAL A H      1 
ATOM   1154 H HA     . VAL A 1 75 ? 8.954   -5.850  0.242   1    19.591 ? 73  VAL A HA     1 
ATOM   1155 H HB     . VAL A 1 75 ? 8.700   -6.676  -1.878  1    22.663 ? 73  VAL A HB     1 
ATOM   1156 H HG11   . VAL A 1 75 ? 6.161   -6.631  -0.629  1    23.766 ? 73  VAL A HG11   1 
ATOM   1157 H HG12   . VAL A 1 75 ? 7.316   -7.665  -0.291  1    23.791 ? 73  VAL A HG12   1 
ATOM   1158 H HG13   . VAL A 1 75 ? 6.615   -7.696  -1.714  1    23.791 ? 73  VAL A HG13   1 
ATOM   1159 H HG21   . VAL A 1 75 ? 7.050   -5.924  -3.350  1    24.134 ? 73  VAL A HG21   1 
ATOM   1160 H HG22   . VAL A 1 75 ? 8.128   -4.797  -3.069  1    24.187 ? 73  VAL A HG22   1 
ATOM   1161 H HG23   . VAL A 1 75 ? 6.711   -4.735  -2.359  1    24.135 ? 73  VAL A HG23   1 
ATOM   1162 N N      . ARG A 1 76 ? 9.376   -3.054  -1.076  1    19.492 ? 74  ARG A N      1 
ATOM   1163 C CA     . ARG A 1 76 ? 10.365  -2.148  -1.606  1    20.146 ? 74  ARG A CA     1 
ATOM   1164 C C      . ARG A 1 76 ? 9.932   -0.717  -1.318  1    21.386 ? 74  ARG A C      1 
ATOM   1165 O O      . ARG A 1 76 ? 8.748   -0.447  -1.081  1    19.416 ? 74  ARG A O      1 
ATOM   1166 C CB     . ARG A 1 76 ? 10.469  -2.381  -3.119  1    20.863 ? 74  ARG A CB     1 
ATOM   1167 C CG     . ARG A 1 76 ? 9.277   -1.849  -3.902  1    22.024 ? 74  ARG A CG     1 
ATOM   1168 C CD     . ARG A 1 76 ? 9.315   -2.214  -5.364  1    20.557 ? 74  ARG A CD     1 
ATOM   1169 N NE     . ARG A 1 76 ? 8.346   -1.511  -6.212  1    21.272 ? 74  ARG A NE     1 
ATOM   1170 C CZ     . ARG A 1 76 ? 8.480   -0.294  -6.661  1    21.467 ? 74  ARG A CZ     1 
ATOM   1171 N NH1    . ARG A 1 76 ? 9.577   0.409   -6.425  1    20.582 ? 74  ARG A NH1    1 
ATOM   1172 N NH2    . ARG A 1 76 ? 7.508   0.234   -7.353  1    22.182 ? 74  ARG A NH2    1 
ATOM   1173 H H      . ARG A 1 76 ? 8.559   -2.722  -0.834  1    19.776 ? 74  ARG A H      1 
ATOM   1174 H HA     . ARG A 1 76 ? 11.233  -2.326  -1.166  1    20.411 ? 74  ARG A HA     1 
ATOM   1175 H HB2    . ARG A 1 76 ? 11.282  -1.943  -3.448  1    20.957 ? 74  ARG A HB2    1 
ATOM   1176 H HB3    . ARG A 1 76 ? 10.558  -3.341  -3.292  1    20.96  ? 74  ARG A HB3    1 
ATOM   1177 H HG2    . ARG A 1 76 ? 8.450   -2.203  -3.507  1    21.402 ? 74  ARG A HG2    1 
ATOM   1178 H HG3    . ARG A 1 76 ? 9.249   -0.871  -3.822  1    21.407 ? 74  ARG A HG3    1 
ATOM   1179 H HD2    . ARG A 1 76 ? 10.217  -2.037  -5.700  1    21.073 ? 74  ARG A HD2    1 
ATOM   1180 H HD3    . ARG A 1 76 ? 9.159   -3.178  -5.441  1    21.057 ? 74  ARG A HD3    1 
ATOM   1181 H HE     . ARG A 1 76 ? 7.624   -1.944  -6.435  1    21.164 ? 74  ARG A HE     1 
ATOM   1182 H HH11   . ARG A 1 76 ? 9.956   0.387   -5.627  1    20.867 ? 74  ARG A HH11   1 
ATOM   1183 H HH12   . ARG A 1 76 ? 9.921   0.907   -7.069  1    20.888 ? 74  ARG A HH12   1 
ATOM   1184 H HH21   . ARG A 1 76 ? 6.766   -0.222  -7.503  1    21.942 ? 74  ARG A HH21   1 
ATOM   1185 H HH22   . ARG A 1 76 ? 7.597   1.054   -7.672  1    21.937 ? 74  ARG A HH22   1 
ATOM   1186 N N      . VAL A 1 77 ? 10.926  0.183   -1.286  1    20.62  ? 75  VAL A N      1 
ATOM   1187 C CA     . VAL A 1 77 ? 10.681  1.591   -1.154  1    21.581 ? 75  VAL A CA     1 
ATOM   1188 C C      . VAL A 1 77 ? 11.371  2.274   -2.308  1    24.591 ? 75  VAL A C      1 
ATOM   1189 O O      . VAL A 1 77 ? 12.392  1.792   -2.800  1    25.402 ? 75  VAL A O      1 
ATOM   1190 C CB     . VAL A 1 77 ? 11.217  2.176   0.178   1    26.683 ? 75  VAL A CB     1 
ATOM   1191 C CG1    . VAL A 1 77 ? 10.640  1.447   1.376   1    29.836 ? 75  VAL A CG1    1 
ATOM   1192 C CG2    . VAL A 1 77 ? 12.727  2.059   0.263   1    30.127 ? 75  VAL A CG2    1 
ATOM   1193 H H      . VAL A 1 77 ? 11.789  -0.107  -1.357  1    21.124 ? 75  VAL A H      1 
ATOM   1194 H HA     . VAL A 1 77 ? 9.720   1.757   -1.213  1    22.754 ? 75  VAL A HA     1 
ATOM   1195 H HB     . VAL A 1 77 ? 10.960  3.127   0.219   1    26.795 ? 75  VAL A HB     1 
ATOM   1196 H HG11   . VAL A 1 77 ? 11.018  0.552   1.425   1    28.811 ? 75  VAL A HG11   1 
ATOM   1197 H HG12   . VAL A 1 77 ? 9.677   1.383   1.286   1    28.812 ? 75  VAL A HG12   1 
ATOM   1198 H HG13   . VAL A 1 77 ? 10.858  1.934   2.189   1    28.845 ? 75  VAL A HG13   1 
ATOM   1199 H HG21   . VAL A 1 77 ? 13.018  2.274   1.165   1    29.027 ? 75  VAL A HG21   1 
ATOM   1200 H HG22   . VAL A 1 77 ? 13.139  2.679   -0.363  1    28.988 ? 75  VAL A HG22   1 
ATOM   1201 H HG23   . VAL A 1 77 ? 12.999  1.152   0.046   1    28.927 ? 75  VAL A HG23   1 
ATOM   1202 N N      . ASP A 1 78 ? 10.891  3.464   -2.617  1    24.147 ? 76  ASP A N      1 
ATOM   1203 C CA     . ASP A 1 78 ? 11.602  4.294   -3.574  1    28.124 ? 76  ASP A CA     1 
ATOM   1204 C C      . ASP A 1 78 ? 11.471  5.743   -3.117  1    26.461 ? 76  ASP A C      1 
ATOM   1205 O O      . ASP A 1 78 ? 11.075  5.994   -1.999  1    27.408 ? 76  ASP A O      1 
ATOM   1206 C CB     . ASP A 1 78 ? 11.170  3.933   -4.983  1    27.91  ? 76  ASP A CB     1 
ATOM   1207 C CG     . ASP A 1 78 ? 9.743   4.293   -5.348  1    27.41  ? 76  ASP A CG     1 
ATOM   1208 O OD1    . ASP A 1 78 ? 9.128   5.083   -4.611  1    26.054 ? 76  ASP A OD1    1 
ATOM   1209 O OD2    . ASP A 1 78 ? 9.270   3.783   -6.380  1    32.442 ? 76  ASP A OD2    1 
ATOM   1210 H H      . ASP A 1 78 ? 10.117  3.769   -2.238  1    25.059 ? 76  ASP A H      1 
ATOM   1211 H HA     . ASP A 1 78 ? 12.557  4.060   -3.524  1    26.941 ? 76  ASP A HA     1 
ATOM   1212 H HB2    . ASP A 1 78 ? 11.771  4.366   -5.623  1    27.91  ? 76  ASP A HB2    1 
ATOM   1213 H HB3    . ASP A 1 78 ? 11.270  2.964   -5.097  1    27.841 ? 76  ASP A HB3    1 
ATOM   1214 N N      . ALA A 1 79 ? 11.791  6.689   -4.003  1    28.058 ? 77  ALA A N      1 
ATOM   1215 C CA     . ALA A 1 79 ? 11.809  8.093   -3.644  1    30.741 ? 77  ALA A CA     1 
ATOM   1216 C C      . ALA A 1 79 ? 10.423  8.582   -3.282  1    29.901 ? 77  ALA A C      1 
ATOM   1217 O O      . ALA A 1 79 ? 10.312  9.566   -2.568  1    31.1   ? 77  ALA A O      1 
ATOM   1218 C CB     . ALA A 1 79 ? 12.369  8.898   -4.800  1    35.852 ? 77  ALA A CB     1 
ATOM   1219 H H      . ALA A 1 79 ? 12.008  6.451   -4.858  1    28.288 ? 77  ALA A H      1 
ATOM   1220 H HA     . ALA A 1 79 ? 12.399  8.205   -2.849  1    30.857 ? 77  ALA A HA     1 
ATOM   1221 H HB1    . ALA A 1 79 ? 13.274  8.602   -4.997  1    34.257 ? 77  ALA A HB1    1 
ATOM   1222 H HB2    . ALA A 1 79 ? 11.812  8.772   -5.587  1    34.257 ? 77  ALA A HB2    1 
ATOM   1223 H HB3    . ALA A 1 79 ? 12.384  9.841   -4.566  1    34.257 ? 77  ALA A HB3    1 
ATOM   1224 N N      . GLU A 1 80 ? 9.371   7.926   -3.817  1    25.906 ? 78  GLU A N      1 
ATOM   1225 C CA     . GLU A 1 80 ? 8.028   8.479   -3.720  1    25.449 ? 78  GLU A CA     1 
ATOM   1226 C C      . GLU A 1 80 ? 7.083   7.663   -2.841  1    23.379 ? 78  GLU A C      1 
ATOM   1227 O O      . GLU A 1 80 ? 6.022   8.144   -2.466  1    24.491 ? 78  GLU A O      1 
ATOM   1228 C CB     . GLU A 1 80 ? 7.389   8.707   -5.087  1    29.129 ? 78  GLU A CB     1 
ATOM   1229 C CG     . GLU A 1 80 ? 8.031   9.867   -5.847  1    34.637 ? 78  GLU A CG     1 
ATOM   1230 C CD     . GLU A 1 80 ? 7.204   10.289  -7.055  1    45.014 ? 78  GLU A CD     1 
ATOM   1231 O OE1    . GLU A 1 80 ? 6.975   9.381   -7.875  1    39.256 ? 78  GLU A OE1    1 
ATOM   1232 O OE2    . GLU A 1 80 ? 6.853   11.491  -7.223  1    53.097 ? 78  GLU A OE2    1 
ATOM   1233 H H      . GLU A 1 80 ? 9.495   7.138   -4.263  1    26.696 ? 78  GLU A H      1 
ATOM   1234 H HA     . GLU A 1 80 ? 8.105   9.374   -3.304  1    25.977 ? 78  GLU A HA     1 
ATOM   1235 H HB2    . GLU A 1 80 ? 7.472   7.887   -5.618  1    29.378 ? 78  GLU A HB2    1 
ATOM   1236 H HB3    . GLU A 1 80 ? 6.434   8.892   -4.968  1    29.383 ? 78  GLU A HB3    1 
ATOM   1237 H HG2    . GLU A 1 80 ? 8.130   10.637  -5.246  1    35.295 ? 78  GLU A HG2    1 
ATOM   1238 H HG3    . GLU A 1 80 ? 8.925   9.601   -6.152  1    35.355 ? 78  GLU A HG3    1 
ATOM   1239 N N      . GLY A 1 81 ? 7.464   6.460   -2.431  1    22.072 ? 79  GLY A N      1 
ATOM   1240 C CA     . GLY A 1 81 ? 6.494   5.647   -1.703  1    21.623 ? 79  GLY A CA     1 
ATOM   1241 C C      . GLY A 1 81 ? 6.983   4.217   -1.620  1    19.812 ? 79  GLY A C      1 
ATOM   1242 O O      . GLY A 1 81 ? 8.169   3.965   -1.591  1    20.313 ? 79  GLY A O      1 
ATOM   1243 H H      . GLY A 1 81 ? 8.305   6.141   -2.591  1    22.376 ? 79  GLY A H      1 
ATOM   1244 H HA2    . GLY A 1 81 ? 6.372   6.013   -0.797  1    21.306 ? 79  GLY A HA2    1 
ATOM   1245 H HA3    . GLY A 1 81 ? 5.627   5.677   -2.170  1    21.305 ? 79  GLY A HA3    1 
ATOM   1246 N N      . VAL A 1 82 ? 6.038   3.291   -1.533  1    19.249 ? 80  VAL A N      1 
ATOM   1247 C CA     . VAL A 1 82 ? 6.347   1.905   -1.241  1    19.93  ? 80  VAL A CA     1 
ATOM   1248 C C      . VAL A 1 82 ? 5.572   0.986   -2.174  1    19.359 ? 80  VAL A C      1 
ATOM   1249 O O      . VAL A 1 82 ? 4.397   1.236   -2.490  1    17.48  ? 80  VAL A O      1 
ATOM   1250 C CB     . VAL A 1 82 ? 6.004   1.599   0.228   1    22.669 ? 80  VAL A CB     1 
ATOM   1251 C CG1    . VAL A 1 82 ? 7.011   2.253   1.147   1    27.038 ? 80  VAL A CG1    1 
ATOM   1252 C CG2    . VAL A 1 82 ? 4.560   1.973   0.568   1    21.579 ? 80  VAL A CG2    1 
ATOM   1253 H H      . VAL A 1 82 ? 5.166   3.527   -1.671  1    19.589 ? 80  VAL A H      1 
ATOM   1254 H HA     . VAL A 1 82 ? 7.302   1.760   -1.378  1    20.185 ? 80  VAL A HA     1 
ATOM   1255 H HB     . VAL A 1 82 ? 6.090   0.624   0.346   1    22.658 ? 80  VAL A HB     1 
ATOM   1256 H HG11   . VAL A 1 82 ? 6.842   3.210   1.187   1    25.621 ? 80  VAL A HG11   1 
ATOM   1257 H HG12   . VAL A 1 82 ? 7.907   2.100   0.808   1    25.615 ? 80  VAL A HG12   1 
ATOM   1258 H HG13   . VAL A 1 82 ? 6.933   1.874   2.040   1    25.643 ? 80  VAL A HG13   1 
ATOM   1259 H HG21   . VAL A 1 82 ? 4.389   1.777   1.504   1    21.875 ? 80  VAL A HG21   1 
ATOM   1260 H HG22   . VAL A 1 82 ? 3.949   1.460   0.015   1    21.842 ? 80  VAL A HG22   1 
ATOM   1261 H HG23   . VAL A 1 82 ? 4.422   2.922   0.409   1    21.848 ? 80  VAL A HG23   1 
ATOM   1262 N N      . GLY A 1 83 ? 6.201   -0.144  -2.516  1    17.874 ? 81  GLY A N      1 
ATOM   1263 C CA     . GLY A 1 83 ? 5.499   -1.228  -3.160  1    17.031 ? 81  GLY A CA     1 
ATOM   1264 C C      . GLY A 1 83 ? 5.115   -2.245  -2.093  1    18.6   ? 81  GLY A C      1 
ATOM   1265 O O      . GLY A 1 83 ? 5.932   -2.605  -1.264  1    18.106 ? 81  GLY A O      1 
ATOM   1266 H H      . GLY A 1 83 ? 7.094   -0.237  -2.343  1    18.048 ? 81  GLY A H      1 
ATOM   1267 H HA2    . GLY A 1 83 ? 4.694   -0.885  -3.614  1    17.577 ? 81  GLY A HA2    1 
ATOM   1268 H HA3    . GLY A 1 83 ? 6.084   -1.647  -3.833  1    17.57  ? 81  GLY A HA3    1 
ATOM   1269 N N      . LEU A 1 84 ? 3.831   -2.565  -2.044  1    17.478 ? 82  LEU A N      1 
ATOM   1270 C CA     . LEU A 1 84 ? 3.249   -3.449  -1.068  1    16.947 ? 82  LEU A CA     1 
ATOM   1271 C C      . LEU A 1 84 ? 2.704   -4.707  -1.717  1    17.417 ? 82  LEU A C      1 
ATOM   1272 O O      . LEU A 1 84 ? 2.122   -4.687  -2.814  1    16.893 ? 82  LEU A O      1 
ATOM   1273 C CB     . LEU A 1 84 ? 2.127   -2.719  -0.347  1    17.328 ? 82  LEU A CB     1 
ATOM   1274 C CG     . LEU A 1 84 ? 2.520   -1.395  0.307   1    19.543 ? 82  LEU A CG     1 
ATOM   1275 C CD1    . LEU A 1 84 ? 1.324   -0.676  0.806   1    24.556 ? 82  LEU A CD1    1 
ATOM   1276 C CD2    . LEU A 1 84 ? 3.469   -1.709  1.453   1    23.375 ? 82  LEU A CD2    1 
ATOM   1277 H H      . LEU A 1 84 ? 3.275   -2.203  -2.673  1    17.608 ? 82  LEU A H      1 
ATOM   1278 H HA     . LEU A 1 84 ? 3.946   -3.700  -0.415  1    17.277 ? 82  LEU A HA     1 
ATOM   1279 H HB2    . LEU A 1 84 ? 1.408   -2.543  -0.997  1    17.792 ? 82  LEU A HB2    1 
ATOM   1280 H HB3    . LEU A 1 84 ? 1.767   -3.316  0.347   1    17.805 ? 82  LEU A HB3    1 
ATOM   1281 H HG     . LEU A 1 84 ? 2.987   -0.829  -0.360  1    20.615 ? 82  LEU A HG     1 
ATOM   1282 H HD11   . LEU A 1 84 ? 0.705   -0.525  0.071   1    22.819 ? 82  LEU A HD11   1 
ATOM   1283 H HD12   . LEU A 1 84 ? 1.592   0.179   1.183   1    22.892 ? 82  LEU A HD12   1 
ATOM   1284 H HD13   . LEU A 1 84 ? 0.886   -1.208  1.492   1    22.892 ? 82  LEU A HD13   1 
ATOM   1285 H HD21   . LEU A 1 84 ? 4.338   -1.953  1.096   1    22.045 ? 82  LEU A HD21   1 
ATOM   1286 H HD22   . LEU A 1 84 ? 3.116   -2.446  1.979   1    22.077 ? 82  LEU A HD22   1 
ATOM   1287 H HD23   . LEU A 1 84 ? 3.563   -0.924  2.020   1    22.129 ? 82  LEU A HD23   1 
ATOM   1288 N N      . ARG A 1 85 ? 2.818   -5.828  -0.989  1    17.23  ? 83  ARG A N      1 
ATOM   1289 C CA     . ARG A 1 85 ? 2.214   -7.073  -1.407  1    16.992 ? 83  ARG A CA     1 
ATOM   1290 C C      . ARG A 1 85 ? 1.167   -7.514  -0.397  1    17.261 ? 83  ARG A C      1 
ATOM   1291 O O      . ARG A 1 85 ? 1.423   -7.476  0.809   1    18.72  ? 83  ARG A O      1 
ATOM   1292 C CB     . ARG A 1 85 ? 3.337   -8.104  -1.470  1    21.468 ? 83  ARG A CB     1 
ATOM   1293 C CG     . ARG A 1 85 ? 2.898   -9.472  -1.933  1    22.747 ? 83  ARG A CG     1 
ATOM   1294 C CD     . ARG A 1 85 ? 4.151   -10.359 -1.836  1    25.09  ? 83  ARG A CD     1 
ATOM   1295 N NE     . ARG A 1 85 ? 4.503   -10.785 -0.471  1    28.458 ? 83  ARG A NE     1 
ATOM   1296 C CZ     . ARG A 1 85 ? 3.827   -11.766 0.160   1    31.216 ? 83  ARG A CZ     1 
ATOM   1297 N NH1    . ARG A 1 85 ? 2.843   -12.417 -0.432  1    32.788 ? 83  ARG A NH1    1 
ATOM   1298 N NH2    . ARG A 1 85 ? 4.170   -12.088 1.391   1    33.138 ? 83  ARG A NH2    1 
ATOM   1299 H H      . ARG A 1 85 ? 3.289   -5.809  -0.206  1    17.218 ? 83  ARG A H      1 
ATOM   1300 H HA     . ARG A 1 85 ? 1.797   -6.958  -2.298  1    17.811 ? 83  ARG A HA     1 
ATOM   1301 H HB2    . ARG A 1 85 ? 4.032   -7.772  -2.078  1    20.687 ? 83  ARG A HB2    1 
ATOM   1302 H HB3    . ARG A 1 85 ? 3.737   -8.186  -0.577  1    20.691 ? 83  ARG A HB3    1 
ATOM   1303 H HG2    . ARG A 1 85 ? 2.192   -9.823  -1.349  1    22.971 ? 83  ARG A HG2    1 
ATOM   1304 H HG3    . ARG A 1 85 ? 2.585   -9.435  -2.862  1    22.952 ? 83  ARG A HG3    1 
ATOM   1305 H HD2    . ARG A 1 85 ? 4.011   -11.153 -2.389  1    25.412 ? 83  ARG A HD2    1 
ATOM   1306 H HD3    . ARG A 1 85 ? 4.908   -9.870  -2.218  1    25.249 ? 83  ARG A HD3    1 
ATOM   1307 H HE     . ARG A 1 85 ? 5.166   -10.392 -0.065  1    28.331 ? 83  ARG A HE     1 
ATOM   1308 H HH11   . ARG A 1 85 ? 2.295   -12.002 -0.992  1    32.012 ? 83  ARG A HH11   1 
ATOM   1309 H HH12   . ARG A 1 85 ? 2.733   -13.283 -0.257  1    32.237 ? 83  ARG A HH12   1 
ATOM   1310 H HH21   . ARG A 1 85 ? 4.863   -11.696 1.774   1    32.462 ? 83  ARG A HH21   1 
ATOM   1311 H HH22   . ARG A 1 85 ? 3.704   -12.697 1.831   1    32.517 ? 83  ARG A HH22   1 
ATOM   1312 N N      . PHE A 1 86 ? -0.004  -7.903  -0.876  1    17.4   ? 84  PHE A N      1 
ATOM   1313 C CA     . PHE A 1 86 ? -1.081  -8.279  0.007   1    17.874 ? 84  PHE A CA     1 
ATOM   1314 C C      . PHE A 1 86 ? -0.695  -9.602  0.646   1    21.688 ? 84  PHE A C      1 
ATOM   1315 O O      . PHE A 1 86 ? -0.244  -10.523 -0.034  1    20.212 ? 84  PHE A O      1 
ATOM   1316 C CB     . PHE A 1 86 ? -2.392  -8.501  -0.723  1    19.955 ? 84  PHE A CB     1 
ATOM   1317 C CG     . PHE A 1 86 ? -2.818  -7.249  -1.451  1    19.421 ? 84  PHE A CG     1 
ATOM   1318 C CD1    . PHE A 1 86 ? -3.009  -6.050  -0.803  1    22.586 ? 84  PHE A CD1    1 
ATOM   1319 C CD2    . PHE A 1 86 ? -3.093  -7.321  -2.796  1    19.713 ? 84  PHE A CD2    1 
ATOM   1320 C CE1    . PHE A 1 86 ? -3.412  -4.919  -1.499  1    23.687 ? 84  PHE A CE1    1 
ATOM   1321 C CE2    . PHE A 1 86 ? -3.519  -6.207  -3.467  1    21.757 ? 84  PHE A CE2    1 
ATOM   1322 C CZ     . PHE A 1 86 ? -3.664  -5.027  -2.830  1    20.956 ? 84  PHE A CZ     1 
ATOM   1323 H H      . PHE A 1 86 ? -0.136  -7.944  -1.780  1    17.498 ? 84  PHE A H      1 
ATOM   1324 H HA     . PHE A 1 86 ? -1.198  -7.584  0.708   1    18.846 ? 84  PHE A HA     1 
ATOM   1325 H HB2    . PHE A 1 86 ? -2.280  -9.234  -1.368  1    19.379 ? 84  PHE A HB2    1 
ATOM   1326 H HB3    . PHE A 1 86 ? -3.083  -8.752  -0.071  1    19.444 ? 84  PHE A HB3    1 
ATOM   1327 H HD1    . PHE A 1 86 ? -2.826  -5.989  0.119   1    21.973 ? 84  PHE A HD1    1 
ATOM   1328 H HD2    . PHE A 1 86 ? -2.993  -8.140  -3.254  1    20.147 ? 84  PHE A HD2    1 
ATOM   1329 H HE1    . PHE A 1 86 ? -3.527  -4.096  -1.051  1    22.704 ? 84  PHE A HE1    1 
ATOM   1330 H HE2    . PHE A 1 86 ? -3.686  -6.259  -4.394  1    21.062 ? 84  PHE A HE2    1 
ATOM   1331 H HZ     . PHE A 1 86 ? -3.950  -4.268  -3.313  1    21.715 ? 84  PHE A HZ     1 
ATOM   1332 N N      . LEU A 1 87 ? -0.968  -9.713  1.958   1    20.7   ? 85  LEU A N      1 
ATOM   1333 C CA     . LEU A 1 87 ? -0.620  -10.965 2.592   1    25.775 ? 85  LEU A CA     1 
ATOM   1334 C C      . LEU A 1 87 ? -1.688  -12.009 2.362   1    34.736 ? 85  LEU A C      1 
ATOM   1335 O O      . LEU A 1 87 ? -2.851  -11.664 2.327   1    37.268 ? 85  LEU A O      1 
ATOM   1336 C CB     . LEU A 1 87 ? -0.359  -10.651 4.061   1    23.511 ? 85  LEU A CB     1 
ATOM   1337 C CG     . LEU A 1 87 ? 0.985   -9.986  4.284   1    26.811 ? 85  LEU A CG     1 
ATOM   1338 C CD1    . LEU A 1 87 ? 1.228   -9.929  5.790   1    32.606 ? 85  LEU A CD1    1 
ATOM   1339 C CD2    . LEU A 1 87 ? 2.093   -10.727 3.543   1    31.19  ? 85  LEU A CD2    1 
ATOM   1340 H H      . LEU A 1 87 ? -1.361  -9.038  2.433   1    21.959 ? 85  LEU A H      1 
ATOM   1341 H HA     . LEU A 1 87 ? 0.215   -11.293 2.181   1    25.874 ? 85  LEU A HA     1 
ATOM   1342 H HB2    . LEU A 1 87 ? -1.070  -10.054 4.388   1    24.717 ? 85  LEU A HB2    1 
ATOM   1343 H HB3    . LEU A 1 87 ? -0.385  -11.494 4.570   1    24.85  ? 85  LEU A HB3    1 
ATOM   1344 H HG     . LEU A 1 87 ? 0.939   -9.058  3.936   1    27.895 ? 85  LEU A HG     1 
ATOM   1345 H HD11   . LEU A 1 87 ? 0.506   -9.438  6.216   1    30.767 ? 85  LEU A HD11   1 
ATOM   1346 H HD12   . LEU A 1 87 ? 2.073   -9.481  5.966   1    30.767 ? 85  LEU A HD12   1 
ATOM   1347 H HD13   . LEU A 1 87 ? 1.261   -10.832 6.147   1    30.733 ? 85  LEU A HD13   1 
ATOM   1348 H HD21   . LEU A 1 87 ? 2.130   -10.424 2.621   1    29.756 ? 85  LEU A HD21   1 
ATOM   1349 H HD22   . LEU A 1 87 ? 1.920   -11.683 3.565   1    29.726 ? 85  LEU A HD22   1 
ATOM   1350 H HD23   . LEU A 1 87 ? 2.946   -10.547 3.974   1    29.809 ? 85  LEU A HD23   1 
ATOM   1351 N N      . SER A 1 88 ? -1.222  -13.268 2.243   1    39.992 ? 86  SER A N      1 
ATOM   1352 C CA     . SER A 1 88 ? -2.059  -14.460 2.185   1    49.831 ? 86  SER A CA     1 
ATOM   1353 C C      . SER A 1 88 ? -3.143  -14.435 3.269   1    49.925 ? 86  SER A C      1 
ATOM   1354 O O      . SER A 1 88 ? -2.855  -14.205 4.446   1    46.529 ? 86  SER A O      1 
ATOM   1355 C CB     . SER A 1 88 ? -1.183  -15.682 2.327   1    52.624 ? 86  SER A CB     1 
ATOM   1356 O OG     . SER A 1 88 ? -1.693  -16.763 1.568   1    60.972 ? 86  SER A OG     1 
ATOM   1357 H H      . SER A 1 88 ? -0.316  -13.381 2.195   1    40.535 ? 86  SER A H      1 
ATOM   1358 H HA     . SER A 1 88 ? -2.500  -14.487 1.299   1    48.315 ? 86  SER A HA     1 
ATOM   1359 H HB2    . SER A 1 88 ? -0.281  -15.475 2.024   1    53.598 ? 86  SER A HB2    1 
ATOM   1360 H HB3    . SER A 1 88 ? -1.136  -15.940 3.268   1    53.732 ? 86  SER A HB3    1 
ATOM   1361 H HG     . SER A 1 88 ? -1.182  -17.433 1.678   0    60.97  ? 86  SER A HG     1 
ATOM   1362 N N      . GLU A 1 89 ? -4.388  -14.700 2.859   1    50.005 ? 87  GLU A N      1 
ATOM   1363 H H      . GLU A 1 89 ? -5.055  -14.762 3.477   0    50.04  ? 87  GLU A H      1 
HETATM 1364 P P1     . C2E B 2 .  ? 7.285   0.872   -13.793 1    24.293 ? 101 C2E A P1     1 
HETATM 1365 O O2P    . C2E B 2 .  ? 6.251   -0.197  -13.697 1    22.714 ? 101 C2E A O2P    1 
HETATM 1366 O O1P    . C2E B 2 .  ? 6.792   2.301   -13.864 1    24.059 ? 101 C2E A O1P    1 
HETATM 1367 O "O5'"  . C2E B 2 .  ? 8.393   0.665   -12.688 1    25.353 ? 101 C2E A "O5'"  1 
HETATM 1368 C "C5'"  . C2E B 2 .  ? 9.337   1.703   -12.339 1    29.89  ? 101 C2E A "C5'"  1 
HETATM 1369 C "C4'"  . C2E B 2 .  ? 10.427  1.143   -11.465 1    29.578 ? 101 C2E A "C4'"  1 
HETATM 1370 O "O4'"  . C2E B 2 .  ? 9.899   0.728   -10.173 1    27.124 ? 101 C2E A "O4'"  1 
HETATM 1371 C "C3'"  . C2E B 2 .  ? 11.137  -0.093  -11.963 1    29.144 ? 101 C2E A "C3'"  1 
HETATM 1372 O "O3'"  . C2E B 2 .  ? 12.141  0.295   -12.877 1    30.468 ? 101 C2E A "O3'"  1 
HETATM 1373 C "C2'"  . C2E B 2 .  ? 11.751  -0.620  -10.682 1    28.84  ? 101 C2E A "C2'"  1 
HETATM 1374 O "O2'"  . C2E B 2 .  ? 12.819  0.187   -10.232 1    29.343 ? 101 C2E A "O2'"  1 
HETATM 1375 C "C1'"  . C2E B 2 .  ? 10.599  -0.400  -9.722  1    22.989 ? 101 C2E A "C1'"  1 
HETATM 1376 N N9     . C2E B 2 .  ? 9.674   -1.510  -9.624  1    22.025 ? 101 C2E A N9     1 
HETATM 1377 C C8     . C2E B 2 .  ? 8.408   -1.627  -10.139 1    19.203 ? 101 C2E A C8     1 
HETATM 1378 N N7     . C2E B 2 .  ? 7.823   -2.745  -9.839  1    19.612 ? 101 C2E A N7     1 
HETATM 1379 C C5     . C2E B 2 .  ? 8.737   -3.381  -9.016  1    18.472 ? 101 C2E A C5     1 
HETATM 1380 C C6     . C2E B 2 .  ? 8.644   -4.636  -8.408  1    18.543 ? 101 C2E A C6     1 
HETATM 1381 O O6     . C2E B 2 .  ? 7.697   -5.417  -8.351  1    18.624 ? 101 C2E A O6     1 
HETATM 1382 N N1     . C2E B 2 .  ? 9.795   -4.876  -7.643  1    21.233 ? 101 C2E A N1     1 
HETATM 1383 C C2     . C2E B 2 .  ? 10.916  -4.087  -7.623  1    23.457 ? 101 C2E A C2     1 
HETATM 1384 N N2     . C2E B 2 .  ? 11.925  -4.536  -6.867  1    26.846 ? 101 C2E A N2     1 
HETATM 1385 N N3     . C2E B 2 .  ? 11.023  -2.910  -8.218  1    23.326 ? 101 C2E A N3     1 
HETATM 1386 C C4     . C2E B 2 .  ? 9.898   -2.649  -8.923  1    21.762 ? 101 C2E A C4     1 
HETATM 1387 P P11    . C2E B 2 .  ? 12.625  -0.836  -13.880 1    29.933 ? 101 C2E A P11    1 
HETATM 1388 O O21    . C2E B 2 .  ? 12.887  -2.184  -13.280 1    28.435 ? 101 C2E A O21    1 
HETATM 1389 O O11    . C2E B 2 .  ? 13.806  -0.210  -14.586 1    33.482 ? 101 C2E A O11    1 
HETATM 1390 O O5A    . C2E B 2 .  ? 11.473  -1.072  -14.958 1    27.735 ? 101 C2E A O5A    1 
HETATM 1391 C C5A    . C2E B 2 .  ? 11.115  0.046   -15.793 1    28.12  ? 101 C2E A C5A    1 
HETATM 1392 C C4A    . C2E B 2 .  ? 9.810   -0.284  -16.453 1    24.441 ? 101 C2E A C4A    1 
HETATM 1393 O O4A    . C2E B 2 .  ? 9.910   -1.524  -17.161 1    25.694 ? 101 C2E A O4A    1 
HETATM 1394 C C3A    . C2E B 2 .  ? 8.630   -0.497  -15.502 1    24.621 ? 101 C2E A C3A    1 
HETATM 1395 O O3A    . C2E B 2 .  ? 8.117   0.767   -15.188 1    25.817 ? 101 C2E A O3A    1 
HETATM 1396 C C2A    . C2E B 2 .  ? 7.710   -1.323  -16.374 1    24.406 ? 101 C2E A C2A    1 
HETATM 1397 O O2A    . C2E B 2 .  ? 7.051   -0.548  -17.356 1    22.499 ? 101 C2E A O2A    1 
HETATM 1398 C C1A    . C2E B 2 .  ? 8.736   -2.256  -16.984 1    23.795 ? 101 C2E A C1A    1 
HETATM 1399 N N91    . C2E B 2 .  ? 9.041   -3.465  -16.229 1    22.241 ? 101 C2E A N91    1 
HETATM 1400 C C81    . C2E B 2 .  ? 10.234  -3.867  -15.691 1    21.647 ? 101 C2E A C81    1 
HETATM 1401 N N71    . C2E B 2 .  ? 10.186  -5.105  -15.265 1    21.562 ? 101 C2E A N71    1 
HETATM 1402 C C51    . C2E B 2 .  ? 8.914   -5.538  -15.552 1    20.015 ? 101 C2E A C51    1 
HETATM 1403 C C61    . C2E B 2 .  ? 8.280   -6.774  -15.387 1    21.294 ? 101 C2E A C61    1 
HETATM 1404 O O61    . C2E B 2 .  ? 8.719   -7.811  -14.873 1    23.092 ? 101 C2E A O61    1 
HETATM 1405 N N11    . C2E B 2 .  ? 6.978   -6.771  -15.875 1    20.826 ? 101 C2E A N11    1 
HETATM 1406 C C21    . C2E B 2 .  ? 6.369   -5.712  -16.528 1    21     ? 101 C2E A C21    1 
HETATM 1407 N N21    . C2E B 2 .  ? 5.096   -5.878  -16.881 1    21.941 ? 101 C2E A N21    1 
HETATM 1408 N N31    . C2E B 2 .  ? 6.943   -4.541  -16.623 1    18.138 ? 101 C2E A N31    1 
HETATM 1409 C C41    . C2E B 2 .  ? 8.211   -4.528  -16.193 1    20.009 ? 101 C2E A C41    1 
HETATM 1410 H "H5'1" . C2E B 2 .  ? 8.871   2.431   -11.857 1    28.677 ? 101 C2E A "H5'1" 1 
HETATM 1411 H "H5'2" . C2E B 2 .  ? 9.737   2.082   -13.161 1    28.677 ? 101 C2E A "H5'2" 1 
HETATM 1412 H "H4'"  . C2E B 2 .  ? 11.089  1.852   -11.321 1    29.074 ? 101 C2E A "H4'"  1 
HETATM 1413 H "H3'"  . C2E B 2 .  ? 10.512  -0.741  -12.363 1    29.402 ? 101 C2E A "H3'"  1 
HETATM 1414 H "H2'"  . C2E B 2 .  ? 12.001  -1.579  -10.748 1    27.794 ? 101 C2E A "H2'"  1 
HETATM 1415 H "HO2'" . C2E B 2 .  ? 13.133  -0.142  -9.514  0    29.32  ? 101 C2E A "HO2'" 1 
HETATM 1416 H "H1'"  . C2E B 2 .  ? 10.970  -0.216  -8.830  1    24.533 ? 101 C2E A "H1'"  1 
HETATM 1417 H H8     . C2E B 2 .  ? 8.016   -0.975  -10.693 1    20.013 ? 101 C2E A H8     1 
HETATM 1418 H HN1    . C2E B 2 .  ? 9.840   -5.670  -7.232  1    21.113 ? 101 C2E A HN1    1 
HETATM 1419 H HN21   . C2E B 2 .  ? 12.670  -4.076  -6.816  1    25.59  ? 101 C2E A HN21   1 
HETATM 1420 H HN22   . C2E B 2 .  ? 11.840  -5.288  -6.423  1    25.634 ? 101 C2E A HN22   1 
HETATM 1421 H H511   . C2E B 2 .  ? 11.811  0.197   -16.478 1    27.16  ? 101 C2E A H511   1 
HETATM 1422 H H512   . C2E B 2 .  ? 11.019  0.865   -15.247 1    27.183 ? 101 C2E A H512   1 
HETATM 1423 H H4A    . C2E B 2 .  ? 9.592   0.432   -17.087 1    25.375 ? 101 C2E A H4A    1 
HETATM 1424 H H3A    . C2E B 2 .  ? 8.899   -0.988  -14.692 1    24.796 ? 101 C2E A H3A    1 
HETATM 1425 H H2A    . C2E B 2 .  ? 7.056   -1.826  -15.820 1    23.947 ? 101 C2E A H2A    1 
HETATM 1426 H HO2A   . C2E B 2 .  ? 6.550   -1.053  -17.819 0    22.5   ? 101 C2E A HO2A   1 
HETATM 1427 H H1A    . C2E B 2 .  ? 8.404   -2.527  -17.864 1    23.882 ? 101 C2E A H1A    1 
HETATM 1428 H H81    . C2E B 2 .  ? 10.994  -3.317  -15.624 1    21.804 ? 101 C2E A H81    1 
HETATM 1429 H HN11   . C2E B 2 .  ? 6.504   -7.523  -15.763 1    21.033 ? 101 C2E A HN11   1 
HETATM 1430 H HN24   . C2E B 2 .  ? 4.670   -5.235  -17.297 1    21.595 ? 101 C2E A HN24   1 
HETATM 1431 H HN23   . C2E B 2 .  ? 4.685   -6.631  -16.696 1    21.624 ? 101 C2E A HN23   1 
HETATM 1432 P P1     . C2E C 2 .  ? 9.005   -8.090  -5.507  1    23.14  ? 102 C2E A P1     1 
HETATM 1433 O O2P    . C2E C 2 .  ? 9.315   -8.976  -4.316  1    27.105 ? 102 C2E A O2P    1 
HETATM 1434 O O1P    . C2E C 2 .  ? 9.793   -6.893  -5.802  1    20.874 ? 102 C2E A O1P    1 
HETATM 1435 O "O5'"  . C2E C 2 .  ? 7.442   -7.724  -5.412  1    19.297 ? 102 C2E A "O5'"  1 
HETATM 1436 C "C5'"  . C2E C 2 .  ? 6.516   -8.656  -4.958  1    18.831 ? 102 C2E A "C5'"  1 
HETATM 1437 C "C4'"  . C2E C 2 .  ? 5.125   -8.174  -5.219  1    18.679 ? 102 C2E A "C4'"  1 
HETATM 1438 O "O4'"  . C2E C 2 .  ? 4.894   -6.890  -4.583  1    18.753 ? 102 C2E A "O4'"  1 
HETATM 1439 C "C3'"  . C2E C 2 .  ? 4.770   -7.911  -6.677  1    17.604 ? 102 C2E A "C3'"  1 
HETATM 1440 O "O3'"  . C2E C 2 .  ? 4.588   -9.135  -7.345  1    19.466 ? 102 C2E A "O3'"  1 
HETATM 1441 C "C2'"  . C2E C 2 .  ? 3.488   -7.159  -6.454  1    16.979 ? 102 C2E A "C2'"  1 
HETATM 1442 O "O2'"  . C2E C 2 .  ? 2.391   -7.928  -6.034  1    19.116 ? 102 C2E A "O2'"  1 
HETATM 1443 C "C1'"  . C2E C 2 .  ? 3.932   -6.198  -5.350  1    17.659 ? 102 C2E A "C1'"  1 
HETATM 1444 N N9     . C2E C 2 .  ? 4.511   -4.951  -5.804  1    17.188 ? 102 C2E A N9     1 
HETATM 1445 C C8     . C2E C 2 .  ? 5.813   -4.505  -5.745  1    16.975 ? 102 C2E A C8     1 
HETATM 1446 N N7     . C2E C 2 .  ? 6.002   -3.303  -6.221  1    19.509 ? 102 C2E A N7     1 
HETATM 1447 C C5     . C2E C 2 .  ? 4.728   -2.960  -6.671  1    16.125 ? 102 C2E A C5     1 
HETATM 1448 C C6     . C2E C 2 .  ? 4.290   -1.799  -7.358  1    18.615 ? 102 C2E A C6     1 
HETATM 1449 O O6     . C2E C 2 .  ? 4.932   -0.785  -7.644  1    18.282 ? 102 C2E A O6     1 
HETATM 1450 N N1     . C2E C 2 .  ? 2.932   -1.891  -7.659  1    17.736 ? 102 C2E A N1     1 
HETATM 1451 C C2     . C2E C 2 .  ? 2.098   -2.937  -7.381  1    16.416 ? 102 C2E A C2     1 
HETATM 1452 N N2     . C2E C 2 .  ? 0.839   -2.830  -7.803  1    17.935 ? 102 C2E A N2     1 
HETATM 1453 N N3     . C2E C 2 .  ? 2.506   -4.043  -6.760  1    16.544 ? 102 C2E A N3     1 
HETATM 1454 C C4     . C2E C 2 .  ? 3.825   -3.977  -6.461  1    17.129 ? 102 C2E A C4     1 
HETATM 1455 P P11    . C2E C 2 .  ? 4.718   -9.200  -8.952  1    19.196 ? 102 C2E A P11    1 
HETATM 1456 O O21    . C2E C 2 .  ? 4.146   -7.922  -9.505  1    18.756 ? 102 C2E A O21    1 
HETATM 1457 O O11    . C2E C 2 .  ? 4.195   -10.558 -9.294  1    18.743 ? 102 C2E A O11    1 
HETATM 1458 O O5A    . C2E C 2 .  ? 6.269   -9.002  -9.208  1    19.267 ? 102 C2E A O5A    1 
HETATM 1459 C C5A    . C2E C 2 .  ? 7.080   -10.192 -8.846  1    22.627 ? 102 C2E A C5A    1 
HETATM 1460 C C4A    . C2E C 2 .  ? 8.523   -9.816  -8.868  1    22.409 ? 102 C2E A C4A    1 
HETATM 1461 O O4A    . C2E C 2 .  ? 8.915   -9.470  -10.214 1    21.549 ? 102 C2E A O4A    1 
HETATM 1462 C C3A    . C2E C 2 .  ? 8.953   -8.631  -8.024  1    21.617 ? 102 C2E A C3A    1 
HETATM 1463 O O3A    . C2E C 2 .  ? 9.067   -9.153  -6.687  1    23.02  ? 102 C2E A O3A    1 
HETATM 1464 C C2A    . C2E C 2 .  ? 10.272  -8.265  -8.700  1    21.939 ? 102 C2E A C2A    1 
HETATM 1465 O O2A    . C2E C 2 .  ? 11.333  -9.152  -8.343  1    24.744 ? 102 C2E A O2A    1 
HETATM 1466 C C1A    . C2E C 2 .  ? 9.897   -8.472  -10.150 1    19.95  ? 102 C2E A C1A    1 
HETATM 1467 N N91    . C2E C 2 .  ? 9.365   -7.266  -10.780 1    21.804 ? 102 C2E A N91    1 
HETATM 1468 C C81    . C2E C 2 .  ? 8.093   -7.041  -11.234 1    21.71  ? 102 C2E A C81    1 
HETATM 1469 N N71    . C2E C 2 .  ? 7.976   -5.869  -11.795 1    20.44  ? 102 C2E A N71    1 
HETATM 1470 C C51    . C2E C 2 .  ? 9.243   -5.319  -11.770 1    21.024 ? 102 C2E A C51    1 
HETATM 1471 C C61    . C2E C 2 .  ? 9.749   -4.086  -12.257 1    22.539 ? 102 C2E A C61    1 
HETATM 1472 O O61    . C2E C 2 .  ? 9.148   -3.165  -12.822 1    21.504 ? 102 C2E A O61    1 
HETATM 1473 N N11    . C2E C 2 .  ? 11.128  -3.964  -12.038 1    22.839 ? 102 C2E A N11    1 
HETATM 1474 C C21    . C2E C 2 .  ? 11.888  -4.874  -11.358 1    25.525 ? 102 C2E A C21    1 
HETATM 1475 N N21    . C2E C 2 .  ? 13.191  -4.586  -11.198 1    27.678 ? 102 C2E A N21    1 
HETATM 1476 N N31    . C2E C 2 .  ? 11.413  -6.011  -10.887 1    24.054 ? 102 C2E A N31    1 
HETATM 1477 C C41    . C2E C 2 .  ? 10.100  -6.176  -11.128 1    22.272 ? 102 C2E A C41    1 
HETATM 1478 H "H5'1" . C2E C 2 .  ? 6.638   -8.799  -3.987  1    18.945 ? 102 C2E A "H5'1" 1 
HETATM 1479 H "H5'2" . C2E C 2 .  ? 6.657   -9.518  -5.420  1    18.931 ? 102 C2E A "H5'2" 1 
HETATM 1480 H "H4'"  . C2E C 2 .  ? 4.499   -8.830  -4.847  1    18.57  ? 102 C2E A "H4'"  1 
HETATM 1481 H "H3'"  . C2E C 2 .  ? 5.447   -7.353  -7.123  1    18.039 ? 102 C2E A "H3'"  1 
HETATM 1482 H "H2'"  . C2E C 2 .  ? 3.251   -6.654  -7.276  1    17.615 ? 102 C2E A "H2'"  1 
HETATM 1483 H "HO2'" . C2E C 2 .  ? 1.718   -7.420  -5.934  0    19.11  ? 102 C2E A "HO2'" 1 
HETATM 1484 H "H1'"  . C2E C 2 .  ? 3.155   -5.999  -4.784  1    17.655 ? 102 C2E A "H1'"  1 
HETATM 1485 H H8     . C2E C 2 .  ? 6.490   -4.981  -5.296  1    17.674 ? 102 C2E A H8     1 
HETATM 1486 H HN1    . C2E C 2 .  ? 2.575   -1.187  -8.087  1    17.61  ? 102 C2E A HN1    1 
HETATM 1487 H HN21   . C2E C 2 .  ? 0.274   -3.484  -7.657  1    17.455 ? 102 C2E A HN21   1 
HETATM 1488 H HN22   . C2E C 2 .  ? 0.577   -2.107  -8.224  1    17.457 ? 102 C2E A HN22   1 
HETATM 1489 H H511   . C2E C 2 .  ? 6.915   -10.921 -9.493  1    21.761 ? 102 C2E A H511   1 
HETATM 1490 H H512   . C2E C 2 .  ? 6.832   -10.508 -7.942  1    21.733 ? 102 C2E A H512   1 
HETATM 1491 H H4A    . C2E C 2 .  ? 9.038   -10.602 -8.589  1    22.14  ? 102 C2E A H4A    1 
HETATM 1492 H H3A    . C2E C 2 .  ? 8.302   -7.895  -8.070  1    22.052 ? 102 C2E A H3A    1 
HETATM 1493 H H2A    . C2E C 2 .  ? 10.517  -7.320  -8.522  1    22.007 ? 102 C2E A H2A    1 
HETATM 1494 H HO2A   . C2E C 2 .  ? 12.043  -8.909  -8.741  0    24.76  ? 102 C2E A HO2A   1 
HETATM 1495 H H1A    . C2E C 2 .  ? 10.695  -8.767  -10.643 1    20.977 ? 102 C2E A H1A    1 
HETATM 1496 H H81    . C2E C 2 .  ? 7.373   -7.632  -11.100 1    21.408 ? 102 C2E A H81    1 
HETATM 1497 H HN11   . C2E C 2 .  ? 11.507  -3.185  -12.268 1    23.441 ? 102 C2E A HN11   1 
HETATM 1498 H HN24   . C2E C 2 .  ? 13.712  -5.144  -10.767 1    26.846 ? 102 C2E A HN24   1 
HETATM 1499 H HN23   . C2E C 2 .  ? 13.519  -3.840  -11.526 1    26.897 ? 102 C2E A HN23   1 
HETATM 1500 C C1     . GOL D 3 .  ? 5.355   5.909   8.591   1    57.751 ? 103 GOL A C1     1 
HETATM 1501 O O1     . GOL D 3 .  ? 5.501   7.314   8.785   1    69.607 ? 103 GOL A O1     1 
HETATM 1502 C C2     . GOL D 3 .  ? 3.901   5.499   8.561   1    51.11  ? 103 GOL A C2     1 
HETATM 1503 O O2     . GOL D 3 .  ? 3.181   6.129   9.617   1    51.444 ? 103 GOL A O2     1 
HETATM 1504 C C3     . GOL D 3 .  ? 3.713   4.009   8.677   1    52.109 ? 103 GOL A C3     1 
HETATM 1505 O O3     . GOL D 3 .  ? 2.344   3.661   8.823   1    45.788 ? 103 GOL A O3     1 
HETATM 1506 H H11    . GOL D 3 .  ? 5.814   5.430   9.323   1    58.291 ? 103 GOL A H11    1 
HETATM 1507 H H12    . GOL D 3 .  ? 5.782   5.653   7.737   1    58.661 ? 103 GOL A H12    1 
HETATM 1508 H HO1    . GOL D 3 .  ? 6.330   7.495   8.796   0    69.63  ? 103 GOL A HO1    1 
HETATM 1509 H H2     . GOL D 3 .  ? 3.516   5.793   7.701   1    52.534 ? 103 GOL A H2     1 
HETATM 1510 H HO2    . GOL D 3 .  ? 3.246   6.967   9.513   0    51.32  ? 103 GOL A HO2    1 
HETATM 1511 H H31    . GOL D 3 .  ? 4.217   3.677   9.454   1    49.786 ? 103 GOL A H31    1 
HETATM 1512 H H32    . GOL D 3 .  ? 4.072   3.574   7.866   1    50.073 ? 103 GOL A H32    1 
HETATM 1513 H HO3    . GOL D 3 .  ? 2.290   2.821   8.883   0    45.77  ? 103 GOL A HO3    1 
HETATM 1514 C C1     . GOL E 3 .  ? 10.423  -13.554 -9.346  1    56.303 ? 104 GOL A C1     1 
HETATM 1515 O O1     . GOL E 3 .  ? 9.494   -13.919 -8.329  1    50.119 ? 104 GOL A O1     1 
HETATM 1516 C C2     . GOL E 3 .  ? 11.696  -12.981 -8.765  1    54.66  ? 104 GOL A C2     1 
HETATM 1517 O O2     . GOL E 3 .  ? 11.372  -12.012 -7.765  1    44.56  ? 104 GOL A O2     1 
HETATM 1518 C C3     . GOL E 3 .  ? 12.602  -12.399 -9.828  1    55.136 ? 104 GOL A C3     1 
HETATM 1519 O O3     . GOL E 3 .  ? 12.133  -12.725 -11.143 1    61.159 ? 104 GOL A O3     1 
HETATM 1520 H H11    . GOL E 3 .  ? 10.007  -12.883 -9.938  1    54.265 ? 104 GOL A H11    1 
HETATM 1521 H H12    . GOL E 3 .  ? 10.643  -14.352 -9.885  1    54.361 ? 104 GOL A H12    1 
HETATM 1522 H HO1    . GOL E 3 .  ? 8.801   -14.234 -8.706  0    49.98  ? 104 GOL A HO1    1 
HETATM 1523 H H2     . GOL E 3 .  ? 12.184  -13.718 -8.327  1    52.909 ? 104 GOL A H2     1 
HETATM 1524 H HO2    . GOL E 3 .  ? 10.920  -12.399 -7.157  0    44.49  ? 104 GOL A HO2    1 
HETATM 1525 H H31    . GOL E 3 .  ? 13.512  -12.757 -9.708  1    56.388 ? 104 GOL A H31    1 
HETATM 1526 H H32    . GOL E 3 .  ? 12.636  -11.416 -9.727  1    56.324 ? 104 GOL A H32    1 
HETATM 1527 H HO3    . GOL E 3 .  ? 12.669  -12.382 -11.699 0    61.09  ? 104 GOL A HO3    1 
HETATM 1528 C C1     . GOL F 3 .  ? 4.750   2.297   -16.986 1    50.798 ? 105 GOL A C1     1 
HETATM 1529 O O1     . GOL F 3 .  ? 3.358   2.382   -16.687 1    45.936 ? 105 GOL A O1     1 
HETATM 1530 C C2     . GOL F 3 .  ? 4.953   2.897   -18.356 1    46.211 ? 105 GOL A C2     1 
HETATM 1531 O O2     . GOL F 3 .  ? 5.487   4.217   -18.207 1    44.588 ? 105 GOL A O2     1 
HETATM 1532 C C3     . GOL F 3 .  ? 5.780   2.030   -19.263 1    41.547 ? 105 GOL A C3     1 
HETATM 1533 O O3     . GOL F 3 .  ? 6.232   2.732   -20.423 1    23.958 ? 105 GOL A O3     1 
HETATM 1534 H H11    . GOL F 3 .  ? 5.039   1.353   -16.983 1    48.419 ? 105 GOL A H11    1 
HETATM 1535 H H12    . GOL F 3 .  ? 5.272   2.799   -16.314 1    48.502 ? 105 GOL A H12    1 
HETATM 1536 H HO1    . GOL F 3 .  ? 3.226   2.049   -15.922 0    45.92  ? 105 GOL A HO1    1 
HETATM 1537 H H2     . GOL F 3 .  ? 4.065   2.975   -18.770 1    45.768 ? 105 GOL A H2     1 
HETATM 1538 H HO2    . GOL F 3 .  ? 6.226   4.158   -17.796 0    44.49  ? 105 GOL A HO2    1 
HETATM 1539 H H31    . GOL F 3 .  ? 5.241   1.258   -19.536 1    37.175 ? 105 GOL A H31    1 
HETATM 1540 H H32    . GOL F 3 .  ? 6.564   1.697   -18.763 1    37.185 ? 105 GOL A H32    1 
HETATM 1541 H HO3    . GOL F 3 .  ? 6.689   2.198   -20.892 0    23.96  ? 105 GOL A HO3    1 
HETATM 1542 O O      . HOH G 4 .  ? 8.082   -15.352 -7.094  1    41.972 ? 201 HOH A O      1 
HETATM 1543 O O      . HOH G 4 .  ? -0.755  -6.216  10.928  1    37.469 ? 202 HOH A O      1 
HETATM 1544 O O      . HOH G 4 .  ? 1.343   -10.368 -9.328  1    36.955 ? 203 HOH A O      1 
HETATM 1545 O O      . HOH G 4 .  ? -13.158 2.644   4.144   1    45.203 ? 204 HOH A O      1 
HETATM 1546 O O      . HOH G 4 .  ? 4.393   1.177   -9.436  1    20.35  ? 205 HOH A O      1 
HETATM 1547 O O      . HOH G 4 .  ? 2.183   3.157   -11.892 1    30.804 ? 206 HOH A O      1 
HETATM 1548 O O      . HOH G 4 .  ? -6.818  -7.130  7.978   1    38.974 ? 207 HOH A O      1 
HETATM 1549 O O      . HOH G 4 .  ? 12.375  -6.372  -14.460 1    38.479 ? 208 HOH A O      1 
HETATM 1550 O O      . HOH G 4 .  ? -2.014  -12.833 -14.752 1    42.616 ? 209 HOH A O      1 
HETATM 1551 O O      . HOH G 4 .  ? -2.435  6.313   -10.664 1    32.864 ? 210 HOH A O      1 
HETATM 1552 O O      . HOH G 4 .  ? -6.354  -9.362  -4.336  1    36.875 ? 211 HOH A O      1 
HETATM 1553 O O      . HOH G 4 .  ? -0.802  8.312   -6.550  1    27.939 ? 212 HOH A O      1 
HETATM 1554 O O      . HOH G 4 .  ? -1.620  12.803  3.679   1    45.685 ? 213 HOH A O      1 
HETATM 1555 O O      . HOH G 4 .  ? 7.422   -9.477  6.580   1    30.372 ? 214 HOH A O      1 
HETATM 1556 O O      . HOH G 4 .  ? -5.591  12.513  -9.999  1    33.35  ? 215 HOH A O      1 
HETATM 1557 O O      . HOH G 4 .  ? 4.658   -1.523  -17.917 0.5  22.614 ? 216 HOH A O      1 
HETATM 1558 O O      . HOH G 4 .  ? 1.659   -9.678  -15.577 1    27.617 ? 217 HOH A O      1 
HETATM 1559 O O      . HOH G 4 .  ? -7.090  -0.011  -12.003 1    22.016 ? 218 HOH A O      1 
HETATM 1560 O O      . HOH G 4 .  ? 11.672  -6.214  -4.059  1    42.303 ? 219 HOH A O      1 
HETATM 1561 O O      . HOH G 4 .  ? 5.786   10.792  -2.581  1    31     ? 220 HOH A O      1 
HETATM 1562 O O      . HOH G 4 .  ? 1.660   -7.086  -10.001 1    20.149 ? 221 HOH A O      1 
HETATM 1563 O O      . HOH G 4 .  ? -0.233  -10.725 -2.704  1    23.377 ? 222 HOH A O      1 
HETATM 1564 O O      . HOH G 4 .  ? 2.420   -11.579 -7.556  1    34.067 ? 223 HOH A O      1 
HETATM 1565 O O      . HOH G 4 .  ? -0.744  2.655   14.178  1    46.516 ? 224 HOH A O      1 
HETATM 1566 O O      . HOH G 4 .  ? 8.116   2.726   -8.576  1    36.218 ? 225 HOH A O      1 
HETATM 1567 O O      . HOH G 4 .  ? 6.666   4.030   18.269  1    22.369 ? 226 HOH A O      1 
HETATM 1568 O O      . HOH G 4 .  ? -4.034  -7.764  -11.569 1    21.841 ? 227 HOH A O      1 
HETATM 1569 O O      . HOH G 4 .  ? 7.889   -13.828 -10.901 1    32.402 ? 228 HOH A O      1 
HETATM 1570 O O      . HOH G 4 .  ? 3.629   -4.873  11.651  1    25.962 ? 229 HOH A O      1 
HETATM 1571 O O      . HOH G 4 .  ? -3.998  -8.757  2.405   1    42.405 ? 230 HOH A O      1 
HETATM 1572 O O      . HOH G 4 .  ? 11.377  -5.617  8.421   1    32.195 ? 231 HOH A O      1 
HETATM 1573 O O      . HOH G 4 .  ? -5.069  -4.599  -12.558 1    28.339 ? 232 HOH A O      1 
HETATM 1574 O O      A HOH G 4 .  ? -0.190  12.442  -6.721  0.54 24.351 ? 233 HOH A O      1 
HETATM 1575 O O      B HOH G 4 .  ? -1.556  12.569  -7.330  0.46 24.097 ? 233 HOH A O      1 
HETATM 1576 O O      . HOH G 4 .  ? 8.935   2.773   -19.836 1    26.589 ? 234 HOH A O      1 
HETATM 1577 O O      . HOH G 4 .  ? 14.155  -4.224  -14.673 1    44.856 ? 235 HOH A O      1 
HETATM 1578 O O      . HOH G 4 .  ? 4.089   -0.854  -15.317 1    24.003 ? 236 HOH A O      1 
HETATM 1579 O O      . HOH G 4 .  ? -0.620  -9.508  9.483   1    32.179 ? 237 HOH A O      1 
HETATM 1580 O O      . HOH G 4 .  ? 12.068  0.101   -5.181  1    25.026 ? 238 HOH A O      1 
HETATM 1581 O O      . HOH G 4 .  ? -1.711  11.537  7.116   1    31.925 ? 239 HOH A O      1 
HETATM 1582 O O      . HOH G 4 .  ? -11.595 -6.031  6.555   1    39.72  ? 240 HOH A O      1 
HETATM 1583 O O      . HOH G 4 .  ? 14.441  -4.794  6.102   1    40.337 ? 241 HOH A O      1 
HETATM 1584 O O      . HOH G 4 .  ? 4.059   -13.275 -15.892 1    48.972 ? 242 HOH A O      1 
HETATM 1585 O O      . HOH G 4 .  ? 5.583   3.504   -9.382  1    31.842 ? 243 HOH A O      1 
HETATM 1586 O O      . HOH G 4 .  ? 3.539   -11.152 -20.184 1    43.621 ? 244 HOH A O      1 
HETATM 1587 O O      . HOH G 4 .  ? 0.262   -3.687  10.633  1    32.118 ? 245 HOH A O      1 
HETATM 1588 O O      . HOH G 4 .  ? 0.238   8.047   13.800  1    36.239 ? 246 HOH A O      1 
HETATM 1589 O O      . HOH G 4 .  ? 6.046   -4.727  10.700  1    20.808 ? 247 HOH A O      1 
HETATM 1590 O O      . HOH G 4 .  ? -10.551 7.141   -1.899  1    40.128 ? 248 HOH A O      1 
HETATM 1591 O O      . HOH G 4 .  ? 4.365   -0.661  -11.601 1    22.096 ? 249 HOH A O      1 
HETATM 1592 O O      . HOH G 4 .  ? 13.133  -7.823  -6.564  1    48.111 ? 250 HOH A O      1 
HETATM 1593 O O      . HOH G 4 .  ? -5.253  -8.929  4.406   1    36.55  ? 251 HOH A O      1 
HETATM 1594 O O      . HOH G 4 .  ? 13.551  0.368   3.547   1    45.151 ? 252 HOH A O      1 
HETATM 1595 O O      . HOH G 4 .  ? -13.459 6.540   5.008   1    50.782 ? 253 HOH A O      1 
HETATM 1596 O O      . HOH G 4 .  ? -7.653  5.993   -10.518 1    26.265 ? 254 HOH A O      1 
HETATM 1597 O O      . HOH G 4 .  ? 6.259   10.799  -10.317 1    34.497 ? 255 HOH A O      1 
HETATM 1598 O O      . HOH G 4 .  ? 0.321   -0.478  18.619  1    44.002 ? 256 HOH A O      1 
HETATM 1599 O O      . HOH G 4 .  ? -6.150  -5.895  -10.166 1    35.09  ? 257 HOH A O      1 
HETATM 1600 O O      . HOH G 4 .  ? 12.869  6.312   -6.730  1    41.45  ? 258 HOH A O      1 
HETATM 1601 O O      . HOH G 4 .  ? 8.040   6.152   -7.862  1    52.47  ? 259 HOH A O      1 
HETATM 1602 O O      . HOH G 4 .  ? 1.092   8.913   -8.250  1    39.25  ? 260 HOH A O      1 
HETATM 1603 O O      . HOH G 4 .  ? 8.354   11.757  -2.084  1    37.829 ? 261 HOH A O      1 
HETATM 1604 O O      . HOH G 4 .  ? 13.601  -1.135  -1.335  1    28.813 ? 262 HOH A O      1 
HETATM 1605 O O      . HOH G 4 .  ? 1.779   -12.295 -3.245  1    32.803 ? 263 HOH A O      1 
HETATM 1606 O O      . HOH G 4 .  ? 14.777  -1.965  4.643   1    37.126 ? 264 HOH A O      1 
HETATM 1607 O O      . HOH G 4 .  ? -5.111  1.195   7.989   1    33.088 ? 265 HOH A O      1 
HETATM 1608 O O      . HOH G 4 .  ? 7.656   -12.515 2.628   1    42.992 ? 266 HOH A O      1 
HETATM 1609 O O      . HOH G 4 .  ? -7.667  1.159   8.953   1    37.37  ? 267 HOH A O      1 
HETATM 1610 O O      . HOH G 4 .  ? -4.151  -11.609 -0.477  1    49.468 ? 268 HOH A O      1 
HETATM 1611 O O      . HOH G 4 .  ? 1.188   13.428  -4.711  1    41.311 ? 269 HOH A O      1 
HETATM 1612 O O      . HOH G 4 .  ? 13.638  5.816   -0.224  1    43.435 ? 270 HOH A O      1 
HETATM 1613 O O      . HOH G 4 .  ? 3.287   -11.116 -5.217  1    31.842 ? 271 HOH A O      1 
HETATM 1614 O O      . HOH G 4 .  ? 13.752  -2.500  -5.218  1    49.063 ? 272 HOH A O      1 
HETATM 1615 O O      . HOH G 4 .  ? 15.328  -5.643  -9.002  1    48.658 ? 273 HOH A O      1 
HETATM 1616 O O      . HOH G 4 .  ? -1.416  -2.180  11.537  1    44.613 ? 274 HOH A O      1 
HETATM 1617 O O      . HOH G 4 .  ? 10.164  -7.834  1.871   1    41.046 ? 275 HOH A O      1 
HETATM 1618 O O      . HOH G 4 .  ? -3.540  -11.405 6.174   1    43.509 ? 276 HOH A O      1 
HETATM 1619 O O      . HOH G 4 .  ? 0.093   0.685   -14.112 1    43.779 ? 277 HOH A O      1 
HETATM 1620 O O      . HOH G 4 .  ? 9.390   3.382   -17.158 1    38.53  ? 278 HOH A O      1 
HETATM 1621 O O      . HOH G 4 .  ? -5.357  -9.725  -13.020 1    35.327 ? 279 HOH A O      1 
HETATM 1622 O O      . HOH G 4 .  ? -5.244  6.544   -11.776 1    36.19  ? 280 HOH A O      1 
HETATM 1623 O O      . HOH G 4 .  ? -2.739  -11.879 -2.825  1    43.974 ? 281 HOH A O      1 
HETATM 1624 O O      . HOH G 4 .  ? 5.162   -10.773 5.815   1    44.935 ? 282 HOH A O      1 
HETATM 1625 O O      . HOH G 4 .  ? 12.029  -8.729  3.667   1    53.334 ? 283 HOH A O      1 
HETATM 1626 O O      . HOH G 4 .  ? -0.361  -11.439 -16.887 1    39.673 ? 284 HOH A O      1 
HETATM 1627 O O      . HOH G 4 .  ? 2.136   -0.034  -13.243 1    40.628 ? 285 HOH A O      1 
HETATM 1628 O O      . HOH G 4 .  ? 10.181  -10.689 6.253   1    43.516 ? 286 HOH A O      1 
HETATM 1629 O O      . HOH G 4 .  ? -5.910  -5.867  -14.927 1    27.341 ? 287 HOH A O      1 
HETATM 1630 O O      . HOH G 4 .  ? -1.792  -11.508 7.915   1    40.138 ? 288 HOH A O      1 
HETATM 1631 O O      . HOH G 4 .  ? 14.783  -0.719  1.127   1    40.753 ? 289 HOH A O      1 
HETATM 1632 O O      . HOH G 4 .  ? -4.317  -11.892 -14.596 1    48.539 ? 290 HOH A O      1 
HETATM 1633 O O      . HOH G 4 .  ? 5.502   8.844   -16.683 1    36.119 ? 291 HOH A O      1 
# 
